data_2O1J
# 
_entry.id   2O1J 
# 
_audit_conform.dict_name       mmcif_pdbx.dic 
_audit_conform.dict_version    5.389 
_audit_conform.dict_location   http://mmcif.pdb.org/dictionaries/ascii/mmcif_pdbx.dic 
# 
loop_
_database_2.database_id 
_database_2.database_code 
_database_2.pdbx_database_accession 
_database_2.pdbx_DOI 
PDB   2O1J         pdb_00002o1j 10.2210/pdb2o1j/pdb 
RCSB  RCSB040569   ?            ?                   
WWPDB D_1000040569 ?            ?                   
# 
loop_
_pdbx_audit_revision_history.ordinal 
_pdbx_audit_revision_history.data_content_type 
_pdbx_audit_revision_history.major_revision 
_pdbx_audit_revision_history.minor_revision 
_pdbx_audit_revision_history.revision_date 
1 'Structure model' 1 0 2006-12-26 
2 'Structure model' 1 1 2008-05-01 
3 'Structure model' 1 2 2011-07-13 
4 'Structure model' 1 3 2017-10-18 
5 'Structure model' 1 4 2023-12-27 
6 'Structure model' 1 5 2024-04-03 
# 
_pdbx_audit_revision_details.ordinal             1 
_pdbx_audit_revision_details.revision_ordinal    1 
_pdbx_audit_revision_details.data_content_type   'Structure model' 
_pdbx_audit_revision_details.provider            repository 
_pdbx_audit_revision_details.type                'Initial release' 
_pdbx_audit_revision_details.description         ? 
_pdbx_audit_revision_details.details             ? 
# 
loop_
_pdbx_audit_revision_group.ordinal 
_pdbx_audit_revision_group.revision_ordinal 
_pdbx_audit_revision_group.data_content_type 
_pdbx_audit_revision_group.group 
1 2 'Structure model' 'Version format compliance' 
2 3 'Structure model' Advisory                    
3 3 'Structure model' 'Source and taxonomy'       
4 3 'Structure model' 'Version format compliance' 
5 4 'Structure model' 'Refinement description'    
6 5 'Structure model' 'Data collection'           
7 5 'Structure model' 'Database references'       
8 5 'Structure model' 'Derived calculations'      
9 6 'Structure model' 'Refinement description'    
# 
loop_
_pdbx_audit_revision_category.ordinal 
_pdbx_audit_revision_category.revision_ordinal 
_pdbx_audit_revision_category.data_content_type 
_pdbx_audit_revision_category.category 
1 4 'Structure model' software                      
2 5 'Structure model' chem_comp_atom                
3 5 'Structure model' chem_comp_bond                
4 5 'Structure model' database_2                    
5 5 'Structure model' pdbx_struct_conn_angle        
6 5 'Structure model' struct_conn                   
7 5 'Structure model' struct_site                   
8 6 'Structure model' pdbx_initial_refinement_model 
# 
loop_
_pdbx_audit_revision_item.ordinal 
_pdbx_audit_revision_item.revision_ordinal 
_pdbx_audit_revision_item.data_content_type 
_pdbx_audit_revision_item.item 
1  4 'Structure model' '_software.name'                              
2  5 'Structure model' '_database_2.pdbx_DOI'                        
3  5 'Structure model' '_database_2.pdbx_database_accession'         
4  5 'Structure model' '_pdbx_struct_conn_angle.ptnr1_auth_asym_id'  
5  5 'Structure model' '_pdbx_struct_conn_angle.ptnr1_auth_comp_id'  
6  5 'Structure model' '_pdbx_struct_conn_angle.ptnr1_auth_seq_id'   
7  5 'Structure model' '_pdbx_struct_conn_angle.ptnr1_label_asym_id' 
8  5 'Structure model' '_pdbx_struct_conn_angle.ptnr1_label_atom_id' 
9  5 'Structure model' '_pdbx_struct_conn_angle.ptnr1_label_comp_id' 
10 5 'Structure model' '_pdbx_struct_conn_angle.ptnr1_label_seq_id'  
11 5 'Structure model' '_pdbx_struct_conn_angle.ptnr3_auth_asym_id'  
12 5 'Structure model' '_pdbx_struct_conn_angle.ptnr3_auth_comp_id'  
13 5 'Structure model' '_pdbx_struct_conn_angle.ptnr3_auth_seq_id'   
14 5 'Structure model' '_pdbx_struct_conn_angle.ptnr3_label_asym_id' 
15 5 'Structure model' '_pdbx_struct_conn_angle.ptnr3_label_atom_id' 
16 5 'Structure model' '_pdbx_struct_conn_angle.ptnr3_label_comp_id' 
17 5 'Structure model' '_pdbx_struct_conn_angle.ptnr3_label_seq_id'  
18 5 'Structure model' '_pdbx_struct_conn_angle.value'               
19 5 'Structure model' '_struct_conn.pdbx_dist_value'                
20 5 'Structure model' '_struct_conn.ptnr1_auth_asym_id'             
21 5 'Structure model' '_struct_conn.ptnr1_auth_comp_id'             
22 5 'Structure model' '_struct_conn.ptnr1_auth_seq_id'              
23 5 'Structure model' '_struct_conn.ptnr1_label_asym_id'            
24 5 'Structure model' '_struct_conn.ptnr1_label_atom_id'            
25 5 'Structure model' '_struct_conn.ptnr1_label_comp_id'            
26 5 'Structure model' '_struct_conn.ptnr1_label_seq_id'             
27 5 'Structure model' '_struct_conn.ptnr2_auth_asym_id'             
28 5 'Structure model' '_struct_conn.ptnr2_auth_comp_id'             
29 5 'Structure model' '_struct_conn.ptnr2_auth_seq_id'              
30 5 'Structure model' '_struct_conn.ptnr2_label_asym_id'            
31 5 'Structure model' '_struct_conn.ptnr2_label_atom_id'            
32 5 'Structure model' '_struct_conn.ptnr2_label_comp_id'            
33 5 'Structure model' '_struct_conn.ptnr2_label_seq_id'             
34 5 'Structure model' '_struct_site.pdbx_auth_asym_id'              
35 5 'Structure model' '_struct_site.pdbx_auth_comp_id'              
36 5 'Structure model' '_struct_site.pdbx_auth_seq_id'               
# 
_pdbx_database_status.status_code                     REL 
_pdbx_database_status.entry_id                        2O1J 
_pdbx_database_status.recvd_initial_deposition_date   2006-11-29 
_pdbx_database_status.deposit_site                    RCSB 
_pdbx_database_status.process_site                    PDBJ 
_pdbx_database_status.status_code_sf                  REL 
_pdbx_database_status.status_code_mr                  ? 
_pdbx_database_status.SG_entry                        ? 
_pdbx_database_status.pdb_format_compatible           Y 
_pdbx_database_status.status_code_cs                  ? 
_pdbx_database_status.methods_development_category    ? 
_pdbx_database_status.status_code_nmr_data            ? 
# 
_pdbx_database_related.db_name        PDB 
_pdbx_database_related.db_id          2O1K 
_pdbx_database_related.details        'Non-structural glycoprotein NSP4(similar protein)' 
_pdbx_database_related.content_type   unspecified 
# 
loop_
_audit_author.name 
_audit_author.pdbx_ordinal 
'Suguna, K.'    1 
'Durga Rao, C.' 2 
'Deepa, R.'     3 
# 
_citation.id                        primary 
_citation.title                     'Structure of the extended diarrhea-inducing domain of rotavirus enterotoxigenic protein NSP4' 
_citation.journal_abbrev            'TO BE PUBLISHED' 
_citation.journal_volume            ? 
_citation.page_first                ? 
_citation.page_last                 ? 
_citation.year                      ? 
_citation.journal_id_ASTM           ? 
_citation.country                   ? 
_citation.journal_id_ISSN           ? 
_citation.journal_id_CSD            0353 
_citation.book_publisher            ? 
_citation.pdbx_database_id_PubMed   ? 
_citation.pdbx_database_id_DOI      ? 
# 
loop_
_citation_author.citation_id 
_citation_author.name 
_citation_author.ordinal 
_citation_author.identifier_ORCID 
primary 'Deepa, R.'     1 ? 
primary 'Durga Rao, C.' 2 ? 
primary 'Suguna, K.'    3 ? 
# 
loop_
_entity.id 
_entity.type 
_entity.src_method 
_entity.pdbx_description 
_entity.formula_weight 
_entity.pdbx_number_of_molecules 
_entity.pdbx_ec 
_entity.pdbx_mutation 
_entity.pdbx_fragment 
_entity.details 
1 polymer     man 'Nonstructural protein NSP4' 6364.456 4  ? ? 'diarrhea-inducing domain (residues 95-146)' ? 
2 non-polymer syn 'CALCIUM ION'                40.078   1  ? ? ?                                            ? 
3 water       nat water                        18.015   11 ? ? ?                                            ? 
# 
_entity_poly.entity_id                      1 
_entity_poly.type                           'polypeptide(L)' 
_entity_poly.nstd_linkage                   no 
_entity_poly.nstd_monomer                   no 
_entity_poly.pdbx_seq_one_letter_code       IETQMDRVVKEMRRQLEMIDKLTTREIEQVELLKRIYDKLTVRTADEIDMTK 
_entity_poly.pdbx_seq_one_letter_code_can   IETQMDRVVKEMRRQLEMIDKLTTREIEQVELLKRIYDKLTVRTADEIDMTK 
_entity_poly.pdbx_strand_id                 A,B,C,D 
_entity_poly.pdbx_target_identifier         ? 
# 
loop_
_pdbx_entity_nonpoly.entity_id 
_pdbx_entity_nonpoly.name 
_pdbx_entity_nonpoly.comp_id 
2 'CALCIUM ION' CA  
3 water         HOH 
# 
loop_
_entity_poly_seq.entity_id 
_entity_poly_seq.num 
_entity_poly_seq.mon_id 
_entity_poly_seq.hetero 
1 1  ILE n 
1 2  GLU n 
1 3  THR n 
1 4  GLN n 
1 5  MET n 
1 6  ASP n 
1 7  ARG n 
1 8  VAL n 
1 9  VAL n 
1 10 LYS n 
1 11 GLU n 
1 12 MET n 
1 13 ARG n 
1 14 ARG n 
1 15 GLN n 
1 16 LEU n 
1 17 GLU n 
1 18 MET n 
1 19 ILE n 
1 20 ASP n 
1 21 LYS n 
1 22 LEU n 
1 23 THR n 
1 24 THR n 
1 25 ARG n 
1 26 GLU n 
1 27 ILE n 
1 28 GLU n 
1 29 GLN n 
1 30 VAL n 
1 31 GLU n 
1 32 LEU n 
1 33 LEU n 
1 34 LYS n 
1 35 ARG n 
1 36 ILE n 
1 37 TYR n 
1 38 ASP n 
1 39 LYS n 
1 40 LEU n 
1 41 THR n 
1 42 VAL n 
1 43 ARG n 
1 44 THR n 
1 45 ALA n 
1 46 ASP n 
1 47 GLU n 
1 48 ILE n 
1 49 ASP n 
1 50 MET n 
1 51 THR n 
1 52 LYS n 
# 
_entity_src_gen.entity_id                          1 
_entity_src_gen.pdbx_src_id                        1 
_entity_src_gen.pdbx_alt_source_flag               sample 
_entity_src_gen.pdbx_seq_type                      ? 
_entity_src_gen.pdbx_beg_seq_num                   ? 
_entity_src_gen.pdbx_end_seq_num                   ? 
_entity_src_gen.gene_src_common_name               ? 
_entity_src_gen.gene_src_genus                     Rotavirus 
_entity_src_gen.pdbx_gene_src_gene                 G10 
_entity_src_gen.gene_src_species                   'Rotavirus A' 
_entity_src_gen.gene_src_strain                    I321 
_entity_src_gen.gene_src_tissue                    ? 
_entity_src_gen.gene_src_tissue_fraction           ? 
_entity_src_gen.gene_src_details                   ? 
_entity_src_gen.pdbx_gene_src_fragment             ? 
_entity_src_gen.pdbx_gene_src_scientific_name      'Rotavirus str.' 
_entity_src_gen.pdbx_gene_src_ncbi_taxonomy_id     12578 
_entity_src_gen.pdbx_gene_src_variant              ? 
_entity_src_gen.pdbx_gene_src_cell_line            ? 
_entity_src_gen.pdbx_gene_src_atcc                 ? 
_entity_src_gen.pdbx_gene_src_organ                ? 
_entity_src_gen.pdbx_gene_src_organelle            ? 
_entity_src_gen.pdbx_gene_src_cell                 ? 
_entity_src_gen.pdbx_gene_src_cellular_location    ? 
_entity_src_gen.host_org_common_name               ? 
_entity_src_gen.pdbx_host_org_scientific_name      'Escherichia coli BL21(DE3)' 
_entity_src_gen.pdbx_host_org_ncbi_taxonomy_id     469008 
_entity_src_gen.host_org_genus                     Escherichia 
_entity_src_gen.pdbx_host_org_gene                 ? 
_entity_src_gen.pdbx_host_org_organ                ? 
_entity_src_gen.host_org_species                   'Escherichia coli' 
_entity_src_gen.pdbx_host_org_tissue               ? 
_entity_src_gen.pdbx_host_org_tissue_fraction      ? 
_entity_src_gen.pdbx_host_org_strain               'Bl21 DE3' 
_entity_src_gen.pdbx_host_org_variant              ? 
_entity_src_gen.pdbx_host_org_cell_line            ? 
_entity_src_gen.pdbx_host_org_atcc                 ? 
_entity_src_gen.pdbx_host_org_culture_collection   ? 
_entity_src_gen.pdbx_host_org_cell                 ? 
_entity_src_gen.pdbx_host_org_organelle            ? 
_entity_src_gen.pdbx_host_org_cellular_location    ? 
_entity_src_gen.pdbx_host_org_vector_type          Plasmid 
_entity_src_gen.pdbx_host_org_vector               ? 
_entity_src_gen.host_org_details                   ? 
_entity_src_gen.expression_system_id               ? 
_entity_src_gen.plasmid_name                       pET22b+ 
_entity_src_gen.plasmid_details                    ? 
_entity_src_gen.pdbx_description                   ? 
# 
loop_
_chem_comp.id 
_chem_comp.type 
_chem_comp.mon_nstd_flag 
_chem_comp.name 
_chem_comp.pdbx_synonyms 
_chem_comp.formula 
_chem_comp.formula_weight 
ALA 'L-peptide linking' y ALANINE         ? 'C3 H7 N O2'     89.093  
ARG 'L-peptide linking' y ARGININE        ? 'C6 H15 N4 O2 1' 175.209 
ASP 'L-peptide linking' y 'ASPARTIC ACID' ? 'C4 H7 N O4'     133.103 
CA  non-polymer         . 'CALCIUM ION'   ? 'Ca 2'           40.078  
CYS 'L-peptide linking' y CYSTEINE        ? 'C3 H7 N O2 S'   121.158 
GLN 'L-peptide linking' y GLUTAMINE       ? 'C5 H10 N2 O3'   146.144 
GLU 'L-peptide linking' y 'GLUTAMIC ACID' ? 'C5 H9 N O4'     147.129 
HOH non-polymer         . WATER           ? 'H2 O'           18.015  
ILE 'L-peptide linking' y ISOLEUCINE      ? 'C6 H13 N O2'    131.173 
LEU 'L-peptide linking' y LEUCINE         ? 'C6 H13 N O2'    131.173 
LYS 'L-peptide linking' y LYSINE          ? 'C6 H15 N2 O2 1' 147.195 
MET 'L-peptide linking' y METHIONINE      ? 'C5 H11 N O2 S'  149.211 
THR 'L-peptide linking' y THREONINE       ? 'C4 H9 N O3'     119.119 
TYR 'L-peptide linking' y TYROSINE        ? 'C9 H11 N O3'    181.189 
VAL 'L-peptide linking' y VALINE          ? 'C5 H11 N O2'    117.146 
# 
loop_
_pdbx_poly_seq_scheme.asym_id 
_pdbx_poly_seq_scheme.entity_id 
_pdbx_poly_seq_scheme.seq_id 
_pdbx_poly_seq_scheme.mon_id 
_pdbx_poly_seq_scheme.ndb_seq_num 
_pdbx_poly_seq_scheme.pdb_seq_num 
_pdbx_poly_seq_scheme.auth_seq_num 
_pdbx_poly_seq_scheme.pdb_mon_id 
_pdbx_poly_seq_scheme.auth_mon_id 
_pdbx_poly_seq_scheme.pdb_strand_id 
_pdbx_poly_seq_scheme.pdb_ins_code 
_pdbx_poly_seq_scheme.hetero 
A 1 1  ILE 1  95  95  ILE ILE A . n 
A 1 2  GLU 2  96  96  GLU GLU A . n 
A 1 3  THR 3  97  97  THR THR A . n 
A 1 4  GLN 4  98  98  GLN GLN A . n 
A 1 5  MET 5  99  99  MET MET A . n 
A 1 6  ASP 6  100 100 ASP ASP A . n 
A 1 7  ARG 7  101 101 ARG ARG A . n 
A 1 8  VAL 8  102 102 VAL VAL A . n 
A 1 9  VAL 9  103 103 VAL VAL A . n 
A 1 10 LYS 10 104 104 LYS LYS A . n 
A 1 11 GLU 11 105 105 GLU GLU A . n 
A 1 12 MET 12 106 106 MET MET A . n 
A 1 13 ARG 13 107 107 ARG ARG A . n 
A 1 14 ARG 14 108 108 ARG ARG A . n 
A 1 15 GLN 15 109 109 GLN GLN A . n 
A 1 16 LEU 16 110 110 LEU LEU A . n 
A 1 17 GLU 17 111 111 GLU GLU A . n 
A 1 18 MET 18 112 112 MET MET A . n 
A 1 19 ILE 19 113 113 ILE ILE A . n 
A 1 20 ASP 20 114 114 ASP ASP A . n 
A 1 21 LYS 21 115 115 LYS LYS A . n 
A 1 22 LEU 22 116 116 LEU LEU A . n 
A 1 23 THR 23 117 117 THR THR A . n 
A 1 24 THR 24 118 118 THR THR A . n 
A 1 25 ARG 25 119 119 ARG ARG A . n 
A 1 26 GLU 26 120 120 GLU GLU A . n 
A 1 27 ILE 27 121 121 ILE ILE A . n 
A 1 28 GLU 28 122 122 GLU GLU A . n 
A 1 29 GLN 29 123 123 GLN GLN A . n 
A 1 30 VAL 30 124 124 VAL VAL A . n 
A 1 31 GLU 31 125 125 GLU GLU A . n 
A 1 32 LEU 32 126 126 LEU LEU A . n 
A 1 33 LEU 33 127 127 LEU LEU A . n 
A 1 34 LYS 34 128 128 LYS LYS A . n 
A 1 35 ARG 35 129 129 ARG ARG A . n 
A 1 36 ILE 36 130 130 ILE ILE A . n 
A 1 37 TYR 37 131 131 TYR TYR A . n 
A 1 38 ASP 38 132 132 ASP ASP A . n 
A 1 39 LYS 39 133 133 LYS LYS A . n 
A 1 40 LEU 40 134 134 LEU LEU A . n 
A 1 41 THR 41 135 135 THR THR A . n 
A 1 42 VAL 42 136 136 VAL VAL A . n 
A 1 43 ARG 43 137 137 ARG ARG A . n 
A 1 44 THR 44 138 138 THR THR A . n 
A 1 45 ALA 45 139 ?   ?   ?   A . n 
A 1 46 ASP 46 140 ?   ?   ?   A . n 
A 1 47 GLU 47 141 ?   ?   ?   A . n 
A 1 48 ILE 48 142 ?   ?   ?   A . n 
A 1 49 ASP 49 143 ?   ?   ?   A . n 
A 1 50 MET 50 144 ?   ?   ?   A . n 
A 1 51 THR 51 145 ?   ?   ?   A . n 
A 1 52 LYS 52 146 ?   ?   ?   A . n 
B 1 1  ILE 1  95  95  ILE ILE B . n 
B 1 2  GLU 2  96  96  GLU GLU B . n 
B 1 3  THR 3  97  97  THR THR B . n 
B 1 4  GLN 4  98  98  GLN GLN B . n 
B 1 5  MET 5  99  99  MET MET B . n 
B 1 6  ASP 6  100 100 ASP ASP B . n 
B 1 7  ARG 7  101 101 ARG ARG B . n 
B 1 8  VAL 8  102 102 VAL VAL B . n 
B 1 9  VAL 9  103 103 VAL VAL B . n 
B 1 10 LYS 10 104 104 LYS LYS B . n 
B 1 11 GLU 11 105 105 GLU GLU B . n 
B 1 12 MET 12 106 106 MET MET B . n 
B 1 13 ARG 13 107 107 ARG ARG B . n 
B 1 14 ARG 14 108 108 ARG ARG B . n 
B 1 15 GLN 15 109 109 GLN GLN B . n 
B 1 16 LEU 16 110 110 LEU LEU B . n 
B 1 17 GLU 17 111 111 GLU GLU B . n 
B 1 18 MET 18 112 112 MET MET B . n 
B 1 19 ILE 19 113 113 ILE ILE B . n 
B 1 20 ASP 20 114 114 ASP ASP B . n 
B 1 21 LYS 21 115 115 LYS LYS B . n 
B 1 22 LEU 22 116 116 LEU LEU B . n 
B 1 23 THR 23 117 117 THR THR B . n 
B 1 24 THR 24 118 118 THR THR B . n 
B 1 25 ARG 25 119 119 ARG ARG B . n 
B 1 26 GLU 26 120 120 GLU GLU B . n 
B 1 27 ILE 27 121 121 ILE ILE B . n 
B 1 28 GLU 28 122 122 GLU GLU B . n 
B 1 29 GLN 29 123 123 GLN GLN B . n 
B 1 30 VAL 30 124 124 VAL VAL B . n 
B 1 31 GLU 31 125 125 GLU GLU B . n 
B 1 32 LEU 32 126 126 LEU LEU B . n 
B 1 33 LEU 33 127 127 LEU LEU B . n 
B 1 34 LYS 34 128 128 LYS LYS B . n 
B 1 35 ARG 35 129 129 ARG ARG B . n 
B 1 36 ILE 36 130 130 ILE ILE B . n 
B 1 37 TYR 37 131 131 TYR TYR B . n 
B 1 38 ASP 38 132 132 ASP ASP B . n 
B 1 39 LYS 39 133 133 LYS LYS B . n 
B 1 40 LEU 40 134 134 LEU LEU B . n 
B 1 41 THR 41 135 135 THR THR B . n 
B 1 42 VAL 42 136 136 VAL VAL B . n 
B 1 43 ARG 43 137 137 ARG ARG B . n 
B 1 44 THR 44 138 ?   ?   ?   B . n 
B 1 45 ALA 45 139 ?   ?   ?   B . n 
B 1 46 ASP 46 140 ?   ?   ?   B . n 
B 1 47 GLU 47 141 ?   ?   ?   B . n 
B 1 48 ILE 48 142 ?   ?   ?   B . n 
B 1 49 ASP 49 143 ?   ?   ?   B . n 
B 1 50 MET 50 144 ?   ?   ?   B . n 
B 1 51 THR 51 145 ?   ?   ?   B . n 
B 1 52 LYS 52 146 ?   ?   ?   B . n 
C 1 1  ILE 1  95  95  ILE ILE C . n 
C 1 2  GLU 2  96  96  GLU GLU C . n 
C 1 3  THR 3  97  97  THR THR C . n 
C 1 4  GLN 4  98  98  GLN GLN C . n 
C 1 5  MET 5  99  99  MET MET C . n 
C 1 6  ASP 6  100 100 ASP ASP C . n 
C 1 7  ARG 7  101 101 ARG ARG C . n 
C 1 8  VAL 8  102 102 VAL VAL C . n 
C 1 9  VAL 9  103 103 VAL VAL C . n 
C 1 10 LYS 10 104 104 LYS LYS C . n 
C 1 11 GLU 11 105 105 GLU GLU C . n 
C 1 12 MET 12 106 106 MET MET C . n 
C 1 13 ARG 13 107 107 ARG ARG C . n 
C 1 14 ARG 14 108 108 ARG ARG C . n 
C 1 15 GLN 15 109 109 GLN GLN C . n 
C 1 16 LEU 16 110 110 LEU LEU C . n 
C 1 17 GLU 17 111 111 GLU GLU C . n 
C 1 18 MET 18 112 112 MET MET C . n 
C 1 19 ILE 19 113 113 ILE ILE C . n 
C 1 20 ASP 20 114 114 ASP ASP C . n 
C 1 21 LYS 21 115 115 LYS LYS C . n 
C 1 22 LEU 22 116 116 LEU LEU C . n 
C 1 23 THR 23 117 117 THR THR C . n 
C 1 24 THR 24 118 118 THR THR C . n 
C 1 25 ARG 25 119 119 ARG ARG C . n 
C 1 26 GLU 26 120 120 GLU GLU C . n 
C 1 27 ILE 27 121 121 ILE ILE C . n 
C 1 28 GLU 28 122 122 GLU GLU C . n 
C 1 29 GLN 29 123 123 GLN GLN C . n 
C 1 30 VAL 30 124 124 VAL VAL C . n 
C 1 31 GLU 31 125 125 GLU GLU C . n 
C 1 32 LEU 32 126 126 LEU LEU C . n 
C 1 33 LEU 33 127 127 LEU LEU C . n 
C 1 34 LYS 34 128 128 LYS LYS C . n 
C 1 35 ARG 35 129 129 ARG ARG C . n 
C 1 36 ILE 36 130 130 ILE ILE C . n 
C 1 37 TYR 37 131 131 TYR TYR C . n 
C 1 38 ASP 38 132 132 ASP ASP C . n 
C 1 39 LYS 39 133 133 LYS LYS C . n 
C 1 40 LEU 40 134 134 LEU LEU C . n 
C 1 41 THR 41 135 135 THR THR C . n 
C 1 42 VAL 42 136 136 VAL VAL C . n 
C 1 43 ARG 43 137 137 ARG ARG C . n 
C 1 44 THR 44 138 138 THR THR C . n 
C 1 45 ALA 45 139 ?   ?   ?   C . n 
C 1 46 ASP 46 140 ?   ?   ?   C . n 
C 1 47 GLU 47 141 ?   ?   ?   C . n 
C 1 48 ILE 48 142 ?   ?   ?   C . n 
C 1 49 ASP 49 143 ?   ?   ?   C . n 
C 1 50 MET 50 144 ?   ?   ?   C . n 
C 1 51 THR 51 145 ?   ?   ?   C . n 
C 1 52 LYS 52 146 ?   ?   ?   C . n 
D 1 1  ILE 1  95  95  ILE ILE D . n 
D 1 2  GLU 2  96  96  GLU GLU D . n 
D 1 3  THR 3  97  97  THR THR D . n 
D 1 4  GLN 4  98  98  GLN GLN D . n 
D 1 5  MET 5  99  99  MET MET D . n 
D 1 6  ASP 6  100 100 ASP ASP D . n 
D 1 7  ARG 7  101 101 ARG ARG D . n 
D 1 8  VAL 8  102 102 VAL VAL D . n 
D 1 9  VAL 9  103 103 VAL VAL D . n 
D 1 10 LYS 10 104 104 LYS LYS D . n 
D 1 11 GLU 11 105 105 GLU GLU D . n 
D 1 12 MET 12 106 106 MET MET D . n 
D 1 13 ARG 13 107 107 ARG ARG D . n 
D 1 14 ARG 14 108 108 ARG ARG D . n 
D 1 15 GLN 15 109 109 GLN GLN D . n 
D 1 16 LEU 16 110 110 LEU LEU D . n 
D 1 17 GLU 17 111 111 GLU GLU D . n 
D 1 18 MET 18 112 112 MET MET D . n 
D 1 19 ILE 19 113 113 ILE ILE D . n 
D 1 20 ASP 20 114 114 ASP ASP D . n 
D 1 21 LYS 21 115 115 LYS LYS D . n 
D 1 22 LEU 22 116 116 LEU LEU D . n 
D 1 23 THR 23 117 117 THR THR D . n 
D 1 24 THR 24 118 118 THR THR D . n 
D 1 25 ARG 25 119 119 ARG ARG D . n 
D 1 26 GLU 26 120 120 GLU GLU D . n 
D 1 27 ILE 27 121 121 ILE ILE D . n 
D 1 28 GLU 28 122 122 GLU GLU D . n 
D 1 29 GLN 29 123 123 GLN GLN D . n 
D 1 30 VAL 30 124 124 VAL VAL D . n 
D 1 31 GLU 31 125 125 GLU GLU D . n 
D 1 32 LEU 32 126 126 LEU LEU D . n 
D 1 33 LEU 33 127 127 LEU LEU D . n 
D 1 34 LYS 34 128 128 LYS LYS D . n 
D 1 35 ARG 35 129 129 ARG ARG D . n 
D 1 36 ILE 36 130 130 ILE ILE D . n 
D 1 37 TYR 37 131 131 TYR TYR D . n 
D 1 38 ASP 38 132 132 ASP ASP D . n 
D 1 39 LYS 39 133 133 LYS LYS D . n 
D 1 40 LEU 40 134 134 LEU LEU D . n 
D 1 41 THR 41 135 135 THR THR D . n 
D 1 42 VAL 42 136 136 VAL VAL D . n 
D 1 43 ARG 43 137 137 ARG ARG D . n 
D 1 44 THR 44 138 ?   ?   ?   D . n 
D 1 45 ALA 45 139 ?   ?   ?   D . n 
D 1 46 ASP 46 140 ?   ?   ?   D . n 
D 1 47 GLU 47 141 ?   ?   ?   D . n 
D 1 48 ILE 48 142 ?   ?   ?   D . n 
D 1 49 ASP 49 143 ?   ?   ?   D . n 
D 1 50 MET 50 144 ?   ?   ?   D . n 
D 1 51 THR 51 145 ?   ?   ?   D . n 
D 1 52 LYS 52 146 ?   ?   ?   D . n 
# 
loop_
_pdbx_nonpoly_scheme.asym_id 
_pdbx_nonpoly_scheme.entity_id 
_pdbx_nonpoly_scheme.mon_id 
_pdbx_nonpoly_scheme.ndb_seq_num 
_pdbx_nonpoly_scheme.pdb_seq_num 
_pdbx_nonpoly_scheme.auth_seq_num 
_pdbx_nonpoly_scheme.pdb_mon_id 
_pdbx_nonpoly_scheme.auth_mon_id 
_pdbx_nonpoly_scheme.pdb_strand_id 
_pdbx_nonpoly_scheme.pdb_ins_code 
E 2 CA  1 501 1  CA  CA  B . 
F 3 HOH 1 1   1  HOH HOH A . 
F 3 HOH 2 11  11 HOH HOH A . 
G 3 HOH 1 2   2  HOH HOH B . 
G 3 HOH 2 4   4  HOH HOH B . 
G 3 HOH 3 5   5  HOH HOH B . 
G 3 HOH 4 6   6  HOH HOH B . 
G 3 HOH 5 7   7  HOH HOH B . 
G 3 HOH 6 9   9  HOH HOH B . 
H 3 HOH 1 8   8  HOH HOH C . 
I 3 HOH 1 3   3  HOH HOH D . 
I 3 HOH 2 10  10 HOH HOH D . 
# 
loop_
_pdbx_unobs_or_zero_occ_atoms.id 
_pdbx_unobs_or_zero_occ_atoms.PDB_model_num 
_pdbx_unobs_or_zero_occ_atoms.polymer_flag 
_pdbx_unobs_or_zero_occ_atoms.occupancy_flag 
_pdbx_unobs_or_zero_occ_atoms.auth_asym_id 
_pdbx_unobs_or_zero_occ_atoms.auth_comp_id 
_pdbx_unobs_or_zero_occ_atoms.auth_seq_id 
_pdbx_unobs_or_zero_occ_atoms.PDB_ins_code 
_pdbx_unobs_or_zero_occ_atoms.auth_atom_id 
_pdbx_unobs_or_zero_occ_atoms.label_alt_id 
_pdbx_unobs_or_zero_occ_atoms.label_asym_id 
_pdbx_unobs_or_zero_occ_atoms.label_comp_id 
_pdbx_unobs_or_zero_occ_atoms.label_seq_id 
_pdbx_unobs_or_zero_occ_atoms.label_atom_id 
1   1 Y 1 A ILE 95  ? CG1 ? A ILE 1  CG1 
2   1 Y 1 A ILE 95  ? CG2 ? A ILE 1  CG2 
3   1 Y 1 A ILE 95  ? CD1 ? A ILE 1  CD1 
4   1 Y 1 A GLU 96  ? CG  ? A GLU 2  CG  
5   1 Y 1 A GLU 96  ? CD  ? A GLU 2  CD  
6   1 Y 1 A GLU 96  ? OE1 ? A GLU 2  OE1 
7   1 Y 1 A GLU 96  ? OE2 ? A GLU 2  OE2 
8   1 Y 1 A THR 97  ? OG1 ? A THR 3  OG1 
9   1 Y 1 A THR 97  ? CG2 ? A THR 3  CG2 
10  1 Y 1 A GLN 98  ? CG  ? A GLN 4  CG  
11  1 Y 1 A GLN 98  ? CD  ? A GLN 4  CD  
12  1 Y 1 A GLN 98  ? OE1 ? A GLN 4  OE1 
13  1 Y 1 A GLN 98  ? NE2 ? A GLN 4  NE2 
14  1 Y 1 A ARG 101 ? CG  ? A ARG 7  CG  
15  1 Y 1 A ARG 101 ? CD  ? A ARG 7  CD  
16  1 Y 1 A ARG 101 ? NE  ? A ARG 7  NE  
17  1 Y 1 A ARG 101 ? CZ  ? A ARG 7  CZ  
18  1 Y 1 A ARG 101 ? NH1 ? A ARG 7  NH1 
19  1 Y 1 A ARG 101 ? NH2 ? A ARG 7  NH2 
20  1 Y 1 A LYS 104 ? CG  ? A LYS 10 CG  
21  1 Y 1 A LYS 104 ? CD  ? A LYS 10 CD  
22  1 Y 1 A LYS 104 ? CE  ? A LYS 10 CE  
23  1 Y 1 A LYS 104 ? NZ  ? A LYS 10 NZ  
24  1 Y 1 A ARG 107 ? CG  ? A ARG 13 CG  
25  1 Y 1 A ARG 107 ? CD  ? A ARG 13 CD  
26  1 Y 1 A ARG 107 ? NE  ? A ARG 13 NE  
27  1 Y 1 A ARG 107 ? CZ  ? A ARG 13 CZ  
28  1 Y 1 A ARG 107 ? NH1 ? A ARG 13 NH1 
29  1 Y 1 A ARG 107 ? NH2 ? A ARG 13 NH2 
30  1 Y 1 A ARG 108 ? CG  ? A ARG 14 CG  
31  1 Y 1 A ARG 108 ? CD  ? A ARG 14 CD  
32  1 Y 1 A ARG 108 ? NE  ? A ARG 14 NE  
33  1 Y 1 A ARG 108 ? CZ  ? A ARG 14 CZ  
34  1 Y 1 A ARG 108 ? NH1 ? A ARG 14 NH1 
35  1 Y 1 A ARG 108 ? NH2 ? A ARG 14 NH2 
36  1 Y 1 A ARG 137 ? CG  ? A ARG 43 CG  
37  1 Y 1 A ARG 137 ? CD  ? A ARG 43 CD  
38  1 Y 1 A ARG 137 ? NE  ? A ARG 43 NE  
39  1 Y 1 A ARG 137 ? CZ  ? A ARG 43 CZ  
40  1 Y 1 A ARG 137 ? NH1 ? A ARG 43 NH1 
41  1 Y 1 A ARG 137 ? NH2 ? A ARG 43 NH2 
42  1 Y 1 A THR 138 ? OG1 ? A THR 44 OG1 
43  1 Y 1 A THR 138 ? CG2 ? A THR 44 CG2 
44  1 Y 1 B ILE 95  ? CG1 ? B ILE 1  CG1 
45  1 Y 1 B ILE 95  ? CG2 ? B ILE 1  CG2 
46  1 Y 1 B ILE 95  ? CD1 ? B ILE 1  CD1 
47  1 Y 1 B GLU 96  ? CG  ? B GLU 2  CG  
48  1 Y 1 B GLU 96  ? CD  ? B GLU 2  CD  
49  1 Y 1 B GLU 96  ? OE1 ? B GLU 2  OE1 
50  1 Y 1 B GLU 96  ? OE2 ? B GLU 2  OE2 
51  1 Y 1 B THR 97  ? OG1 ? B THR 3  OG1 
52  1 Y 1 B THR 97  ? CG2 ? B THR 3  CG2 
53  1 Y 1 B GLN 98  ? CG  ? B GLN 4  CG  
54  1 Y 1 B GLN 98  ? CD  ? B GLN 4  CD  
55  1 Y 1 B GLN 98  ? OE1 ? B GLN 4  OE1 
56  1 Y 1 B GLN 98  ? NE2 ? B GLN 4  NE2 
57  1 Y 1 B ARG 101 ? CG  ? B ARG 7  CG  
58  1 Y 1 B ARG 101 ? CD  ? B ARG 7  CD  
59  1 Y 1 B ARG 101 ? NE  ? B ARG 7  NE  
60  1 Y 1 B ARG 101 ? CZ  ? B ARG 7  CZ  
61  1 Y 1 B ARG 101 ? NH1 ? B ARG 7  NH1 
62  1 Y 1 B ARG 101 ? NH2 ? B ARG 7  NH2 
63  1 Y 1 B LYS 104 ? CG  ? B LYS 10 CG  
64  1 Y 1 B LYS 104 ? CD  ? B LYS 10 CD  
65  1 Y 1 B LYS 104 ? CE  ? B LYS 10 CE  
66  1 Y 1 B LYS 104 ? NZ  ? B LYS 10 NZ  
67  1 Y 1 B GLU 105 ? CG  ? B GLU 11 CG  
68  1 Y 1 B GLU 105 ? CD  ? B GLU 11 CD  
69  1 Y 1 B GLU 105 ? OE1 ? B GLU 11 OE1 
70  1 Y 1 B GLU 105 ? OE2 ? B GLU 11 OE2 
71  1 Y 1 B GLU 125 ? CG  ? B GLU 31 CG  
72  1 Y 1 B GLU 125 ? CD  ? B GLU 31 CD  
73  1 Y 1 B GLU 125 ? OE1 ? B GLU 31 OE1 
74  1 Y 1 B GLU 125 ? OE2 ? B GLU 31 OE2 
75  1 Y 1 B ARG 137 ? CG  ? B ARG 43 CG  
76  1 Y 1 B ARG 137 ? CD  ? B ARG 43 CD  
77  1 Y 1 B ARG 137 ? NE  ? B ARG 43 NE  
78  1 Y 1 B ARG 137 ? CZ  ? B ARG 43 CZ  
79  1 Y 1 B ARG 137 ? NH1 ? B ARG 43 NH1 
80  1 Y 1 B ARG 137 ? NH2 ? B ARG 43 NH2 
81  1 Y 1 C ILE 95  ? CG1 ? C ILE 1  CG1 
82  1 Y 1 C ILE 95  ? CG2 ? C ILE 1  CG2 
83  1 Y 1 C ILE 95  ? CD1 ? C ILE 1  CD1 
84  1 Y 1 C GLU 96  ? CG  ? C GLU 2  CG  
85  1 Y 1 C GLU 96  ? CD  ? C GLU 2  CD  
86  1 Y 1 C GLU 96  ? OE1 ? C GLU 2  OE1 
87  1 Y 1 C GLU 96  ? OE2 ? C GLU 2  OE2 
88  1 Y 1 C THR 97  ? OG1 ? C THR 3  OG1 
89  1 Y 1 C THR 97  ? CG2 ? C THR 3  CG2 
90  1 Y 1 C GLN 98  ? CG  ? C GLN 4  CG  
91  1 Y 1 C GLN 98  ? CD  ? C GLN 4  CD  
92  1 Y 1 C GLN 98  ? OE1 ? C GLN 4  OE1 
93  1 Y 1 C GLN 98  ? NE2 ? C GLN 4  NE2 
94  1 Y 1 C ARG 101 ? CG  ? C ARG 7  CG  
95  1 Y 1 C ARG 101 ? CD  ? C ARG 7  CD  
96  1 Y 1 C ARG 101 ? NE  ? C ARG 7  NE  
97  1 Y 1 C ARG 101 ? CZ  ? C ARG 7  CZ  
98  1 Y 1 C ARG 101 ? NH1 ? C ARG 7  NH1 
99  1 Y 1 C ARG 101 ? NH2 ? C ARG 7  NH2 
100 1 Y 1 C LYS 104 ? CG  ? C LYS 10 CG  
101 1 Y 1 C LYS 104 ? CD  ? C LYS 10 CD  
102 1 Y 1 C LYS 104 ? CE  ? C LYS 10 CE  
103 1 Y 1 C LYS 104 ? NZ  ? C LYS 10 NZ  
104 1 Y 1 C GLU 105 ? CG  ? C GLU 11 CG  
105 1 Y 1 C GLU 105 ? CD  ? C GLU 11 CD  
106 1 Y 1 C GLU 105 ? OE1 ? C GLU 11 OE1 
107 1 Y 1 C GLU 105 ? OE2 ? C GLU 11 OE2 
108 1 Y 1 C ARG 107 ? CG  ? C ARG 13 CG  
109 1 Y 1 C ARG 107 ? CD  ? C ARG 13 CD  
110 1 Y 1 C ARG 107 ? NE  ? C ARG 13 NE  
111 1 Y 1 C ARG 107 ? CZ  ? C ARG 13 CZ  
112 1 Y 1 C ARG 107 ? NH1 ? C ARG 13 NH1 
113 1 Y 1 C ARG 107 ? NH2 ? C ARG 13 NH2 
114 1 Y 1 C ARG 108 ? CG  ? C ARG 14 CG  
115 1 Y 1 C ARG 108 ? CD  ? C ARG 14 CD  
116 1 Y 1 C ARG 108 ? NE  ? C ARG 14 NE  
117 1 Y 1 C ARG 108 ? CZ  ? C ARG 14 CZ  
118 1 Y 1 C ARG 108 ? NH1 ? C ARG 14 NH1 
119 1 Y 1 C ARG 108 ? NH2 ? C ARG 14 NH2 
120 1 Y 1 C GLU 125 ? CG  ? C GLU 31 CG  
121 1 Y 1 C GLU 125 ? CD  ? C GLU 31 CD  
122 1 Y 1 C GLU 125 ? OE1 ? C GLU 31 OE1 
123 1 Y 1 C GLU 125 ? OE2 ? C GLU 31 OE2 
124 1 Y 1 C ARG 137 ? CG  ? C ARG 43 CG  
125 1 Y 1 C ARG 137 ? CD  ? C ARG 43 CD  
126 1 Y 1 C ARG 137 ? NE  ? C ARG 43 NE  
127 1 Y 1 C ARG 137 ? CZ  ? C ARG 43 CZ  
128 1 Y 1 C ARG 137 ? NH1 ? C ARG 43 NH1 
129 1 Y 1 C ARG 137 ? NH2 ? C ARG 43 NH2 
130 1 Y 1 C THR 138 ? OG1 ? C THR 44 OG1 
131 1 Y 1 C THR 138 ? CG2 ? C THR 44 CG2 
132 1 Y 1 D ILE 95  ? CG1 ? D ILE 1  CG1 
133 1 Y 1 D ILE 95  ? CG2 ? D ILE 1  CG2 
134 1 Y 1 D ILE 95  ? CD1 ? D ILE 1  CD1 
135 1 Y 1 D GLU 96  ? CG  ? D GLU 2  CG  
136 1 Y 1 D GLU 96  ? CD  ? D GLU 2  CD  
137 1 Y 1 D GLU 96  ? OE1 ? D GLU 2  OE1 
138 1 Y 1 D GLU 96  ? OE2 ? D GLU 2  OE2 
139 1 Y 1 D THR 97  ? OG1 ? D THR 3  OG1 
140 1 Y 1 D THR 97  ? CG2 ? D THR 3  CG2 
141 1 Y 1 D GLN 98  ? CG  ? D GLN 4  CG  
142 1 Y 1 D GLN 98  ? CD  ? D GLN 4  CD  
143 1 Y 1 D GLN 98  ? OE1 ? D GLN 4  OE1 
144 1 Y 1 D GLN 98  ? NE2 ? D GLN 4  NE2 
145 1 Y 1 D ARG 101 ? CG  ? D ARG 7  CG  
146 1 Y 1 D ARG 101 ? CD  ? D ARG 7  CD  
147 1 Y 1 D ARG 101 ? NE  ? D ARG 7  NE  
148 1 Y 1 D ARG 101 ? CZ  ? D ARG 7  CZ  
149 1 Y 1 D ARG 101 ? NH1 ? D ARG 7  NH1 
150 1 Y 1 D ARG 101 ? NH2 ? D ARG 7  NH2 
151 1 Y 1 D LYS 104 ? CG  ? D LYS 10 CG  
152 1 Y 1 D LYS 104 ? CD  ? D LYS 10 CD  
153 1 Y 1 D LYS 104 ? CE  ? D LYS 10 CE  
154 1 Y 1 D LYS 104 ? NZ  ? D LYS 10 NZ  
155 1 Y 1 D GLU 105 ? CG  ? D GLU 11 CG  
156 1 Y 1 D GLU 105 ? CD  ? D GLU 11 CD  
157 1 Y 1 D GLU 105 ? OE1 ? D GLU 11 OE1 
158 1 Y 1 D GLU 105 ? OE2 ? D GLU 11 OE2 
159 1 Y 1 D ARG 107 ? CG  ? D ARG 13 CG  
160 1 Y 1 D ARG 107 ? CD  ? D ARG 13 CD  
161 1 Y 1 D ARG 107 ? NE  ? D ARG 13 NE  
162 1 Y 1 D ARG 107 ? CZ  ? D ARG 13 CZ  
163 1 Y 1 D ARG 107 ? NH1 ? D ARG 13 NH1 
164 1 Y 1 D ARG 107 ? NH2 ? D ARG 13 NH2 
165 1 Y 1 D ARG 137 ? CG  ? D ARG 43 CG  
166 1 Y 1 D ARG 137 ? CD  ? D ARG 43 CD  
167 1 Y 1 D ARG 137 ? NE  ? D ARG 43 NE  
168 1 Y 1 D ARG 137 ? CZ  ? D ARG 43 CZ  
169 1 Y 1 D ARG 137 ? NH1 ? D ARG 43 NH1 
170 1 Y 1 D ARG 137 ? NH2 ? D ARG 43 NH2 
# 
loop_
_software.name 
_software.classification 
_software.version 
_software.citation_id 
_software.pdbx_ordinal 
REFMAC refinement        5.2.0009  ? 1 
MAR345 'data collection' 345DTB    ? 2 
MOSFLM 'data reduction'  .         ? 3 
CCP4   'data scaling'    '(SCALA)' ? 4 
AMoRE  phasing           .         ? 5 
# 
_cell.entry_id           2O1J 
_cell.length_a           48.614 
_cell.length_b           180.432 
_cell.length_c           48.691 
_cell.angle_alpha        90.00 
_cell.angle_beta         90.00 
_cell.angle_gamma        90.00 
_cell.Z_PDB              32 
_cell.pdbx_unique_axis   ? 
_cell.length_a_esd       ? 
_cell.length_b_esd       ? 
_cell.length_c_esd       ? 
_cell.angle_alpha_esd    ? 
_cell.angle_beta_esd     ? 
_cell.angle_gamma_esd    ? 
# 
_symmetry.entry_id                         2O1J 
_symmetry.space_group_name_H-M             'C 2 2 21' 
_symmetry.pdbx_full_space_group_name_H-M   ? 
_symmetry.cell_setting                     ? 
_symmetry.Int_Tables_number                20 
_symmetry.space_group_name_Hall            ? 
# 
_exptl.entry_id          2O1J 
_exptl.method            'X-RAY DIFFRACTION' 
_exptl.crystals_number   1 
# 
_exptl_crystal.id                    1 
_exptl_crystal.density_meas          ? 
_exptl_crystal.density_Matthews      2.10 
_exptl_crystal.density_percent_sol   41.35 
_exptl_crystal.description           ? 
_exptl_crystal.F_000                 ? 
_exptl_crystal.preparation           ? 
# 
_exptl_crystal_grow.crystal_id      1 
_exptl_crystal_grow.method          'VAPOR DIFFUSION, HANGING DROP' 
_exptl_crystal_grow.temp            293 
_exptl_crystal_grow.temp_details    ? 
_exptl_crystal_grow.pH              7.5 
_exptl_crystal_grow.pdbx_details    
'1.0M potassium sodium tetra hydrate, 0.1M HEPES, KOH, pH 7.5, VAPOR DIFFUSION, HANGING DROP, temperature 293K' 
_exptl_crystal_grow.pdbx_pH_range   . 
# 
_diffrn.id                     1 
_diffrn.ambient_temp           293 
_diffrn.ambient_temp_details   ? 
_diffrn.crystal_id             1 
# 
_diffrn_detector.diffrn_id              1 
_diffrn_detector.detector               'IMAGE PLATE' 
_diffrn_detector.type                   'MAR scanner 345 mm plate' 
_diffrn_detector.pdbx_collection_date   2006-01-15 
_diffrn_detector.details                'osmic mirror' 
# 
_diffrn_radiation.diffrn_id                        1 
_diffrn_radiation.wavelength_id                    1 
_diffrn_radiation.pdbx_monochromatic_or_laue_m_l   M 
_diffrn_radiation.monochromator                    'CU Kalpha' 
_diffrn_radiation.pdbx_diffrn_protocol             'SINGLE WAVELENGTH' 
_diffrn_radiation.pdbx_scattering_type             x-ray 
# 
_diffrn_radiation_wavelength.id           1 
_diffrn_radiation_wavelength.wavelength   1.5418 
_diffrn_radiation_wavelength.wt           1.0 
# 
_diffrn_source.diffrn_id                   1 
_diffrn_source.source                      'ROTATING ANODE' 
_diffrn_source.type                        'RIGAKU RU200' 
_diffrn_source.pdbx_synchrotron_site       ? 
_diffrn_source.pdbx_synchrotron_beamline   ? 
_diffrn_source.pdbx_wavelength             ? 
_diffrn_source.pdbx_wavelength_list        1.5418 
# 
_reflns.entry_id                     2O1J 
_reflns.observed_criterion_sigma_F   ? 
_reflns.observed_criterion_sigma_I   ? 
_reflns.d_resolution_high            2.7 
_reflns.d_resolution_low             37.80 
_reflns.number_all                   ? 
_reflns.number_obs                   5847 
_reflns.percent_possible_obs         96.2 
_reflns.pdbx_Rmerge_I_obs            0.077 
_reflns.pdbx_Rsym_value              ? 
_reflns.pdbx_netI_over_sigmaI        14.0 
_reflns.B_iso_Wilson_estimate        ? 
_reflns.pdbx_redundancy              ? 
_reflns.R_free_details               ? 
_reflns.limit_h_max                  ? 
_reflns.limit_h_min                  ? 
_reflns.limit_k_max                  ? 
_reflns.limit_k_min                  ? 
_reflns.limit_l_max                  ? 
_reflns.limit_l_min                  ? 
_reflns.observed_criterion_F_max     ? 
_reflns.observed_criterion_F_min     ? 
_reflns.pdbx_chi_squared             ? 
_reflns.pdbx_scaling_rejects         ? 
_reflns.pdbx_ordinal                 1 
_reflns.pdbx_diffrn_id               1 
# 
_reflns_shell.d_res_high             2.7 
_reflns_shell.d_res_low              2.85 
_reflns_shell.percent_possible_all   96.2 
_reflns_shell.Rmerge_I_obs           0.439 
_reflns_shell.pdbx_Rsym_value        ? 
_reflns_shell.meanI_over_sigI_obs    3.5 
_reflns_shell.pdbx_redundancy        ? 
_reflns_shell.percent_possible_obs   ? 
_reflns_shell.number_unique_all      833 
_reflns_shell.number_measured_all    ? 
_reflns_shell.number_measured_obs    ? 
_reflns_shell.number_unique_obs      ? 
_reflns_shell.pdbx_chi_squared       ? 
_reflns_shell.pdbx_ordinal           1 
_reflns_shell.pdbx_diffrn_id         1 
# 
_refine.entry_id                                 2O1J 
_refine.ls_number_reflns_obs                     5545 
_refine.ls_number_reflns_all                     ? 
_refine.pdbx_ls_sigma_I                          ? 
_refine.pdbx_ls_sigma_F                          ? 
_refine.pdbx_data_cutoff_high_absF               ? 
_refine.pdbx_data_cutoff_low_absF                ? 
_refine.pdbx_data_cutoff_high_rms_absF           ? 
_refine.ls_d_res_low                             15.00 
_refine.ls_d_res_high                            2.70 
_refine.ls_percent_reflns_obs                    94.49 
_refine.ls_R_factor_obs                          0.25067 
_refine.ls_R_factor_all                          ? 
_refine.ls_R_factor_R_work                       0.24769 
_refine.ls_R_factor_R_free                       0.31377 
_refine.ls_R_factor_R_free_error                 ? 
_refine.ls_R_factor_R_free_error_details         ? 
_refine.ls_percent_reflns_R_free                 4.6 
_refine.ls_number_reflns_R_free                  269 
_refine.ls_number_parameters                     ? 
_refine.ls_number_restraints                     ? 
_refine.occupancy_min                            ? 
_refine.occupancy_max                            ? 
_refine.correlation_coeff_Fo_to_Fc               0.945 
_refine.correlation_coeff_Fo_to_Fc_free          0.890 
_refine.B_iso_mean                               20.091 
_refine.aniso_B[1][1]                            0.73 
_refine.aniso_B[2][2]                            -4.41 
_refine.aniso_B[3][3]                            3.68 
_refine.aniso_B[1][2]                            0.00 
_refine.aniso_B[1][3]                            0.00 
_refine.aniso_B[2][3]                            0.00 
_refine.solvent_model_details                    'BABINET MODEL WITH MASK' 
_refine.solvent_model_param_ksol                 ? 
_refine.solvent_model_param_bsol                 ? 
_refine.pdbx_solvent_vdw_probe_radii             1.20 
_refine.pdbx_solvent_ion_probe_radii             0.80 
_refine.pdbx_solvent_shrinkage_radii             0.80 
_refine.pdbx_ls_cross_valid_method               THROUGHOUT 
_refine.details                                  'HYDROGENS HAVE BEEN ADDED IN THE RIDING POSITIONS' 
_refine.pdbx_starting_model                      201K 
_refine.pdbx_method_to_determine_struct          'MOLECULAR REPLACEMENT' 
_refine.pdbx_isotropic_thermal_model             ? 
_refine.pdbx_stereochemistry_target_values       'MAXIMUM LIKELIHOOD' 
_refine.pdbx_stereochem_target_val_spec_case     ? 
_refine.pdbx_R_Free_selection_details            RANDOM 
_refine.pdbx_overall_ESU_R                       1.863 
_refine.pdbx_overall_ESU_R_Free                  0.431 
_refine.overall_SU_ML                            0.317 
_refine.overall_SU_B                             33.786 
_refine.ls_redundancy_reflns_obs                 ? 
_refine.B_iso_min                                ? 
_refine.B_iso_max                                ? 
_refine.overall_SU_R_Cruickshank_DPI             ? 
_refine.overall_SU_R_free                        ? 
_refine.ls_wR_factor_R_free                      ? 
_refine.ls_wR_factor_R_work                      ? 
_refine.overall_FOM_free_R_set                   ? 
_refine.overall_FOM_work_R_set                   ? 
_refine.pdbx_refine_id                           'X-RAY DIFFRACTION' 
_refine.pdbx_TLS_residual_ADP_flag               'LIKELY RESIDUAL' 
_refine.pdbx_diffrn_id                           1 
_refine.pdbx_overall_phase_error                 ? 
_refine.pdbx_overall_SU_R_free_Cruickshank_DPI   ? 
_refine.pdbx_overall_SU_R_Blow_DPI               ? 
_refine.pdbx_overall_SU_R_free_Blow_DPI          ? 
# 
_refine_hist.pdbx_refine_id                   'X-RAY DIFFRACTION' 
_refine_hist.cycle_id                         LAST 
_refine_hist.pdbx_number_atoms_protein        1328 
_refine_hist.pdbx_number_atoms_nucleic_acid   0 
_refine_hist.pdbx_number_atoms_ligand         1 
_refine_hist.number_atoms_solvent             11 
_refine_hist.number_atoms_total               1340 
_refine_hist.d_res_high                       2.70 
_refine_hist.d_res_low                        15.00 
# 
loop_
_refine_ls_restr.type 
_refine_ls_restr.dev_ideal 
_refine_ls_restr.dev_ideal_target 
_refine_ls_restr.weight 
_refine_ls_restr.number 
_refine_ls_restr.pdbx_refine_id 
_refine_ls_restr.pdbx_restraint_function 
r_bond_refined_d             0.018  0.022  ? 1328 'X-RAY DIFFRACTION' ? 
r_bond_other_d               ?      ?      ? ?    'X-RAY DIFFRACTION' ? 
r_angle_refined_deg          1.991  1.995  ? 1786 'X-RAY DIFFRACTION' ? 
r_angle_other_deg            ?      ?      ? ?    'X-RAY DIFFRACTION' ? 
r_dihedral_angle_1_deg       6.860  5.000  ? 170  'X-RAY DIFFRACTION' ? 
r_dihedral_angle_2_deg       34.270 24.800 ? 50   'X-RAY DIFFRACTION' ? 
r_dihedral_angle_3_deg       25.689 15.000 ? 271  'X-RAY DIFFRACTION' ? 
r_dihedral_angle_4_deg       19.414 15.000 ? 11   'X-RAY DIFFRACTION' ? 
r_chiral_restr               0.117  0.200  ? 234  'X-RAY DIFFRACTION' ? 
r_gen_planes_refined         0.006  0.020  ? 907  'X-RAY DIFFRACTION' ? 
r_gen_planes_other           ?      ?      ? ?    'X-RAY DIFFRACTION' ? 
r_nbd_refined                0.293  0.200  ? 730  'X-RAY DIFFRACTION' ? 
r_nbd_other                  ?      ?      ? ?    'X-RAY DIFFRACTION' ? 
r_nbtor_refined              0.320  0.200  ? 936  'X-RAY DIFFRACTION' ? 
r_nbtor_other                ?      ?      ? ?    'X-RAY DIFFRACTION' ? 
r_xyhbond_nbd_refined        0.231  0.200  ? 53   'X-RAY DIFFRACTION' ? 
r_xyhbond_nbd_other          ?      ?      ? ?    'X-RAY DIFFRACTION' ? 
r_metal_ion_refined          0.106  0.200  ? 2    'X-RAY DIFFRACTION' ? 
r_metal_ion_other            ?      ?      ? ?    'X-RAY DIFFRACTION' ? 
r_symmetry_vdw_refined       0.266  0.200  ? 27   'X-RAY DIFFRACTION' ? 
r_symmetry_vdw_other         ?      ?      ? ?    'X-RAY DIFFRACTION' ? 
r_symmetry_hbond_refined     0.204  0.200  ? 5    'X-RAY DIFFRACTION' ? 
r_symmetry_hbond_other       ?      ?      ? ?    'X-RAY DIFFRACTION' ? 
r_symmetry_metal_ion_refined ?      ?      ? ?    'X-RAY DIFFRACTION' ? 
r_symmetry_metal_ion_other   ?      ?      ? ?    'X-RAY DIFFRACTION' ? 
r_mcbond_it                  0.701  1.500  ? 902  'X-RAY DIFFRACTION' ? 
r_mcbond_other               ?      ?      ? ?    'X-RAY DIFFRACTION' ? 
r_mcangle_it                 1.257  2.000  ? 1380 'X-RAY DIFFRACTION' ? 
r_scbond_it                  2.033  3.000  ? 481  'X-RAY DIFFRACTION' ? 
r_scangle_it                 3.640  4.500  ? 406  'X-RAY DIFFRACTION' ? 
r_rigid_bond_restr           ?      ?      ? ?    'X-RAY DIFFRACTION' ? 
r_sphericity_free            ?      ?      ? ?    'X-RAY DIFFRACTION' ? 
r_sphericity_bonded          ?      ?      ? ?    'X-RAY DIFFRACTION' ? 
# 
_refine_ls_shell.pdbx_total_number_of_bins_used   20 
_refine_ls_shell.d_res_high                       2.700 
_refine_ls_shell.d_res_low                        2.768 
_refine_ls_shell.number_reflns_R_work             385 
_refine_ls_shell.R_factor_R_work                  0.335 
_refine_ls_shell.percent_reflns_obs               94.96 
_refine_ls_shell.R_factor_R_free                  0.486 
_refine_ls_shell.R_factor_R_free_error            ? 
_refine_ls_shell.percent_reflns_R_free            ? 
_refine_ls_shell.number_reflns_R_free             11 
_refine_ls_shell.number_reflns_all                ? 
_refine_ls_shell.R_factor_all                     ? 
_refine_ls_shell.number_reflns_obs                ? 
_refine_ls_shell.redundancy_reflns_obs            ? 
_refine_ls_shell.pdbx_refine_id                   'X-RAY DIFFRACTION' 
# 
_struct.entry_id                  2O1J 
_struct.title                     'Structure of the extended diarrhea-inducing domain of rotavirus enterotoxigenic protein NSP4' 
_struct.pdbx_model_details        ? 
_struct.pdbx_CASP_flag            ? 
_struct.pdbx_model_type_details   ? 
# 
_struct_keywords.entry_id        2O1J 
_struct_keywords.pdbx_keywords   'VIRAL PROTEIN' 
_struct_keywords.text            
'Rotavirus enterotoxin, Non structural protein, NSP4, tetrameric coiled coil, Virulence, VIRAL PROTEIN' 
# 
loop_
_struct_asym.id 
_struct_asym.pdbx_blank_PDB_chainid_flag 
_struct_asym.pdbx_modified 
_struct_asym.entity_id 
_struct_asym.details 
A N N 1 ? 
B N N 1 ? 
C N N 1 ? 
D N N 1 ? 
E N N 2 ? 
F N N 3 ? 
G N N 3 ? 
H N N 3 ? 
I N N 3 ? 
# 
_struct_ref.id                         1 
_struct_ref.db_name                    UNP 
_struct_ref.db_code                    Q9PYC1_9REOV 
_struct_ref.pdbx_db_accession          Q9PYC1 
_struct_ref.entity_id                  1 
_struct_ref.pdbx_seq_one_letter_code   IETQMDRVVKEMRRQLEMIDKLTTREIEQVELLKCIYDKLMVRTADEIDMTK 
_struct_ref.pdbx_align_begin           95 
_struct_ref.pdbx_db_isoform            ? 
# 
loop_
_struct_ref_seq.align_id 
_struct_ref_seq.ref_id 
_struct_ref_seq.pdbx_PDB_id_code 
_struct_ref_seq.pdbx_strand_id 
_struct_ref_seq.seq_align_beg 
_struct_ref_seq.pdbx_seq_align_beg_ins_code 
_struct_ref_seq.seq_align_end 
_struct_ref_seq.pdbx_seq_align_end_ins_code 
_struct_ref_seq.pdbx_db_accession 
_struct_ref_seq.db_align_beg 
_struct_ref_seq.pdbx_db_align_beg_ins_code 
_struct_ref_seq.db_align_end 
_struct_ref_seq.pdbx_db_align_end_ins_code 
_struct_ref_seq.pdbx_auth_seq_align_beg 
_struct_ref_seq.pdbx_auth_seq_align_end 
1 1 2O1J A 1 ? 52 ? Q9PYC1 95 ? 146 ? 95 146 
2 1 2O1J B 1 ? 52 ? Q9PYC1 95 ? 146 ? 95 146 
3 1 2O1J C 1 ? 52 ? Q9PYC1 95 ? 146 ? 95 146 
4 1 2O1J D 1 ? 52 ? Q9PYC1 95 ? 146 ? 95 146 
# 
loop_
_struct_ref_seq_dif.align_id 
_struct_ref_seq_dif.pdbx_pdb_id_code 
_struct_ref_seq_dif.mon_id 
_struct_ref_seq_dif.pdbx_pdb_strand_id 
_struct_ref_seq_dif.seq_num 
_struct_ref_seq_dif.pdbx_pdb_ins_code 
_struct_ref_seq_dif.pdbx_seq_db_name 
_struct_ref_seq_dif.pdbx_seq_db_accession_code 
_struct_ref_seq_dif.db_mon_id 
_struct_ref_seq_dif.pdbx_seq_db_seq_num 
_struct_ref_seq_dif.details 
_struct_ref_seq_dif.pdbx_auth_seq_num 
_struct_ref_seq_dif.pdbx_ordinal 
1 2O1J ARG A 35 ? UNP Q9PYC1 CYS 129 'SEE REMARK 999' 129 1 
1 2O1J THR A 41 ? UNP Q9PYC1 MET 135 'SEE REMARK 999' 135 2 
2 2O1J ARG B 35 ? UNP Q9PYC1 CYS 129 'SEE REMARK 999' 129 3 
2 2O1J THR B 41 ? UNP Q9PYC1 MET 135 'SEE REMARK 999' 135 4 
3 2O1J ARG C 35 ? UNP Q9PYC1 CYS 129 'SEE REMARK 999' 129 5 
3 2O1J THR C 41 ? UNP Q9PYC1 MET 135 'SEE REMARK 999' 135 6 
4 2O1J ARG D 35 ? UNP Q9PYC1 CYS 129 'SEE REMARK 999' 129 7 
4 2O1J THR D 41 ? UNP Q9PYC1 MET 135 'SEE REMARK 999' 135 8 
# 
_pdbx_struct_assembly.id                   1 
_pdbx_struct_assembly.details              author_and_software_defined_assembly 
_pdbx_struct_assembly.method_details       PISA 
_pdbx_struct_assembly.oligomeric_details   tetrameric 
_pdbx_struct_assembly.oligomeric_count     4 
# 
loop_
_pdbx_struct_assembly_prop.biol_id 
_pdbx_struct_assembly_prop.type 
_pdbx_struct_assembly_prop.value 
_pdbx_struct_assembly_prop.details 
1 'ABSA (A^2)' 7890 ? 
1 MORE         -97  ? 
1 'SSA (A^2)'  9460 ? 
# 
_pdbx_struct_assembly_gen.assembly_id       1 
_pdbx_struct_assembly_gen.oper_expression   1 
_pdbx_struct_assembly_gen.asym_id_list      A,B,C,D,E,F,G,H,I 
# 
_pdbx_struct_oper_list.id                   1 
_pdbx_struct_oper_list.type                 'identity operation' 
_pdbx_struct_oper_list.name                 1_555 
_pdbx_struct_oper_list.symmetry_operation   x,y,z 
_pdbx_struct_oper_list.matrix[1][1]         1.0000000000 
_pdbx_struct_oper_list.matrix[1][2]         0.0000000000 
_pdbx_struct_oper_list.matrix[1][3]         0.0000000000 
_pdbx_struct_oper_list.vector[1]            0.0000000000 
_pdbx_struct_oper_list.matrix[2][1]         0.0000000000 
_pdbx_struct_oper_list.matrix[2][2]         1.0000000000 
_pdbx_struct_oper_list.matrix[2][3]         0.0000000000 
_pdbx_struct_oper_list.vector[2]            0.0000000000 
_pdbx_struct_oper_list.matrix[3][1]         0.0000000000 
_pdbx_struct_oper_list.matrix[3][2]         0.0000000000 
_pdbx_struct_oper_list.matrix[3][3]         1.0000000000 
_pdbx_struct_oper_list.vector[3]            0.0000000000 
# 
_struct_biol.id   1 
# 
loop_
_struct_conf.conf_type_id 
_struct_conf.id 
_struct_conf.pdbx_PDB_helix_id 
_struct_conf.beg_label_comp_id 
_struct_conf.beg_label_asym_id 
_struct_conf.beg_label_seq_id 
_struct_conf.pdbx_beg_PDB_ins_code 
_struct_conf.end_label_comp_id 
_struct_conf.end_label_asym_id 
_struct_conf.end_label_seq_id 
_struct_conf.pdbx_end_PDB_ins_code 
_struct_conf.beg_auth_comp_id 
_struct_conf.beg_auth_asym_id 
_struct_conf.beg_auth_seq_id 
_struct_conf.end_auth_comp_id 
_struct_conf.end_auth_asym_id 
_struct_conf.end_auth_seq_id 
_struct_conf.pdbx_PDB_helix_class 
_struct_conf.details 
_struct_conf.pdbx_PDB_helix_length 
HELX_P HELX_P1 1 GLU A 2 ? ARG A 7  ? GLU A 96  ARG A 101 1 ? 6  
HELX_P HELX_P2 2 VAL A 8 ? ARG A 43 ? VAL A 102 ARG A 137 1 ? 36 
HELX_P HELX_P3 3 ILE B 1 ? ARG B 43 ? ILE B 95  ARG B 137 1 ? 43 
HELX_P HELX_P4 4 VAL C 8 ? ARG C 43 ? VAL C 102 ARG C 137 1 ? 36 
HELX_P HELX_P5 5 ILE D 1 ? THR D 41 ? ILE D 95  THR D 135 1 ? 41 
# 
_struct_conf_type.id          HELX_P 
_struct_conf_type.criteria    ? 
_struct_conf_type.reference   ? 
# 
loop_
_struct_conn.id 
_struct_conn.conn_type_id 
_struct_conn.pdbx_leaving_atom_flag 
_struct_conn.pdbx_PDB_id 
_struct_conn.ptnr1_label_asym_id 
_struct_conn.ptnr1_label_comp_id 
_struct_conn.ptnr1_label_seq_id 
_struct_conn.ptnr1_label_atom_id 
_struct_conn.pdbx_ptnr1_label_alt_id 
_struct_conn.pdbx_ptnr1_PDB_ins_code 
_struct_conn.pdbx_ptnr1_standard_comp_id 
_struct_conn.ptnr1_symmetry 
_struct_conn.ptnr2_label_asym_id 
_struct_conn.ptnr2_label_comp_id 
_struct_conn.ptnr2_label_seq_id 
_struct_conn.ptnr2_label_atom_id 
_struct_conn.pdbx_ptnr2_label_alt_id 
_struct_conn.pdbx_ptnr2_PDB_ins_code 
_struct_conn.ptnr1_auth_asym_id 
_struct_conn.ptnr1_auth_comp_id 
_struct_conn.ptnr1_auth_seq_id 
_struct_conn.ptnr2_auth_asym_id 
_struct_conn.ptnr2_auth_comp_id 
_struct_conn.ptnr2_auth_seq_id 
_struct_conn.ptnr2_symmetry 
_struct_conn.pdbx_ptnr3_label_atom_id 
_struct_conn.pdbx_ptnr3_label_seq_id 
_struct_conn.pdbx_ptnr3_label_comp_id 
_struct_conn.pdbx_ptnr3_label_asym_id 
_struct_conn.pdbx_ptnr3_label_alt_id 
_struct_conn.pdbx_ptnr3_PDB_ins_code 
_struct_conn.details 
_struct_conn.pdbx_dist_value 
_struct_conn.pdbx_value_order 
_struct_conn.pdbx_role 
metalc1 metalc ? ? A GLN 29 OE1 ? ? ? 1_555 E CA  .  CA  ? ? A GLN 123 B CA  501 1_555 ? ? ? ? ? ? ? 2.743 ? ? 
metalc2 metalc ? ? B GLU 26 OE1 ? ? ? 1_555 E CA  .  CA  ? ? B GLU 120 B CA  501 1_555 ? ? ? ? ? ? ? 2.281 ? ? 
metalc3 metalc ? ? B GLU 26 OE2 ? ? ? 1_555 E CA  .  CA  ? ? B GLU 120 B CA  501 1_555 ? ? ? ? ? ? ? 3.203 ? ? 
metalc4 metalc ? ? B GLN 29 OE1 ? ? ? 1_555 E CA  .  CA  ? ? B GLN 123 B CA  501 1_555 ? ? ? ? ? ? ? 2.363 ? ? 
metalc5 metalc ? ? E CA  .  CA  ? ? ? 1_555 C GLN 29 OE1 ? ? B CA  501 C GLN 123 1_555 ? ? ? ? ? ? ? 2.788 ? ? 
metalc6 metalc ? ? E CA  .  CA  ? ? ? 1_555 D GLU 26 OE1 ? ? B CA  501 D GLU 120 1_555 ? ? ? ? ? ? ? 3.206 ? ? 
metalc7 metalc ? ? E CA  .  CA  ? ? ? 1_555 D GLU 26 OE2 ? ? B CA  501 D GLU 120 1_555 ? ? ? ? ? ? ? 2.514 ? ? 
metalc8 metalc ? ? E CA  .  CA  ? ? ? 1_555 D GLN 29 OE1 ? ? B CA  501 D GLN 123 1_555 ? ? ? ? ? ? ? 2.514 ? ? 
# 
_struct_conn_type.id          metalc 
_struct_conn_type.criteria    ? 
_struct_conn_type.reference   ? 
# 
loop_
_pdbx_struct_conn_angle.id 
_pdbx_struct_conn_angle.ptnr1_label_atom_id 
_pdbx_struct_conn_angle.ptnr1_label_alt_id 
_pdbx_struct_conn_angle.ptnr1_label_asym_id 
_pdbx_struct_conn_angle.ptnr1_label_comp_id 
_pdbx_struct_conn_angle.ptnr1_label_seq_id 
_pdbx_struct_conn_angle.ptnr1_auth_atom_id 
_pdbx_struct_conn_angle.ptnr1_auth_asym_id 
_pdbx_struct_conn_angle.ptnr1_auth_comp_id 
_pdbx_struct_conn_angle.ptnr1_auth_seq_id 
_pdbx_struct_conn_angle.ptnr1_PDB_ins_code 
_pdbx_struct_conn_angle.ptnr1_symmetry 
_pdbx_struct_conn_angle.ptnr2_label_atom_id 
_pdbx_struct_conn_angle.ptnr2_label_alt_id 
_pdbx_struct_conn_angle.ptnr2_label_asym_id 
_pdbx_struct_conn_angle.ptnr2_label_comp_id 
_pdbx_struct_conn_angle.ptnr2_label_seq_id 
_pdbx_struct_conn_angle.ptnr2_auth_atom_id 
_pdbx_struct_conn_angle.ptnr2_auth_asym_id 
_pdbx_struct_conn_angle.ptnr2_auth_comp_id 
_pdbx_struct_conn_angle.ptnr2_auth_seq_id 
_pdbx_struct_conn_angle.ptnr2_PDB_ins_code 
_pdbx_struct_conn_angle.ptnr2_symmetry 
_pdbx_struct_conn_angle.ptnr3_label_atom_id 
_pdbx_struct_conn_angle.ptnr3_label_alt_id 
_pdbx_struct_conn_angle.ptnr3_label_asym_id 
_pdbx_struct_conn_angle.ptnr3_label_comp_id 
_pdbx_struct_conn_angle.ptnr3_label_seq_id 
_pdbx_struct_conn_angle.ptnr3_auth_atom_id 
_pdbx_struct_conn_angle.ptnr3_auth_asym_id 
_pdbx_struct_conn_angle.ptnr3_auth_comp_id 
_pdbx_struct_conn_angle.ptnr3_auth_seq_id 
_pdbx_struct_conn_angle.ptnr3_PDB_ins_code 
_pdbx_struct_conn_angle.ptnr3_symmetry 
_pdbx_struct_conn_angle.value 
_pdbx_struct_conn_angle.value_esd 
1  OE1 ? A GLN 29 ? A GLN 123 ? 1_555 CA ? E CA . ? B CA 501 ? 1_555 OE1 ? B GLU 26 ? B GLU 120 ? 1_555 69.3  ? 
2  OE1 ? A GLN 29 ? A GLN 123 ? 1_555 CA ? E CA . ? B CA 501 ? 1_555 OE2 ? B GLU 26 ? B GLU 120 ? 1_555 113.6 ? 
3  OE1 ? B GLU 26 ? B GLU 120 ? 1_555 CA ? E CA . ? B CA 501 ? 1_555 OE2 ? B GLU 26 ? B GLU 120 ? 1_555 44.3  ? 
4  OE1 ? A GLN 29 ? A GLN 123 ? 1_555 CA ? E CA . ? B CA 501 ? 1_555 OE1 ? B GLN 29 ? B GLN 123 ? 1_555 99.9  ? 
5  OE1 ? B GLU 26 ? B GLU 120 ? 1_555 CA ? E CA . ? B CA 501 ? 1_555 OE1 ? B GLN 29 ? B GLN 123 ? 1_555 77.2  ? 
6  OE2 ? B GLU 26 ? B GLU 120 ? 1_555 CA ? E CA . ? B CA 501 ? 1_555 OE1 ? B GLN 29 ? B GLN 123 ? 1_555 71.3  ? 
7  OE1 ? A GLN 29 ? A GLN 123 ? 1_555 CA ? E CA . ? B CA 501 ? 1_555 OE1 ? C GLN 29 ? C GLN 123 ? 1_555 164.7 ? 
8  OE1 ? B GLU 26 ? B GLU 120 ? 1_555 CA ? E CA . ? B CA 501 ? 1_555 OE1 ? C GLN 29 ? C GLN 123 ? 1_555 123.5 ? 
9  OE2 ? B GLU 26 ? B GLU 120 ? 1_555 CA ? E CA . ? B CA 501 ? 1_555 OE1 ? C GLN 29 ? C GLN 123 ? 1_555 79.9  ? 
10 OE1 ? B GLN 29 ? B GLN 123 ? 1_555 CA ? E CA . ? B CA 501 ? 1_555 OE1 ? C GLN 29 ? C GLN 123 ? 1_555 77.0  ? 
11 OE1 ? A GLN 29 ? A GLN 123 ? 1_555 CA ? E CA . ? B CA 501 ? 1_555 OE1 ? D GLU 26 ? D GLU 120 ? 1_555 140.9 ? 
12 OE1 ? B GLU 26 ? B GLU 120 ? 1_555 CA ? E CA . ? B CA 501 ? 1_555 OE1 ? D GLU 26 ? D GLU 120 ? 1_555 92.7  ? 
13 OE2 ? B GLU 26 ? B GLU 120 ? 1_555 CA ? E CA . ? B CA 501 ? 1_555 OE1 ? D GLU 26 ? D GLU 120 ? 1_555 56.7  ? 
14 OE1 ? B GLN 29 ? B GLN 123 ? 1_555 CA ? E CA . ? B CA 501 ? 1_555 OE1 ? D GLU 26 ? D GLU 120 ? 1_555 109.8 ? 
15 OE1 ? C GLN 29 ? C GLN 123 ? 1_555 CA ? E CA . ? B CA 501 ? 1_555 OE1 ? D GLU 26 ? D GLU 120 ? 1_555 52.0  ? 
16 OE1 ? A GLN 29 ? A GLN 123 ? 1_555 CA ? E CA . ? B CA 501 ? 1_555 OE2 ? D GLU 26 ? D GLU 120 ? 1_555 96.3  ? 
17 OE1 ? B GLU 26 ? B GLU 120 ? 1_555 CA ? E CA . ? B CA 501 ? 1_555 OE2 ? D GLU 26 ? D GLU 120 ? 1_555 69.0  ? 
18 OE2 ? B GLU 26 ? B GLU 120 ? 1_555 CA ? E CA . ? B CA 501 ? 1_555 OE2 ? D GLU 26 ? D GLU 120 ? 1_555 62.9  ? 
19 OE1 ? B GLN 29 ? B GLN 123 ? 1_555 CA ? E CA . ? B CA 501 ? 1_555 OE2 ? D GLU 26 ? D GLU 120 ? 1_555 134.2 ? 
20 OE1 ? C GLN 29 ? C GLN 123 ? 1_555 CA ? E CA . ? B CA 501 ? 1_555 OE2 ? D GLU 26 ? D GLU 120 ? 1_555 96.4  ? 
21 OE1 ? D GLU 26 ? D GLU 120 ? 1_555 CA ? E CA . ? B CA 501 ? 1_555 OE2 ? D GLU 26 ? D GLU 120 ? 1_555 44.7  ? 
22 OE1 ? A GLN 29 ? A GLN 123 ? 1_555 CA ? E CA . ? B CA 501 ? 1_555 OE1 ? D GLN 29 ? D GLN 123 ? 1_555 63.0  ? 
23 OE1 ? B GLU 26 ? B GLU 120 ? 1_555 CA ? E CA . ? B CA 501 ? 1_555 OE1 ? D GLN 29 ? D GLN 123 ? 1_555 131.2 ? 
24 OE2 ? B GLU 26 ? B GLU 120 ? 1_555 CA ? E CA . ? B CA 501 ? 1_555 OE1 ? D GLN 29 ? D GLN 123 ? 1_555 168.6 ? 
25 OE1 ? B GLN 29 ? B GLN 123 ? 1_555 CA ? E CA . ? B CA 501 ? 1_555 OE1 ? D GLN 29 ? D GLN 123 ? 1_555 119.6 ? 
26 OE1 ? C GLN 29 ? C GLN 123 ? 1_555 CA ? E CA . ? B CA 501 ? 1_555 OE1 ? D GLN 29 ? D GLN 123 ? 1_555 105.2 ? 
27 OE1 ? D GLU 26 ? D GLU 120 ? 1_555 CA ? E CA . ? B CA 501 ? 1_555 OE1 ? D GLN 29 ? D GLN 123 ? 1_555 118.2 ? 
28 OE2 ? D GLU 26 ? D GLU 120 ? 1_555 CA ? E CA . ? B CA 501 ? 1_555 OE1 ? D GLN 29 ? D GLN 123 ? 1_555 106.0 ? 
# 
_struct_site.id                   AC1 
_struct_site.pdbx_evidence_code   Software 
_struct_site.pdbx_auth_asym_id    B 
_struct_site.pdbx_auth_comp_id    CA 
_struct_site.pdbx_auth_seq_id     501 
_struct_site.pdbx_auth_ins_code   ? 
_struct_site.pdbx_num_residues    6 
_struct_site.details              'BINDING SITE FOR RESIDUE CA B 501' 
# 
loop_
_struct_site_gen.id 
_struct_site_gen.site_id 
_struct_site_gen.pdbx_num_res 
_struct_site_gen.label_comp_id 
_struct_site_gen.label_asym_id 
_struct_site_gen.label_seq_id 
_struct_site_gen.pdbx_auth_ins_code 
_struct_site_gen.auth_comp_id 
_struct_site_gen.auth_asym_id 
_struct_site_gen.auth_seq_id 
_struct_site_gen.label_atom_id 
_struct_site_gen.label_alt_id 
_struct_site_gen.symmetry 
_struct_site_gen.details 
1 AC1 6 GLN A 29 ? GLN A 123 . ? 1_555 ? 
2 AC1 6 GLU B 26 ? GLU B 120 . ? 1_555 ? 
3 AC1 6 GLN B 29 ? GLN B 123 . ? 1_555 ? 
4 AC1 6 GLN C 29 ? GLN C 123 . ? 1_555 ? 
5 AC1 6 GLU D 26 ? GLU D 120 . ? 1_555 ? 
6 AC1 6 GLN D 29 ? GLN D 123 . ? 1_555 ? 
# 
_pdbx_validate_close_contact.id               1 
_pdbx_validate_close_contact.PDB_model_num    1 
_pdbx_validate_close_contact.auth_atom_id_1   O 
_pdbx_validate_close_contact.auth_asym_id_1   A 
_pdbx_validate_close_contact.auth_comp_id_1   ILE 
_pdbx_validate_close_contact.auth_seq_id_1    113 
_pdbx_validate_close_contact.PDB_ins_code_1   ? 
_pdbx_validate_close_contact.label_alt_id_1   ? 
_pdbx_validate_close_contact.auth_atom_id_2   OG1 
_pdbx_validate_close_contact.auth_asym_id_2   A 
_pdbx_validate_close_contact.auth_comp_id_2   THR 
_pdbx_validate_close_contact.auth_seq_id_2    117 
_pdbx_validate_close_contact.PDB_ins_code_2   ? 
_pdbx_validate_close_contact.label_alt_id_2   ? 
_pdbx_validate_close_contact.dist             2.17 
# 
loop_
_pdbx_validate_torsion.id 
_pdbx_validate_torsion.PDB_model_num 
_pdbx_validate_torsion.auth_comp_id 
_pdbx_validate_torsion.auth_asym_id 
_pdbx_validate_torsion.auth_seq_id 
_pdbx_validate_torsion.PDB_ins_code 
_pdbx_validate_torsion.label_alt_id 
_pdbx_validate_torsion.phi 
_pdbx_validate_torsion.psi 
1  1 ARG A 101 ? ? -62.03  34.60  
2  1 VAL A 102 ? ? -144.58 -59.31 
3  1 GLU A 120 ? ? -26.70  -57.16 
4  1 ARG A 137 ? ? -57.86  28.95  
5  1 GLU B 111 ? ? -28.11  -51.02 
6  1 ARG C 101 ? ? -51.31  0.83   
7  1 GLU C 125 ? ? -34.65  -72.15 
8  1 LEU C 126 ? ? -37.62  -30.40 
9  1 ARG C 137 ? ? -65.32  25.28  
10 1 VAL D 102 ? ? -28.01  -52.13 
11 1 LYS D 104 ? ? -54.00  -70.30 
12 1 THR D 135 ? ? -39.43  -10.70 
# 
loop_
_pdbx_refine_tls.id 
_pdbx_refine_tls.details 
_pdbx_refine_tls.method 
_pdbx_refine_tls.origin_x 
_pdbx_refine_tls.origin_y 
_pdbx_refine_tls.origin_z 
_pdbx_refine_tls.T[1][1] 
_pdbx_refine_tls.T[2][2] 
_pdbx_refine_tls.T[3][3] 
_pdbx_refine_tls.T[1][2] 
_pdbx_refine_tls.T[1][3] 
_pdbx_refine_tls.T[2][3] 
_pdbx_refine_tls.L[1][1] 
_pdbx_refine_tls.L[2][2] 
_pdbx_refine_tls.L[3][3] 
_pdbx_refine_tls.L[1][2] 
_pdbx_refine_tls.L[1][3] 
_pdbx_refine_tls.L[2][3] 
_pdbx_refine_tls.S[1][1] 
_pdbx_refine_tls.S[1][2] 
_pdbx_refine_tls.S[1][3] 
_pdbx_refine_tls.S[2][1] 
_pdbx_refine_tls.S[2][2] 
_pdbx_refine_tls.S[2][3] 
_pdbx_refine_tls.S[3][1] 
_pdbx_refine_tls.S[3][2] 
_pdbx_refine_tls.S[3][3] 
_pdbx_refine_tls.pdbx_refine_id 
1 ? refined 5.7666  -1.5764 1.8802  0.0263  0.2540 0.0936 0.0350  -0.0579 -0.0337 2.8523 42.3943 1.1726  -0.8390  0.6523  -4.1044  -0.2221 -0.0509 0.0916  -0.0560 0.2093 -0.9384 -0.1045 0.2128  0.0129  'X-RAY DIFFRACTION' 
2 ? refined -1.3928 1.4885  6.0353  -0.1167 0.1568 0.1420 -0.0047 -0.0296 -0.0476 3.7514 61.6591 12.5575 -10.9406 5.2341  -25.1557 -0.1994 -0.2005 0.1361  0.5507  0.3856 0.1705  -0.2310 -0.2939 -0.1861 'X-RAY DIFFRACTION' 
3 ? refined -5.9763 -1.6610 -0.6919 0.0269  0.2308 0.2154 0.1118  -0.0731 -0.0644 2.7345 20.6502 10.9825 3.4648   -1.2887 -13.3172 -0.3844 0.2472  0.2981  0.2986  0.2619 0.0418  -0.4093 -0.4859 0.1225  'X-RAY DIFFRACTION' 
4 ? refined 1.3577  -3.0478 -5.4744 0.0186  0.1779 0.0190 0.1064  -0.0225 -0.0384 7.0243 38.6715 5.3666  13.5016  -2.9263 -10.7038 -0.2344 0.3936  -0.1430 -0.6878 0.2865 -0.7779 -0.0171 -0.0255 -0.0521 'X-RAY DIFFRACTION' 
# 
loop_
_pdbx_refine_tls_group.id 
_pdbx_refine_tls_group.refine_tls_id 
_pdbx_refine_tls_group.beg_auth_asym_id 
_pdbx_refine_tls_group.beg_auth_seq_id 
_pdbx_refine_tls_group.beg_label_asym_id 
_pdbx_refine_tls_group.beg_label_seq_id 
_pdbx_refine_tls_group.end_auth_asym_id 
_pdbx_refine_tls_group.end_auth_seq_id 
_pdbx_refine_tls_group.end_label_asym_id 
_pdbx_refine_tls_group.end_label_seq_id 
_pdbx_refine_tls_group.selection 
_pdbx_refine_tls_group.pdbx_refine_id 
_pdbx_refine_tls_group.selection_details 
1 1 A 95 A 1 A 138 A 44 ? 'X-RAY DIFFRACTION' ? 
2 2 B 95 B 1 B 137 B 43 ? 'X-RAY DIFFRACTION' ? 
3 3 C 95 C 1 C 138 C 44 ? 'X-RAY DIFFRACTION' ? 
4 4 D 95 D 1 D 137 D 43 ? 'X-RAY DIFFRACTION' ? 
# 
loop_
_pdbx_unobs_or_zero_occ_residues.id 
_pdbx_unobs_or_zero_occ_residues.PDB_model_num 
_pdbx_unobs_or_zero_occ_residues.polymer_flag 
_pdbx_unobs_or_zero_occ_residues.occupancy_flag 
_pdbx_unobs_or_zero_occ_residues.auth_asym_id 
_pdbx_unobs_or_zero_occ_residues.auth_comp_id 
_pdbx_unobs_or_zero_occ_residues.auth_seq_id 
_pdbx_unobs_or_zero_occ_residues.PDB_ins_code 
_pdbx_unobs_or_zero_occ_residues.label_asym_id 
_pdbx_unobs_or_zero_occ_residues.label_comp_id 
_pdbx_unobs_or_zero_occ_residues.label_seq_id 
1  1 Y 1 A ALA 139 ? A ALA 45 
2  1 Y 1 A ASP 140 ? A ASP 46 
3  1 Y 1 A GLU 141 ? A GLU 47 
4  1 Y 1 A ILE 142 ? A ILE 48 
5  1 Y 1 A ASP 143 ? A ASP 49 
6  1 Y 1 A MET 144 ? A MET 50 
7  1 Y 1 A THR 145 ? A THR 51 
8  1 Y 1 A LYS 146 ? A LYS 52 
9  1 Y 1 B THR 138 ? B THR 44 
10 1 Y 1 B ALA 139 ? B ALA 45 
11 1 Y 1 B ASP 140 ? B ASP 46 
12 1 Y 1 B GLU 141 ? B GLU 47 
13 1 Y 1 B ILE 142 ? B ILE 48 
14 1 Y 1 B ASP 143 ? B ASP 49 
15 1 Y 1 B MET 144 ? B MET 50 
16 1 Y 1 B THR 145 ? B THR 51 
17 1 Y 1 B LYS 146 ? B LYS 52 
18 1 Y 1 C ALA 139 ? C ALA 45 
19 1 Y 1 C ASP 140 ? C ASP 46 
20 1 Y 1 C GLU 141 ? C GLU 47 
21 1 Y 1 C ILE 142 ? C ILE 48 
22 1 Y 1 C ASP 143 ? C ASP 49 
23 1 Y 1 C MET 144 ? C MET 50 
24 1 Y 1 C THR 145 ? C THR 51 
25 1 Y 1 C LYS 146 ? C LYS 52 
26 1 Y 1 D THR 138 ? D THR 44 
27 1 Y 1 D ALA 139 ? D ALA 45 
28 1 Y 1 D ASP 140 ? D ASP 46 
29 1 Y 1 D GLU 141 ? D GLU 47 
30 1 Y 1 D ILE 142 ? D ILE 48 
31 1 Y 1 D ASP 143 ? D ASP 49 
32 1 Y 1 D MET 144 ? D MET 50 
33 1 Y 1 D THR 145 ? D THR 51 
34 1 Y 1 D LYS 146 ? D LYS 52 
# 
loop_
_chem_comp_atom.comp_id 
_chem_comp_atom.atom_id 
_chem_comp_atom.type_symbol 
_chem_comp_atom.pdbx_aromatic_flag 
_chem_comp_atom.pdbx_stereo_config 
_chem_comp_atom.pdbx_ordinal 
ALA N    N  N N 1   
ALA CA   C  N S 2   
ALA C    C  N N 3   
ALA O    O  N N 4   
ALA CB   C  N N 5   
ALA OXT  O  N N 6   
ALA H    H  N N 7   
ALA H2   H  N N 8   
ALA HA   H  N N 9   
ALA HB1  H  N N 10  
ALA HB2  H  N N 11  
ALA HB3  H  N N 12  
ALA HXT  H  N N 13  
ARG N    N  N N 14  
ARG CA   C  N S 15  
ARG C    C  N N 16  
ARG O    O  N N 17  
ARG CB   C  N N 18  
ARG CG   C  N N 19  
ARG CD   C  N N 20  
ARG NE   N  N N 21  
ARG CZ   C  N N 22  
ARG NH1  N  N N 23  
ARG NH2  N  N N 24  
ARG OXT  O  N N 25  
ARG H    H  N N 26  
ARG H2   H  N N 27  
ARG HA   H  N N 28  
ARG HB2  H  N N 29  
ARG HB3  H  N N 30  
ARG HG2  H  N N 31  
ARG HG3  H  N N 32  
ARG HD2  H  N N 33  
ARG HD3  H  N N 34  
ARG HE   H  N N 35  
ARG HH11 H  N N 36  
ARG HH12 H  N N 37  
ARG HH21 H  N N 38  
ARG HH22 H  N N 39  
ARG HXT  H  N N 40  
ASP N    N  N N 41  
ASP CA   C  N S 42  
ASP C    C  N N 43  
ASP O    O  N N 44  
ASP CB   C  N N 45  
ASP CG   C  N N 46  
ASP OD1  O  N N 47  
ASP OD2  O  N N 48  
ASP OXT  O  N N 49  
ASP H    H  N N 50  
ASP H2   H  N N 51  
ASP HA   H  N N 52  
ASP HB2  H  N N 53  
ASP HB3  H  N N 54  
ASP HD2  H  N N 55  
ASP HXT  H  N N 56  
CA  CA   CA N N 57  
CYS N    N  N N 58  
CYS CA   C  N R 59  
CYS C    C  N N 60  
CYS O    O  N N 61  
CYS CB   C  N N 62  
CYS SG   S  N N 63  
CYS OXT  O  N N 64  
CYS H    H  N N 65  
CYS H2   H  N N 66  
CYS HA   H  N N 67  
CYS HB2  H  N N 68  
CYS HB3  H  N N 69  
CYS HG   H  N N 70  
CYS HXT  H  N N 71  
GLN N    N  N N 72  
GLN CA   C  N S 73  
GLN C    C  N N 74  
GLN O    O  N N 75  
GLN CB   C  N N 76  
GLN CG   C  N N 77  
GLN CD   C  N N 78  
GLN OE1  O  N N 79  
GLN NE2  N  N N 80  
GLN OXT  O  N N 81  
GLN H    H  N N 82  
GLN H2   H  N N 83  
GLN HA   H  N N 84  
GLN HB2  H  N N 85  
GLN HB3  H  N N 86  
GLN HG2  H  N N 87  
GLN HG3  H  N N 88  
GLN HE21 H  N N 89  
GLN HE22 H  N N 90  
GLN HXT  H  N N 91  
GLU N    N  N N 92  
GLU CA   C  N S 93  
GLU C    C  N N 94  
GLU O    O  N N 95  
GLU CB   C  N N 96  
GLU CG   C  N N 97  
GLU CD   C  N N 98  
GLU OE1  O  N N 99  
GLU OE2  O  N N 100 
GLU OXT  O  N N 101 
GLU H    H  N N 102 
GLU H2   H  N N 103 
GLU HA   H  N N 104 
GLU HB2  H  N N 105 
GLU HB3  H  N N 106 
GLU HG2  H  N N 107 
GLU HG3  H  N N 108 
GLU HE2  H  N N 109 
GLU HXT  H  N N 110 
HOH O    O  N N 111 
HOH H1   H  N N 112 
HOH H2   H  N N 113 
ILE N    N  N N 114 
ILE CA   C  N S 115 
ILE C    C  N N 116 
ILE O    O  N N 117 
ILE CB   C  N S 118 
ILE CG1  C  N N 119 
ILE CG2  C  N N 120 
ILE CD1  C  N N 121 
ILE OXT  O  N N 122 
ILE H    H  N N 123 
ILE H2   H  N N 124 
ILE HA   H  N N 125 
ILE HB   H  N N 126 
ILE HG12 H  N N 127 
ILE HG13 H  N N 128 
ILE HG21 H  N N 129 
ILE HG22 H  N N 130 
ILE HG23 H  N N 131 
ILE HD11 H  N N 132 
ILE HD12 H  N N 133 
ILE HD13 H  N N 134 
ILE HXT  H  N N 135 
LEU N    N  N N 136 
LEU CA   C  N S 137 
LEU C    C  N N 138 
LEU O    O  N N 139 
LEU CB   C  N N 140 
LEU CG   C  N N 141 
LEU CD1  C  N N 142 
LEU CD2  C  N N 143 
LEU OXT  O  N N 144 
LEU H    H  N N 145 
LEU H2   H  N N 146 
LEU HA   H  N N 147 
LEU HB2  H  N N 148 
LEU HB3  H  N N 149 
LEU HG   H  N N 150 
LEU HD11 H  N N 151 
LEU HD12 H  N N 152 
LEU HD13 H  N N 153 
LEU HD21 H  N N 154 
LEU HD22 H  N N 155 
LEU HD23 H  N N 156 
LEU HXT  H  N N 157 
LYS N    N  N N 158 
LYS CA   C  N S 159 
LYS C    C  N N 160 
LYS O    O  N N 161 
LYS CB   C  N N 162 
LYS CG   C  N N 163 
LYS CD   C  N N 164 
LYS CE   C  N N 165 
LYS NZ   N  N N 166 
LYS OXT  O  N N 167 
LYS H    H  N N 168 
LYS H2   H  N N 169 
LYS HA   H  N N 170 
LYS HB2  H  N N 171 
LYS HB3  H  N N 172 
LYS HG2  H  N N 173 
LYS HG3  H  N N 174 
LYS HD2  H  N N 175 
LYS HD3  H  N N 176 
LYS HE2  H  N N 177 
LYS HE3  H  N N 178 
LYS HZ1  H  N N 179 
LYS HZ2  H  N N 180 
LYS HZ3  H  N N 181 
LYS HXT  H  N N 182 
MET N    N  N N 183 
MET CA   C  N S 184 
MET C    C  N N 185 
MET O    O  N N 186 
MET CB   C  N N 187 
MET CG   C  N N 188 
MET SD   S  N N 189 
MET CE   C  N N 190 
MET OXT  O  N N 191 
MET H    H  N N 192 
MET H2   H  N N 193 
MET HA   H  N N 194 
MET HB2  H  N N 195 
MET HB3  H  N N 196 
MET HG2  H  N N 197 
MET HG3  H  N N 198 
MET HE1  H  N N 199 
MET HE2  H  N N 200 
MET HE3  H  N N 201 
MET HXT  H  N N 202 
THR N    N  N N 203 
THR CA   C  N S 204 
THR C    C  N N 205 
THR O    O  N N 206 
THR CB   C  N R 207 
THR OG1  O  N N 208 
THR CG2  C  N N 209 
THR OXT  O  N N 210 
THR H    H  N N 211 
THR H2   H  N N 212 
THR HA   H  N N 213 
THR HB   H  N N 214 
THR HG1  H  N N 215 
THR HG21 H  N N 216 
THR HG22 H  N N 217 
THR HG23 H  N N 218 
THR HXT  H  N N 219 
TYR N    N  N N 220 
TYR CA   C  N S 221 
TYR C    C  N N 222 
TYR O    O  N N 223 
TYR CB   C  N N 224 
TYR CG   C  Y N 225 
TYR CD1  C  Y N 226 
TYR CD2  C  Y N 227 
TYR CE1  C  Y N 228 
TYR CE2  C  Y N 229 
TYR CZ   C  Y N 230 
TYR OH   O  N N 231 
TYR OXT  O  N N 232 
TYR H    H  N N 233 
TYR H2   H  N N 234 
TYR HA   H  N N 235 
TYR HB2  H  N N 236 
TYR HB3  H  N N 237 
TYR HD1  H  N N 238 
TYR HD2  H  N N 239 
TYR HE1  H  N N 240 
TYR HE2  H  N N 241 
TYR HH   H  N N 242 
TYR HXT  H  N N 243 
VAL N    N  N N 244 
VAL CA   C  N S 245 
VAL C    C  N N 246 
VAL O    O  N N 247 
VAL CB   C  N N 248 
VAL CG1  C  N N 249 
VAL CG2  C  N N 250 
VAL OXT  O  N N 251 
VAL H    H  N N 252 
VAL H2   H  N N 253 
VAL HA   H  N N 254 
VAL HB   H  N N 255 
VAL HG11 H  N N 256 
VAL HG12 H  N N 257 
VAL HG13 H  N N 258 
VAL HG21 H  N N 259 
VAL HG22 H  N N 260 
VAL HG23 H  N N 261 
VAL HXT  H  N N 262 
# 
loop_
_chem_comp_bond.comp_id 
_chem_comp_bond.atom_id_1 
_chem_comp_bond.atom_id_2 
_chem_comp_bond.value_order 
_chem_comp_bond.pdbx_aromatic_flag 
_chem_comp_bond.pdbx_stereo_config 
_chem_comp_bond.pdbx_ordinal 
ALA N   CA   sing N N 1   
ALA N   H    sing N N 2   
ALA N   H2   sing N N 3   
ALA CA  C    sing N N 4   
ALA CA  CB   sing N N 5   
ALA CA  HA   sing N N 6   
ALA C   O    doub N N 7   
ALA C   OXT  sing N N 8   
ALA CB  HB1  sing N N 9   
ALA CB  HB2  sing N N 10  
ALA CB  HB3  sing N N 11  
ALA OXT HXT  sing N N 12  
ARG N   CA   sing N N 13  
ARG N   H    sing N N 14  
ARG N   H2   sing N N 15  
ARG CA  C    sing N N 16  
ARG CA  CB   sing N N 17  
ARG CA  HA   sing N N 18  
ARG C   O    doub N N 19  
ARG C   OXT  sing N N 20  
ARG CB  CG   sing N N 21  
ARG CB  HB2  sing N N 22  
ARG CB  HB3  sing N N 23  
ARG CG  CD   sing N N 24  
ARG CG  HG2  sing N N 25  
ARG CG  HG3  sing N N 26  
ARG CD  NE   sing N N 27  
ARG CD  HD2  sing N N 28  
ARG CD  HD3  sing N N 29  
ARG NE  CZ   sing N N 30  
ARG NE  HE   sing N N 31  
ARG CZ  NH1  sing N N 32  
ARG CZ  NH2  doub N N 33  
ARG NH1 HH11 sing N N 34  
ARG NH1 HH12 sing N N 35  
ARG NH2 HH21 sing N N 36  
ARG NH2 HH22 sing N N 37  
ARG OXT HXT  sing N N 38  
ASP N   CA   sing N N 39  
ASP N   H    sing N N 40  
ASP N   H2   sing N N 41  
ASP CA  C    sing N N 42  
ASP CA  CB   sing N N 43  
ASP CA  HA   sing N N 44  
ASP C   O    doub N N 45  
ASP C   OXT  sing N N 46  
ASP CB  CG   sing N N 47  
ASP CB  HB2  sing N N 48  
ASP CB  HB3  sing N N 49  
ASP CG  OD1  doub N N 50  
ASP CG  OD2  sing N N 51  
ASP OD2 HD2  sing N N 52  
ASP OXT HXT  sing N N 53  
CYS N   CA   sing N N 54  
CYS N   H    sing N N 55  
CYS N   H2   sing N N 56  
CYS CA  C    sing N N 57  
CYS CA  CB   sing N N 58  
CYS CA  HA   sing N N 59  
CYS C   O    doub N N 60  
CYS C   OXT  sing N N 61  
CYS CB  SG   sing N N 62  
CYS CB  HB2  sing N N 63  
CYS CB  HB3  sing N N 64  
CYS SG  HG   sing N N 65  
CYS OXT HXT  sing N N 66  
GLN N   CA   sing N N 67  
GLN N   H    sing N N 68  
GLN N   H2   sing N N 69  
GLN CA  C    sing N N 70  
GLN CA  CB   sing N N 71  
GLN CA  HA   sing N N 72  
GLN C   O    doub N N 73  
GLN C   OXT  sing N N 74  
GLN CB  CG   sing N N 75  
GLN CB  HB2  sing N N 76  
GLN CB  HB3  sing N N 77  
GLN CG  CD   sing N N 78  
GLN CG  HG2  sing N N 79  
GLN CG  HG3  sing N N 80  
GLN CD  OE1  doub N N 81  
GLN CD  NE2  sing N N 82  
GLN NE2 HE21 sing N N 83  
GLN NE2 HE22 sing N N 84  
GLN OXT HXT  sing N N 85  
GLU N   CA   sing N N 86  
GLU N   H    sing N N 87  
GLU N   H2   sing N N 88  
GLU CA  C    sing N N 89  
GLU CA  CB   sing N N 90  
GLU CA  HA   sing N N 91  
GLU C   O    doub N N 92  
GLU C   OXT  sing N N 93  
GLU CB  CG   sing N N 94  
GLU CB  HB2  sing N N 95  
GLU CB  HB3  sing N N 96  
GLU CG  CD   sing N N 97  
GLU CG  HG2  sing N N 98  
GLU CG  HG3  sing N N 99  
GLU CD  OE1  doub N N 100 
GLU CD  OE2  sing N N 101 
GLU OE2 HE2  sing N N 102 
GLU OXT HXT  sing N N 103 
HOH O   H1   sing N N 104 
HOH O   H2   sing N N 105 
ILE N   CA   sing N N 106 
ILE N   H    sing N N 107 
ILE N   H2   sing N N 108 
ILE CA  C    sing N N 109 
ILE CA  CB   sing N N 110 
ILE CA  HA   sing N N 111 
ILE C   O    doub N N 112 
ILE C   OXT  sing N N 113 
ILE CB  CG1  sing N N 114 
ILE CB  CG2  sing N N 115 
ILE CB  HB   sing N N 116 
ILE CG1 CD1  sing N N 117 
ILE CG1 HG12 sing N N 118 
ILE CG1 HG13 sing N N 119 
ILE CG2 HG21 sing N N 120 
ILE CG2 HG22 sing N N 121 
ILE CG2 HG23 sing N N 122 
ILE CD1 HD11 sing N N 123 
ILE CD1 HD12 sing N N 124 
ILE CD1 HD13 sing N N 125 
ILE OXT HXT  sing N N 126 
LEU N   CA   sing N N 127 
LEU N   H    sing N N 128 
LEU N   H2   sing N N 129 
LEU CA  C    sing N N 130 
LEU CA  CB   sing N N 131 
LEU CA  HA   sing N N 132 
LEU C   O    doub N N 133 
LEU C   OXT  sing N N 134 
LEU CB  CG   sing N N 135 
LEU CB  HB2  sing N N 136 
LEU CB  HB3  sing N N 137 
LEU CG  CD1  sing N N 138 
LEU CG  CD2  sing N N 139 
LEU CG  HG   sing N N 140 
LEU CD1 HD11 sing N N 141 
LEU CD1 HD12 sing N N 142 
LEU CD1 HD13 sing N N 143 
LEU CD2 HD21 sing N N 144 
LEU CD2 HD22 sing N N 145 
LEU CD2 HD23 sing N N 146 
LEU OXT HXT  sing N N 147 
LYS N   CA   sing N N 148 
LYS N   H    sing N N 149 
LYS N   H2   sing N N 150 
LYS CA  C    sing N N 151 
LYS CA  CB   sing N N 152 
LYS CA  HA   sing N N 153 
LYS C   O    doub N N 154 
LYS C   OXT  sing N N 155 
LYS CB  CG   sing N N 156 
LYS CB  HB2  sing N N 157 
LYS CB  HB3  sing N N 158 
LYS CG  CD   sing N N 159 
LYS CG  HG2  sing N N 160 
LYS CG  HG3  sing N N 161 
LYS CD  CE   sing N N 162 
LYS CD  HD2  sing N N 163 
LYS CD  HD3  sing N N 164 
LYS CE  NZ   sing N N 165 
LYS CE  HE2  sing N N 166 
LYS CE  HE3  sing N N 167 
LYS NZ  HZ1  sing N N 168 
LYS NZ  HZ2  sing N N 169 
LYS NZ  HZ3  sing N N 170 
LYS OXT HXT  sing N N 171 
MET N   CA   sing N N 172 
MET N   H    sing N N 173 
MET N   H2   sing N N 174 
MET CA  C    sing N N 175 
MET CA  CB   sing N N 176 
MET CA  HA   sing N N 177 
MET C   O    doub N N 178 
MET C   OXT  sing N N 179 
MET CB  CG   sing N N 180 
MET CB  HB2  sing N N 181 
MET CB  HB3  sing N N 182 
MET CG  SD   sing N N 183 
MET CG  HG2  sing N N 184 
MET CG  HG3  sing N N 185 
MET SD  CE   sing N N 186 
MET CE  HE1  sing N N 187 
MET CE  HE2  sing N N 188 
MET CE  HE3  sing N N 189 
MET OXT HXT  sing N N 190 
THR N   CA   sing N N 191 
THR N   H    sing N N 192 
THR N   H2   sing N N 193 
THR CA  C    sing N N 194 
THR CA  CB   sing N N 195 
THR CA  HA   sing N N 196 
THR C   O    doub N N 197 
THR C   OXT  sing N N 198 
THR CB  OG1  sing N N 199 
THR CB  CG2  sing N N 200 
THR CB  HB   sing N N 201 
THR OG1 HG1  sing N N 202 
THR CG2 HG21 sing N N 203 
THR CG2 HG22 sing N N 204 
THR CG2 HG23 sing N N 205 
THR OXT HXT  sing N N 206 
TYR N   CA   sing N N 207 
TYR N   H    sing N N 208 
TYR N   H2   sing N N 209 
TYR CA  C    sing N N 210 
TYR CA  CB   sing N N 211 
TYR CA  HA   sing N N 212 
TYR C   O    doub N N 213 
TYR C   OXT  sing N N 214 
TYR CB  CG   sing N N 215 
TYR CB  HB2  sing N N 216 
TYR CB  HB3  sing N N 217 
TYR CG  CD1  doub Y N 218 
TYR CG  CD2  sing Y N 219 
TYR CD1 CE1  sing Y N 220 
TYR CD1 HD1  sing N N 221 
TYR CD2 CE2  doub Y N 222 
TYR CD2 HD2  sing N N 223 
TYR CE1 CZ   doub Y N 224 
TYR CE1 HE1  sing N N 225 
TYR CE2 CZ   sing Y N 226 
TYR CE2 HE2  sing N N 227 
TYR CZ  OH   sing N N 228 
TYR OH  HH   sing N N 229 
TYR OXT HXT  sing N N 230 
VAL N   CA   sing N N 231 
VAL N   H    sing N N 232 
VAL N   H2   sing N N 233 
VAL CA  C    sing N N 234 
VAL CA  CB   sing N N 235 
VAL CA  HA   sing N N 236 
VAL C   O    doub N N 237 
VAL C   OXT  sing N N 238 
VAL CB  CG1  sing N N 239 
VAL CB  CG2  sing N N 240 
VAL CB  HB   sing N N 241 
VAL CG1 HG11 sing N N 242 
VAL CG1 HG12 sing N N 243 
VAL CG1 HG13 sing N N 244 
VAL CG2 HG21 sing N N 245 
VAL CG2 HG22 sing N N 246 
VAL CG2 HG23 sing N N 247 
VAL OXT HXT  sing N N 248 
# 
_pdbx_initial_refinement_model.accession_code   2O1K 
_pdbx_initial_refinement_model.id               1 
_pdbx_initial_refinement_model.entity_id_list   ? 
_pdbx_initial_refinement_model.type             'experimental model' 
_pdbx_initial_refinement_model.source_name      PDB 
_pdbx_initial_refinement_model.details          ? 
# 
_atom_sites.entry_id                    2O1J 
_atom_sites.fract_transf_matrix[1][1]   0.00714428 
_atom_sites.fract_transf_matrix[1][2]   0.00625128 
_atom_sites.fract_transf_matrix[1][3]   0.01824844 
_atom_sites.fract_transf_matrix[2][1]   -0.00035853 
_atom_sites.fract_transf_matrix[2][2]   -0.00518738 
_atom_sites.fract_transf_matrix[2][3]   0.00191738 
_atom_sites.fract_transf_matrix[3][1]   0.01921359 
_atom_sites.fract_transf_matrix[3][2]   -0.00364660 
_atom_sites.fract_transf_matrix[3][3]   -0.00627294 
_atom_sites.fract_transf_vector[1]      0.736883 
_atom_sites.fract_transf_vector[2]      0.691526 
_atom_sites.fract_transf_vector[3]      0.510341 
# 
loop_
_atom_type.symbol 
C  
CA 
N  
O  
S  
# 
loop_
_atom_site.group_PDB 
_atom_site.id 
_atom_site.type_symbol 
_atom_site.label_atom_id 
_atom_site.label_alt_id 
_atom_site.label_comp_id 
_atom_site.label_asym_id 
_atom_site.label_entity_id 
_atom_site.label_seq_id 
_atom_site.pdbx_PDB_ins_code 
_atom_site.Cartn_x 
_atom_site.Cartn_y 
_atom_site.Cartn_z 
_atom_site.occupancy 
_atom_site.B_iso_or_equiv 
_atom_site.pdbx_formal_charge 
_atom_site.auth_seq_id 
_atom_site.auth_comp_id 
_atom_site.auth_asym_id 
_atom_site.auth_atom_id 
_atom_site.pdbx_PDB_model_num 
ATOM   1    N  N   . ILE A 1 1  ? 1.486   31.655  -4.294  1.00 39.41 ? 95  ILE A N   1 
ATOM   2    C  CA  . ILE A 1 1  ? 2.514   31.874  -5.351  1.00 39.57 ? 95  ILE A CA  1 
ATOM   3    C  C   . ILE A 1 1  ? 3.555   30.757  -5.332  1.00 39.51 ? 95  ILE A C   1 
ATOM   4    O  O   . ILE A 1 1  ? 3.387   29.734  -5.992  1.00 39.23 ? 95  ILE A O   1 
ATOM   5    C  CB  . ILE A 1 1  ? 3.176   33.234  -5.165  1.00 39.64 ? 95  ILE A CB  1 
ATOM   6    N  N   . GLU A 1 2  ? 4.633   30.975  -4.584  1.00 39.73 ? 96  GLU A N   1 
ATOM   7    C  CA  . GLU A 1 2  ? 5.621   29.934  -4.312  1.00 39.93 ? 96  GLU A CA  1 
ATOM   8    C  C   . GLU A 1 2  ? 5.399   29.331  -2.928  1.00 40.12 ? 96  GLU A C   1 
ATOM   9    O  O   . GLU A 1 2  ? 5.737   28.173  -2.698  1.00 40.23 ? 96  GLU A O   1 
ATOM   10   C  CB  . GLU A 1 2  ? 7.031   30.476  -4.435  1.00 39.76 ? 96  GLU A CB  1 
ATOM   11   N  N   . THR A 1 3  ? 4.819   30.117  -2.018  1.00 40.39 ? 97  THR A N   1 
ATOM   12   C  CA  . THR A 1 3  ? 4.514   29.671  -0.650  1.00 40.59 ? 97  THR A CA  1 
ATOM   13   C  C   . THR A 1 3  ? 3.713   28.362  -0.620  1.00 40.70 ? 97  THR A C   1 
ATOM   14   O  O   . THR A 1 3  ? 4.229   27.322  -0.218  1.00 41.07 ? 97  THR A O   1 
ATOM   15   C  CB  . THR A 1 3  ? 3.791   30.772  0.133   1.00 40.52 ? 97  THR A CB  1 
ATOM   16   N  N   . GLN A 1 4  ? 2.462   28.410  -1.061  1.00 40.62 ? 98  GLN A N   1 
ATOM   17   C  CA  . GLN A 1 4  ? 1.644   27.212  -1.115  1.00 40.70 ? 98  GLN A CA  1 
ATOM   18   C  C   . GLN A 1 4  ? 2.274   26.205  -2.066  1.00 40.77 ? 98  GLN A C   1 
ATOM   19   O  O   . GLN A 1 4  ? 2.003   25.008  -1.979  1.00 41.28 ? 98  GLN A O   1 
ATOM   20   C  CB  . GLN A 1 4  ? 0.214   27.548  -1.546  1.00 40.48 ? 98  GLN A CB  1 
ATOM   21   N  N   . MET A 1 5  ? 3.145   26.683  -2.947  1.00 40.52 ? 99  MET A N   1 
ATOM   22   C  CA  . MET A 1 5  ? 3.643   25.849  -4.033  1.00 40.48 ? 99  MET A CA  1 
ATOM   23   C  C   . MET A 1 5  ? 4.697   24.856  -3.578  1.00 39.81 ? 99  MET A C   1 
ATOM   24   O  O   . MET A 1 5  ? 5.095   23.971  -4.336  1.00 39.61 ? 99  MET A O   1 
ATOM   25   C  CB  . MET A 1 5  ? 4.162   26.716  -5.178  1.00 41.00 ? 99  MET A CB  1 
ATOM   26   C  CG  . MET A 1 5  ? 3.980   26.093  -6.556  1.00 42.39 ? 99  MET A CG  1 
ATOM   27   S  SD  . MET A 1 5  ? 5.349   24.999  -6.964  1.00 45.41 ? 99  MET A SD  1 
ATOM   28   C  CE  . MET A 1 5  ? 6.635   26.253  -7.281  1.00 45.28 ? 99  MET A CE  1 
ATOM   29   N  N   . ASP A 1 6  ? 5.129   24.996  -2.333  1.00 39.29 ? 100 ASP A N   1 
ATOM   30   C  CA  . ASP A 1 6  ? 6.041   24.029  -1.734  1.00 39.09 ? 100 ASP A CA  1 
ATOM   31   C  C   . ASP A 1 6  ? 5.443   23.289  -0.547  1.00 38.97 ? 100 ASP A C   1 
ATOM   32   O  O   . ASP A 1 6  ? 5.925   22.204  -0.200  1.00 38.85 ? 100 ASP A O   1 
ATOM   33   C  CB  . ASP A 1 6  ? 7.355   24.687  -1.378  1.00 39.15 ? 100 ASP A CB  1 
ATOM   34   C  CG  . ASP A 1 6  ? 8.069   25.211  -2.596  1.00 39.83 ? 100 ASP A CG  1 
ATOM   35   O  OD1 . ASP A 1 6  ? 8.684   26.291  -2.493  1.00 39.98 ? 100 ASP A OD1 1 
ATOM   36   O  OD2 . ASP A 1 6  ? 7.992   24.556  -3.667  1.00 40.64 ? 100 ASP A OD2 1 
ATOM   37   N  N   . ARG A 1 7  ? 4.392   23.866  0.056   1.00 38.62 ? 101 ARG A N   1 
ATOM   38   C  CA  . ARG A 1 7  ? 3.473   23.116  0.917   1.00 37.94 ? 101 ARG A CA  1 
ATOM   39   C  C   . ARG A 1 7  ? 2.858   22.068  -0.010  1.00 37.51 ? 101 ARG A C   1 
ATOM   40   O  O   . ARG A 1 7  ? 1.699   21.700  0.116   1.00 37.66 ? 101 ARG A O   1 
ATOM   41   C  CB  . ARG A 1 7  ? 2.401   24.050  1.521   1.00 37.60 ? 101 ARG A CB  1 
ATOM   42   N  N   . VAL A 1 8  ? 3.685   21.604  -0.944  1.00 36.82 ? 102 VAL A N   1 
ATOM   43   C  CA  . VAL A 1 8  ? 3.305   20.753  -2.044  1.00 36.45 ? 102 VAL A CA  1 
ATOM   44   C  C   . VAL A 1 8  ? 4.455   19.798  -2.297  1.00 36.21 ? 102 VAL A C   1 
ATOM   45   O  O   . VAL A 1 8  ? 4.285   18.596  -2.202  1.00 36.53 ? 102 VAL A O   1 
ATOM   46   C  CB  . VAL A 1 8  ? 2.966   21.586  -3.311  1.00 36.56 ? 102 VAL A CB  1 
ATOM   47   C  CG1 . VAL A 1 8  ? 3.489   20.940  -4.591  1.00 36.85 ? 102 VAL A CG1 1 
ATOM   48   C  CG2 . VAL A 1 8  ? 1.468   21.803  -3.418  1.00 36.77 ? 102 VAL A CG2 1 
ATOM   49   N  N   . VAL A 1 9  ? 5.633   20.327  -2.601  1.00 35.93 ? 103 VAL A N   1 
ATOM   50   C  CA  . VAL A 1 9  ? 6.816   19.489  -2.781  1.00 35.62 ? 103 VAL A CA  1 
ATOM   51   C  C   . VAL A 1 9  ? 7.190   18.920  -1.418  1.00 35.46 ? 103 VAL A C   1 
ATOM   52   O  O   . VAL A 1 9  ? 7.825   17.869  -1.328  1.00 35.29 ? 103 VAL A O   1 
ATOM   53   C  CB  . VAL A 1 9  ? 8.025   20.272  -3.355  1.00 35.58 ? 103 VAL A CB  1 
ATOM   54   C  CG1 . VAL A 1 9  ? 9.140   19.315  -3.734  1.00 35.70 ? 103 VAL A CG1 1 
ATOM   55   C  CG2 . VAL A 1 9  ? 7.628   21.077  -4.573  1.00 35.80 ? 103 VAL A CG2 1 
ATOM   56   N  N   . LYS A 1 10 ? 6.798   19.645  -0.367  1.00 35.41 ? 104 LYS A N   1 
ATOM   57   C  CA  . LYS A 1 10 ? 6.941   19.189  1.014   1.00 35.10 ? 104 LYS A CA  1 
ATOM   58   C  C   . LYS A 1 10 ? 6.132   17.911  1.187   1.00 35.00 ? 104 LYS A C   1 
ATOM   59   O  O   . LYS A 1 10 ? 6.646   16.915  1.689   1.00 35.28 ? 104 LYS A O   1 
ATOM   60   C  CB  . LYS A 1 10 ? 6.478   20.272  2.015   1.00 34.74 ? 104 LYS A CB  1 
ATOM   61   N  N   . GLU A 1 11 ? 4.882   17.928  0.733   1.00 34.59 ? 105 GLU A N   1 
ATOM   62   C  CA  . GLU A 1 11 ? 4.007   16.789  0.921   1.00 34.56 ? 105 GLU A CA  1 
ATOM   63   C  C   . GLU A 1 11 ? 4.535   15.624  0.141   1.00 33.74 ? 105 GLU A C   1 
ATOM   64   O  O   . GLU A 1 11 ? 4.603   14.517  0.627   1.00 33.83 ? 105 GLU A O   1 
ATOM   65   C  CB  . GLU A 1 11 ? 2.583   17.104  0.475   1.00 35.08 ? 105 GLU A CB  1 
ATOM   66   C  CG  . GLU A 1 11 ? 2.001   18.400  1.052   1.00 37.99 ? 105 GLU A CG  1 
ATOM   67   C  CD  . GLU A 1 11 ? 1.740   18.348  2.566   1.00 41.13 ? 105 GLU A CD  1 
ATOM   68   O  OE1 . GLU A 1 11 ? 0.693   18.899  3.002   1.00 41.74 ? 105 GLU A OE1 1 
ATOM   69   O  OE2 . GLU A 1 11 ? 2.573   17.768  3.311   1.00 41.98 ? 105 GLU A OE2 1 
ATOM   70   N  N   . MET A 1 12 ? 4.936   15.888  -1.080  1.00 33.21 ? 106 MET A N   1 
ATOM   71   C  CA  . MET A 1 12 ? 5.375   14.827  -1.931  1.00 32.90 ? 106 MET A CA  1 
ATOM   72   C  C   . MET A 1 12 ? 6.570   14.099  -1.385  1.00 31.64 ? 106 MET A C   1 
ATOM   73   O  O   . MET A 1 12 ? 6.562   12.878  -1.372  1.00 31.84 ? 106 MET A O   1 
ATOM   74   C  CB  . MET A 1 12 ? 5.649   15.360  -3.305  1.00 32.45 ? 106 MET A CB  1 
ATOM   75   C  CG  . MET A 1 12 ? 4.465   15.160  -4.163  1.00 33.58 ? 106 MET A CG  1 
ATOM   76   S  SD  . MET A 1 12 ? 4.538   16.213  -5.604  1.00 35.81 ? 106 MET A SD  1 
ATOM   77   C  CE  . MET A 1 12 ? 6.081   15.676  -6.354  1.00 35.80 ? 106 MET A CE  1 
ATOM   78   N  N   . ARG A 1 13 ? 7.578   14.838  -0.925  1.00 30.46 ? 107 ARG A N   1 
ATOM   79   C  CA  . ARG A 1 13 ? 8.755   14.241  -0.312  1.00 29.21 ? 107 ARG A CA  1 
ATOM   80   C  C   . ARG A 1 13 ? 8.315   13.312  0.810   1.00 28.60 ? 107 ARG A C   1 
ATOM   81   O  O   . ARG A 1 13 ? 8.785   12.179  0.896   1.00 28.45 ? 107 ARG A O   1 
ATOM   82   C  CB  . ARG A 1 13 ? 9.691   15.306  0.210   1.00 29.22 ? 107 ARG A CB  1 
ATOM   83   N  N   . ARG A 1 14 ? 7.389   13.791  1.637   1.00 27.81 ? 108 ARG A N   1 
ATOM   84   C  CA  . ARG A 1 14 ? 6.796   12.992  2.707   1.00 27.30 ? 108 ARG A CA  1 
ATOM   85   C  C   . ARG A 1 14 ? 5.942   11.810  2.171   1.00 26.99 ? 108 ARG A C   1 
ATOM   86   O  O   . ARG A 1 14 ? 5.947   10.711  2.749   1.00 27.35 ? 108 ARG A O   1 
ATOM   87   C  CB  . ARG A 1 14 ? 5.993   13.890  3.686   1.00 27.09 ? 108 ARG A CB  1 
ATOM   88   N  N   . GLN A 1 15 ? 5.237   12.018  1.062   1.00 26.26 ? 109 GLN A N   1 
ATOM   89   C  CA  . GLN A 1 15 ? 4.393   10.971  0.492   1.00 25.76 ? 109 GLN A CA  1 
ATOM   90   C  C   . GLN A 1 15 ? 5.284   9.808   0.104   1.00 24.58 ? 109 GLN A C   1 
ATOM   91   O  O   . GLN A 1 15 ? 5.019   8.670   0.472   1.00 24.98 ? 109 GLN A O   1 
ATOM   92   C  CB  . GLN A 1 15 ? 3.633   11.469  -0.741  1.00 25.53 ? 109 GLN A CB  1 
ATOM   93   C  CG  . GLN A 1 15 ? 2.284   12.151  -0.505  1.00 26.49 ? 109 GLN A CG  1 
ATOM   94   C  CD  . GLN A 1 15 ? 1.256   11.889  -1.677  1.00 28.41 ? 109 GLN A CD  1 
ATOM   95   O  OE1 . GLN A 1 15 ? 0.921   10.732  -1.992  1.00 29.95 ? 109 GLN A OE1 1 
ATOM   96   N  NE2 . GLN A 1 15 ? 0.756   12.973  -2.302  1.00 31.19 ? 109 GLN A NE2 1 
ATOM   97   N  N   . LEU A 1 16 ? 6.360   10.113  -0.616  1.00 23.21 ? 110 LEU A N   1 
ATOM   98   C  CA  . LEU A 1 16 ? 7.206   9.093   -1.228  1.00 22.25 ? 110 LEU A CA  1 
ATOM   99   C  C   . LEU A 1 16 ? 8.013   8.365   -0.173  1.00 21.36 ? 110 LEU A C   1 
ATOM   100  O  O   . LEU A 1 16 ? 8.394   7.208   -0.354  1.00 20.99 ? 110 LEU A O   1 
ATOM   101  C  CB  . LEU A 1 16 ? 8.114   9.706   -2.311  1.00 22.45 ? 110 LEU A CB  1 
ATOM   102  C  CG  . LEU A 1 16 ? 9.591   9.261   -2.396  1.00 23.19 ? 110 LEU A CG  1 
ATOM   103  C  CD1 . LEU A 1 16 ? 9.793   8.046   -3.283  1.00 22.94 ? 110 LEU A CD1 1 
ATOM   104  C  CD2 . LEU A 1 16 ? 10.532  10.396  -2.814  1.00 22.76 ? 110 LEU A CD2 1 
ATOM   105  N  N   . GLU A 1 17 ? 8.280   9.047   0.929   1.00 20.29 ? 111 GLU A N   1 
ATOM   106  C  CA  . GLU A 1 17 ? 8.891   8.381   2.037   1.00 19.67 ? 111 GLU A CA  1 
ATOM   107  C  C   . GLU A 1 17 ? 7.952   7.249   2.452   1.00 19.03 ? 111 GLU A C   1 
ATOM   108  O  O   . GLU A 1 17 ? 8.396   6.106   2.691   1.00 18.80 ? 111 GLU A O   1 
ATOM   109  C  CB  . GLU A 1 17 ? 9.057   9.338   3.196   1.00 19.98 ? 111 GLU A CB  1 
ATOM   110  C  CG  . GLU A 1 17 ? 9.785   8.725   4.368   1.00 22.63 ? 111 GLU A CG  1 
ATOM   111  C  CD  . GLU A 1 17 ? 11.284  8.831   4.211   1.00 26.56 ? 111 GLU A CD  1 
ATOM   112  O  OE1 . GLU A 1 17 ? 11.717  9.623   3.331   1.00 27.58 ? 111 GLU A OE1 1 
ATOM   113  O  OE2 . GLU A 1 17 ? 12.025  8.143   4.969   1.00 27.93 ? 111 GLU A OE2 1 
ATOM   114  N  N   . MET A 1 18 ? 6.651   7.553   2.559   1.00 17.73 ? 112 MET A N   1 
ATOM   115  C  CA  . MET A 1 18 ? 5.722   6.527   3.068   1.00 15.97 ? 112 MET A CA  1 
ATOM   116  C  C   . MET A 1 18 ? 5.558   5.406   2.016   1.00 14.91 ? 112 MET A C   1 
ATOM   117  O  O   . MET A 1 18 ? 5.655   4.190   2.306   1.00 13.68 ? 112 MET A O   1 
ATOM   118  C  CB  . MET A 1 18 ? 4.418   7.134   3.545   1.00 15.64 ? 112 MET A CB  1 
ATOM   119  C  CG  . MET A 1 18 ? 4.615   8.383   4.372   1.00 14.22 ? 112 MET A CG  1 
ATOM   120  S  SD  . MET A 1 18 ? 3.019   8.953   4.996   0.50 14.87 ? 112 MET A SD  1 
ATOM   121  C  CE  . MET A 1 18 ? 3.096   10.710  4.653   1.00 16.16 ? 112 MET A CE  1 
ATOM   122  N  N   . ILE A 1 19 ? 5.436   5.820   0.776   1.00 13.66 ? 113 ILE A N   1 
ATOM   123  C  CA  . ILE A 1 19 ? 5.411   4.830   -0.256  1.00 13.96 ? 113 ILE A CA  1 
ATOM   124  C  C   . ILE A 1 19 ? 6.675   3.951   -0.248  1.00 14.17 ? 113 ILE A C   1 
ATOM   125  O  O   . ILE A 1 19 ? 6.642   2.808   -0.685  1.00 14.30 ? 113 ILE A O   1 
ATOM   126  C  CB  . ILE A 1 19 ? 5.056   5.451   -1.590  1.00 13.78 ? 113 ILE A CB  1 
ATOM   127  C  CG1 . ILE A 1 19 ? 3.568   5.837   -1.557  1.00 12.93 ? 113 ILE A CG1 1 
ATOM   128  C  CG2 . ILE A 1 19 ? 5.252   4.449   -2.689  1.00 14.53 ? 113 ILE A CG2 1 
ATOM   129  C  CD1 . ILE A 1 19 ? 3.312   7.225   -1.999  1.00 12.54 ? 113 ILE A CD1 1 
ATOM   130  N  N   . ASP A 1 20 ? 7.769   4.457   0.310   1.00 14.49 ? 114 ASP A N   1 
ATOM   131  C  CA  . ASP A 1 20 ? 8.926   3.619   0.533   1.00 14.23 ? 114 ASP A CA  1 
ATOM   132  C  C   . ASP A 1 20 ? 8.723   2.735   1.756   1.00 13.67 ? 114 ASP A C   1 
ATOM   133  O  O   . ASP A 1 20 ? 8.976   1.564   1.644   1.00 14.07 ? 114 ASP A O   1 
ATOM   134  C  CB  . ASP A 1 20 ? 10.206  4.433   0.647   1.00 14.89 ? 114 ASP A CB  1 
ATOM   135  C  CG  . ASP A 1 20 ? 11.456  3.563   0.624   1.00 18.65 ? 114 ASP A CG  1 
ATOM   136  O  OD1 . ASP A 1 20 ? 12.274  3.518   1.616   1.00 21.78 ? 114 ASP A OD1 1 
ATOM   137  O  OD2 . ASP A 1 20 ? 11.628  2.918   -0.435  1.00 23.44 ? 114 ASP A OD2 1 
ATOM   138  N  N   . LYS A 1 21 ? 8.262   3.230   2.907   1.00 12.73 ? 115 LYS A N   1 
ATOM   139  C  CA  . LYS A 1 21 ? 8.105   2.301   4.037   1.00 13.13 ? 115 LYS A CA  1 
ATOM   140  C  C   . LYS A 1 21 ? 7.339   1.040   3.633   1.00 12.64 ? 115 LYS A C   1 
ATOM   141  O  O   . LYS A 1 21 ? 7.849   -0.078  3.766   1.00 13.60 ? 115 LYS A O   1 
ATOM   142  C  CB  . LYS A 1 21 ? 7.428   2.944   5.251   1.00 13.09 ? 115 LYS A CB  1 
ATOM   143  C  CG  . LYS A 1 21 ? 8.409   3.454   6.320   1.00 15.60 ? 115 LYS A CG  1 
ATOM   144  C  CD  . LYS A 1 21 ? 7.742   4.424   7.325   1.00 15.29 ? 115 LYS A CD  1 
ATOM   145  C  CE  . LYS A 1 21 ? 7.505   5.842   6.761   1.00 17.74 ? 115 LYS A CE  1 
ATOM   146  N  NZ  . LYS A 1 21 ? 7.147   6.823   7.856   1.00 17.46 ? 115 LYS A NZ  1 
ATOM   147  N  N   . LEU A 1 22 ? 6.113   1.226   3.151   1.00 11.52 ? 116 LEU A N   1 
ATOM   148  C  CA  . LEU A 1 22 ? 5.231   0.155   2.722   1.00 10.65 ? 116 LEU A CA  1 
ATOM   149  C  C   . LEU A 1 22 ? 5.890   -0.899  1.796   1.00 10.18 ? 116 LEU A C   1 
ATOM   150  O  O   . LEU A 1 22 ? 5.761   -2.093  2.011   1.00 9.74  ? 116 LEU A O   1 
ATOM   151  C  CB  . LEU A 1 22 ? 4.064   0.787   1.917   1.00 11.24 ? 116 LEU A CB  1 
ATOM   152  C  CG  . LEU A 1 22 ? 2.878   1.486   2.524   1.00 8.71  ? 116 LEU A CG  1 
ATOM   153  C  CD1 . LEU A 1 22 ? 2.283   2.431   1.530   1.00 10.52 ? 116 LEU A CD1 1 
ATOM   154  C  CD2 . LEU A 1 22 ? 1.890   0.457   2.859   1.00 10.84 ? 116 LEU A CD2 1 
ATOM   155  N  N   . THR A 1 23 ? 6.521   -0.438  0.719   1.00 9.50  ? 117 THR A N   1 
ATOM   156  C  CA  . THR A 1 23 ? 7.203   -1.313  -0.236  1.00 9.64  ? 117 THR A CA  1 
ATOM   157  C  C   . THR A 1 23 ? 8.236   -2.206  0.434   1.00 9.55  ? 117 THR A C   1 
ATOM   158  O  O   . THR A 1 23 ? 8.329   -3.390  0.116   1.00 9.06  ? 117 THR A O   1 
ATOM   159  C  CB  . THR A 1 23 ? 7.894   -0.482  -1.285  1.00 10.04 ? 117 THR A CB  1 
ATOM   160  O  OG1 . THR A 1 23 ? 7.308   0.828   -1.272  1.00 11.57 ? 117 THR A OG1 1 
ATOM   161  C  CG2 . THR A 1 23 ? 7.749   -1.118  -2.696  1.00 9.74  ? 117 THR A CG2 1 
ATOM   162  N  N   . THR A 1 24 ? 8.997   -1.669  1.381   1.00 9.37  ? 118 THR A N   1 
ATOM   163  C  CA  . THR A 1 24 ? 9.796   -2.572  2.185   1.00 9.97  ? 118 THR A CA  1 
ATOM   164  C  C   . THR A 1 24 ? 8.976   -3.371  3.185   1.00 9.83  ? 118 THR A C   1 
ATOM   165  O  O   . THR A 1 24 ? 9.357   -4.494  3.506   1.00 10.55 ? 118 THR A O   1 
ATOM   166  C  CB  . THR A 1 24 ? 11.005  -1.917  2.888   1.00 10.00 ? 118 THR A CB  1 
ATOM   167  O  OG1 . THR A 1 24 ? 10.566  -1.159  4.022   1.00 12.38 ? 118 THR A OG1 1 
ATOM   168  C  CG2 . THR A 1 24 ? 11.779  -1.030  1.936   1.00 10.83 ? 118 THR A CG2 1 
ATOM   169  N  N   . ARG A 1 25 ? 7.885   -2.848  3.713   1.00 9.32  ? 119 ARG A N   1 
ATOM   170  C  CA  . ARG A 1 25 ? 7.126   -3.720  4.576   1.00 10.20 ? 119 ARG A CA  1 
ATOM   171  C  C   . ARG A 1 25 ? 6.506   -4.874  3.768   1.00 10.54 ? 119 ARG A C   1 
ATOM   172  O  O   . ARG A 1 25 ? 6.828   -6.064  3.982   1.00 10.40 ? 119 ARG A O   1 
ATOM   173  C  CB  . ARG A 1 25 ? 6.070   -2.954  5.339   1.00 11.06 ? 119 ARG A CB  1 
ATOM   174  C  CG  . ARG A 1 25 ? 6.652   -2.023  6.379   1.00 13.38 ? 119 ARG A CG  1 
ATOM   175  C  CD  . ARG A 1 25 ? 5.872   -2.095  7.710   1.00 18.95 ? 119 ARG A CD  1 
ATOM   176  N  NE  . ARG A 1 25 ? 6.439   -1.113  8.648   1.00 22.30 ? 119 ARG A NE  1 
ATOM   177  C  CZ  . ARG A 1 25 ? 5.991   0.142   8.790   1.00 21.61 ? 119 ARG A CZ  1 
ATOM   178  N  NH1 . ARG A 1 25 ? 4.928   0.594   8.100   1.00 21.43 ? 119 ARG A NH1 1 
ATOM   179  N  NH2 . ARG A 1 25 ? 6.603   0.943   9.634   1.00 19.61 ? 119 ARG A NH2 1 
ATOM   180  N  N   . GLU A 1 26 ? 5.630   -4.524  2.832   1.00 10.30 ? 120 GLU A N   1 
ATOM   181  C  CA  . GLU A 1 26 ? 5.194   -5.451  1.811   1.00 10.84 ? 120 GLU A CA  1 
ATOM   182  C  C   . GLU A 1 26 ? 6.329   -6.521  1.576   1.00 9.90  ? 120 GLU A C   1 
ATOM   183  O  O   . GLU A 1 26 ? 6.115   -7.727  1.785   1.00 9.60  ? 120 GLU A O   1 
ATOM   184  C  CB  . GLU A 1 26 ? 4.793   -4.644  0.574   1.00 10.57 ? 120 GLU A CB  1 
ATOM   185  C  CG  . GLU A 1 26 ? 4.540   -5.404  -0.716  1.00 16.03 ? 120 GLU A CG  1 
ATOM   186  C  CD  . GLU A 1 26 ? 5.836   -5.986  -1.420  1.00 23.86 ? 120 GLU A CD  1 
ATOM   187  O  OE1 . GLU A 1 26 ? 6.633   -5.254  -2.112  1.00 24.91 ? 120 GLU A OE1 1 
ATOM   188  O  OE2 . GLU A 1 26 ? 6.033   -7.226  -1.307  1.00 28.23 ? 120 GLU A OE2 1 
ATOM   189  N  N   . ILE A 1 27 ? 7.541   -6.087  1.232   1.00 8.67  ? 121 ILE A N   1 
ATOM   190  C  CA  . ILE A 1 27 ? 8.596   -7.042  0.968   1.00 8.20  ? 121 ILE A CA  1 
ATOM   191  C  C   . ILE A 1 27 ? 8.697   -8.044  2.092   1.00 8.41  ? 121 ILE A C   1 
ATOM   192  O  O   . ILE A 1 27 ? 8.849   -9.235  1.823   1.00 7.68  ? 121 ILE A O   1 
ATOM   193  C  CB  . ILE A 1 27 ? 9.977   -6.367  0.713   1.00 9.21  ? 121 ILE A CB  1 
ATOM   194  C  CG1 . ILE A 1 27 ? 10.131  -5.983  -0.778  1.00 9.41  ? 121 ILE A CG1 1 
ATOM   195  C  CG2 . ILE A 1 27 ? 11.185  -7.290  1.183   1.00 9.21  ? 121 ILE A CG2 1 
ATOM   196  C  CD1 . ILE A 1 27 ? 11.405  -5.191  -1.122  1.00 7.67  ? 121 ILE A CD1 1 
ATOM   197  N  N   . GLU A 1 28 ? 8.601   -7.561  3.346   1.00 8.38  ? 122 GLU A N   1 
ATOM   198  C  CA  . GLU A 1 28 ? 8.705   -8.401  4.537   1.00 7.66  ? 122 GLU A CA  1 
ATOM   199  C  C   . GLU A 1 28 ? 7.611   -9.455  4.555   1.00 7.58  ? 122 GLU A C   1 
ATOM   200  O  O   . GLU A 1 28 ? 7.944   -10.645 4.757   1.00 8.42  ? 122 GLU A O   1 
ATOM   201  C  CB  . GLU A 1 28 ? 8.655   -7.568  5.816   1.00 8.14  ? 122 GLU A CB  1 
ATOM   202  C  CG  . GLU A 1 28 ? 8.928   -8.336  7.175   1.00 8.50  ? 122 GLU A CG  1 
ATOM   203  C  CD  . GLU A 1 28 ? 8.767   -7.439  8.440   1.00 8.97  ? 122 GLU A CD  1 
ATOM   204  O  OE1 . GLU A 1 28 ? 8.475   -6.220  8.281   1.00 10.85 ? 122 GLU A OE1 1 
ATOM   205  O  OE2 . GLU A 1 28 ? 8.914   -7.952  9.590   1.00 11.23 ? 122 GLU A OE2 1 
ATOM   206  N  N   . GLN A 1 29 ? 6.339   -9.058  4.321   1.00 5.92  ? 123 GLN A N   1 
ATOM   207  C  CA  . GLN A 1 29 ? 5.220   -10.010 4.407   1.00 3.44  ? 123 GLN A CA  1 
ATOM   208  C  C   . GLN A 1 29 ? 5.327   -11.038 3.315   1.00 2.00  ? 123 GLN A C   1 
ATOM   209  O  O   . GLN A 1 29 ? 4.940   -12.199 3.490   1.00 2.00  ? 123 GLN A O   1 
ATOM   210  C  CB  . GLN A 1 29 ? 3.852   -9.342  4.286   1.00 3.08  ? 123 GLN A CB  1 
ATOM   211  C  CG  . GLN A 1 29 ? 3.476   -8.258  5.267   1.00 2.43  ? 123 GLN A CG  1 
ATOM   212  C  CD  . GLN A 1 29 ? 2.492   -7.244  4.613   1.00 7.16  ? 123 GLN A CD  1 
ATOM   213  O  OE1 . GLN A 1 29 ? 2.483   -7.070  3.360   1.00 10.26 ? 123 GLN A OE1 1 
ATOM   214  N  NE2 . GLN A 1 29 ? 1.690   -6.560  5.432   1.00 2.00  ? 123 GLN A NE2 1 
ATOM   215  N  N   . VAL A 1 30 ? 5.819   -10.613 2.164   1.00 2.19  ? 124 VAL A N   1 
ATOM   216  C  CA  . VAL A 1 30 ? 5.785   -11.514 0.971   1.00 3.06  ? 124 VAL A CA  1 
ATOM   217  C  C   . VAL A 1 30 ? 6.640   -12.712 1.258   1.00 4.09  ? 124 VAL A C   1 
ATOM   218  O  O   . VAL A 1 30 ? 6.296   -13.836 0.885   1.00 4.79  ? 124 VAL A O   1 
ATOM   219  C  CB  . VAL A 1 30 ? 6.224   -10.888 -0.397  1.00 2.20  ? 124 VAL A CB  1 
ATOM   220  C  CG1 . VAL A 1 30 ? 7.623   -10.430 -0.350  1.00 2.88  ? 124 VAL A CG1 1 
ATOM   221  C  CG2 . VAL A 1 30 ? 6.080   -11.897 -1.528  1.00 2.11  ? 124 VAL A CG2 1 
ATOM   222  N  N   . GLU A 1 31 ? 7.750   -12.496 1.960   1.00 5.06  ? 125 GLU A N   1 
ATOM   223  C  CA  . GLU A 1 31 ? 8.468   -13.643 2.396   1.00 5.09  ? 125 GLU A CA  1 
ATOM   224  C  C   . GLU A 1 31 ? 8.064   -14.232 3.729   1.00 4.92  ? 125 GLU A C   1 
ATOM   225  O  O   . GLU A 1 31 ? 8.644   -15.194 4.146   1.00 6.44  ? 125 GLU A O   1 
ATOM   226  C  CB  . GLU A 1 31 ? 9.941   -13.495 2.173   1.00 4.60  ? 125 GLU A CB  1 
ATOM   227  C  CG  . GLU A 1 31 ? 10.361  -14.572 1.173   1.00 8.25  ? 125 GLU A CG  1 
ATOM   228  C  CD  . GLU A 1 31 ? 11.133  -14.010 0.004   1.00 14.14 ? 125 GLU A CD  1 
ATOM   229  O  OE1 . GLU A 1 31 ? 11.066  -12.745 -0.194  1.00 15.30 ? 125 GLU A OE1 1 
ATOM   230  O  OE2 . GLU A 1 31 ? 11.793  -14.839 -0.710  1.00 15.83 ? 125 GLU A OE2 1 
ATOM   231  N  N   . LEU A 1 32 ? 7.021   -13.731 4.370   1.00 4.55  ? 126 LEU A N   1 
ATOM   232  C  CA  . LEU A 1 32 ? 6.525   -14.418 5.546   1.00 3.45  ? 126 LEU A CA  1 
ATOM   233  C  C   . LEU A 1 32 ? 5.437   -15.376 5.163   1.00 4.09  ? 126 LEU A C   1 
ATOM   234  O  O   . LEU A 1 32 ? 5.331   -16.434 5.777   1.00 4.58  ? 126 LEU A O   1 
ATOM   235  C  CB  . LEU A 1 32 ? 6.051   -13.447 6.594   1.00 3.13  ? 126 LEU A CB  1 
ATOM   236  C  CG  . LEU A 1 32 ? 6.927   -13.456 7.819   1.00 2.00  ? 126 LEU A CG  1 
ATOM   237  C  CD1 . LEU A 1 32 ? 6.709   -12.228 8.581   1.00 2.00  ? 126 LEU A CD1 1 
ATOM   238  C  CD2 . LEU A 1 32 ? 6.520   -14.659 8.635   1.00 2.00  ? 126 LEU A CD2 1 
ATOM   239  N  N   . LEU A 1 33 ? 4.637   -14.998 4.152   1.00 3.74  ? 127 LEU A N   1 
ATOM   240  C  CA  . LEU A 1 33 ? 3.704   -15.906 3.457   1.00 3.13  ? 127 LEU A CA  1 
ATOM   241  C  C   . LEU A 1 33 ? 4.387   -17.130 2.821   1.00 3.85  ? 127 LEU A C   1 
ATOM   242  O  O   . LEU A 1 33 ? 3.965   -18.262 3.061   1.00 4.95  ? 127 LEU A O   1 
ATOM   243  C  CB  . LEU A 1 33 ? 2.940   -15.133 2.389   1.00 2.92  ? 127 LEU A CB  1 
ATOM   244  C  CG  . LEU A 1 33 ? 2.026   -14.090 3.037   1.00 2.00  ? 127 LEU A CG  1 
ATOM   245  C  CD1 . LEU A 1 33 ? 1.604   -13.044 2.050   1.00 2.00  ? 127 LEU A CD1 1 
ATOM   246  C  CD2 . LEU A 1 33 ? 0.860   -14.822 3.594   1.00 2.00  ? 127 LEU A CD2 1 
ATOM   247  N  N   . LYS A 1 34 ? 5.420   -16.902 2.001   1.00 3.61  ? 128 LYS A N   1 
ATOM   248  C  CA  . LYS A 1 34 ? 6.293   -17.961 1.460   1.00 3.19  ? 128 LYS A CA  1 
ATOM   249  C  C   . LYS A 1 34 ? 6.803   -18.965 2.525   1.00 3.51  ? 128 LYS A C   1 
ATOM   250  O  O   . LYS A 1 34 ? 6.953   -20.157 2.238   1.00 3.37  ? 128 LYS A O   1 
ATOM   251  C  CB  . LYS A 1 34 ? 7.506   -17.330 0.726   1.00 3.60  ? 128 LYS A CB  1 
ATOM   252  C  CG  . LYS A 1 34 ? 7.547   -17.444 -0.824  1.00 2.00  ? 128 LYS A CG  1 
ATOM   253  C  CD  . LYS A 1 34 ? 7.307   -16.117 -1.572  1.00 2.00  ? 128 LYS A CD  1 
ATOM   254  C  CE  . LYS A 1 34 ? 8.569   -15.362 -1.944  1.00 2.00  ? 128 LYS A CE  1 
ATOM   255  N  NZ  . LYS A 1 34 ? 9.035   -15.517 -3.375  1.00 2.00  ? 128 LYS A NZ  1 
ATOM   256  N  N   . ARG A 1 35 ? 7.093   -18.468 3.731   1.00 3.42  ? 129 ARG A N   1 
ATOM   257  C  CA  . ARG A 1 35 ? 7.552   -19.303 4.847   1.00 3.74  ? 129 ARG A CA  1 
ATOM   258  C  C   . ARG A 1 35 ? 6.403   -20.199 5.336   1.00 3.92  ? 129 ARG A C   1 
ATOM   259  O  O   . ARG A 1 35 ? 6.566   -21.404 5.592   1.00 3.33  ? 129 ARG A O   1 
ATOM   260  C  CB  . ARG A 1 35 ? 7.994   -18.393 5.997   1.00 3.63  ? 129 ARG A CB  1 
ATOM   261  C  CG  . ARG A 1 35 ? 9.476   -18.374 6.362   1.00 3.69  ? 129 ARG A CG  1 
ATOM   262  C  CD  . ARG A 1 35 ? 9.772   -17.193 7.334   1.00 4.73  ? 129 ARG A CD  1 
ATOM   263  N  NE  . ARG A 1 35 ? 10.828  -17.474 8.329   1.00 7.35  ? 129 ARG A NE  1 
ATOM   264  C  CZ  . ARG A 1 35 ? 11.293  -16.584 9.210   1.00 8.23  ? 129 ARG A CZ  1 
ATOM   265  N  NH1 . ARG A 1 35 ? 10.797  -15.343 9.242   1.00 8.01  ? 129 ARG A NH1 1 
ATOM   266  N  NH2 . ARG A 1 35 ? 12.250  -16.936 10.073  1.00 10.31 ? 129 ARG A NH2 1 
ATOM   267  N  N   . ILE A 1 36 ? 5.236   -19.568 5.470   1.00 4.05  ? 130 ILE A N   1 
ATOM   268  C  CA  . ILE A 1 36 ? 4.036   -20.227 5.915   1.00 3.82  ? 130 ILE A CA  1 
ATOM   269  C  C   . ILE A 1 36 ? 3.585   -21.145 4.800   1.00 4.24  ? 130 ILE A C   1 
ATOM   270  O  O   . ILE A 1 36 ? 3.238   -22.272 5.033   1.00 3.89  ? 130 ILE A O   1 
ATOM   271  C  CB  . ILE A 1 36 ? 2.959   -19.207 6.211   1.00 3.11  ? 130 ILE A CB  1 
ATOM   272  C  CG1 . ILE A 1 36 ? 3.310   -18.387 7.451   1.00 2.00  ? 130 ILE A CG1 1 
ATOM   273  C  CG2 . ILE A 1 36 ? 1.632   -19.886 6.397   1.00 4.09  ? 130 ILE A CG2 1 
ATOM   274  C  CD1 . ILE A 1 36 ? 2.470   -17.106 7.600   1.00 2.00  ? 130 ILE A CD1 1 
ATOM   275  N  N   . TYR A 1 37 ? 3.597   -20.677 3.572   1.00 6.26  ? 131 TYR A N   1 
ATOM   276  C  CA  . TYR A 1 37 ? 3.249   -21.582 2.486   1.00 8.49  ? 131 TYR A CA  1 
ATOM   277  C  C   . TYR A 1 37 ? 4.162   -22.812 2.430   1.00 9.92  ? 131 TYR A C   1 
ATOM   278  O  O   . TYR A 1 37 ? 3.687   -23.939 2.239   1.00 9.71  ? 131 TYR A O   1 
ATOM   279  C  CB  . TYR A 1 37 ? 3.264   -20.917 1.121   1.00 8.65  ? 131 TYR A CB  1 
ATOM   280  C  CG  . TYR A 1 37 ? 2.586   -21.824 0.110   1.00 10.41 ? 131 TYR A CG  1 
ATOM   281  C  CD1 . TYR A 1 37 ? 1.175   -21.943 0.078   1.00 12.12 ? 131 TYR A CD1 1 
ATOM   282  C  CD2 . TYR A 1 37 ? 3.323   -22.594 -0.778  1.00 10.40 ? 131 TYR A CD2 1 
ATOM   283  C  CE1 . TYR A 1 37 ? 0.530   -22.794 -0.798  1.00 10.98 ? 131 TYR A CE1 1 
ATOM   284  C  CE2 . TYR A 1 37 ? 2.676   -23.440 -1.686  1.00 11.23 ? 131 TYR A CE2 1 
ATOM   285  C  CZ  . TYR A 1 37 ? 1.277   -23.546 -1.689  1.00 11.48 ? 131 TYR A CZ  1 
ATOM   286  O  OH  . TYR A 1 37 ? 0.625   -24.398 -2.594  1.00 12.46 ? 131 TYR A OH  1 
ATOM   287  N  N   . ASP A 1 38 ? 5.468   -22.595 2.589   1.00 11.14 ? 132 ASP A N   1 
ATOM   288  C  CA  . ASP A 1 38 ? 6.414   -23.697 2.507   1.00 12.21 ? 132 ASP A CA  1 
ATOM   289  C  C   . ASP A 1 38 ? 6.090   -24.776 3.539   1.00 12.49 ? 132 ASP A C   1 
ATOM   290  O  O   . ASP A 1 38 ? 6.256   -25.968 3.270   1.00 12.56 ? 132 ASP A O   1 
ATOM   291  C  CB  . ASP A 1 38 ? 7.835   -23.195 2.721   1.00 12.47 ? 132 ASP A CB  1 
ATOM   292  C  CG  . ASP A 1 38 ? 8.490   -22.683 1.443   1.00 14.59 ? 132 ASP A CG  1 
ATOM   293  O  OD1 . ASP A 1 38 ? 7.837   -22.551 0.371   1.00 17.32 ? 132 ASP A OD1 1 
ATOM   294  O  OD2 . ASP A 1 38 ? 9.708   -22.407 1.526   1.00 18.65 ? 132 ASP A OD2 1 
ATOM   295  N  N   . LYS A 1 39 ? 5.616   -24.350 4.709   1.00 12.89 ? 133 LYS A N   1 
ATOM   296  C  CA  . LYS A 1 39 ? 5.432   -25.250 5.850   1.00 13.15 ? 133 LYS A CA  1 
ATOM   297  C  C   . LYS A 1 39 ? 4.150   -26.084 5.792   1.00 13.16 ? 133 LYS A C   1 
ATOM   298  O  O   . LYS A 1 39 ? 4.188   -27.292 6.003   1.00 12.68 ? 133 LYS A O   1 
ATOM   299  C  CB  . LYS A 1 39 ? 5.519   -24.465 7.151   1.00 12.63 ? 133 LYS A CB  1 
ATOM   300  C  CG  . LYS A 1 39 ? 6.919   -24.074 7.470   1.00 13.69 ? 133 LYS A CG  1 
ATOM   301  C  CD  . LYS A 1 39 ? 6.974   -23.445 8.847   1.00 16.53 ? 133 LYS A CD  1 
ATOM   302  C  CE  . LYS A 1 39 ? 8.362   -23.502 9.456   1.00 16.47 ? 133 LYS A CE  1 
ATOM   303  N  NZ  . LYS A 1 39 ? 9.157   -22.314 9.039   1.00 17.51 ? 133 LYS A NZ  1 
ATOM   304  N  N   . LEU A 1 40 ? 3.028   -25.438 5.534   1.00 13.28 ? 134 LEU A N   1 
ATOM   305  C  CA  . LEU A 1 40 ? 1.791   -26.142 5.262   1.00 15.07 ? 134 LEU A CA  1 
ATOM   306  C  C   . LEU A 1 40 ? 1.945   -27.406 4.410   1.00 16.34 ? 134 LEU A C   1 
ATOM   307  O  O   . LEU A 1 40 ? 1.304   -28.438 4.657   1.00 16.99 ? 134 LEU A O   1 
ATOM   308  C  CB  . LEU A 1 40 ? 0.860   -25.224 4.512   1.00 14.83 ? 134 LEU A CB  1 
ATOM   309  C  CG  . LEU A 1 40 ? 0.461   -24.008 5.284   1.00 15.02 ? 134 LEU A CG  1 
ATOM   310  C  CD1 . LEU A 1 40 ? -0.476  -23.198 4.418   1.00 15.67 ? 134 LEU A CD1 1 
ATOM   311  C  CD2 . LEU A 1 40 ? -0.203  -24.517 6.525   1.00 15.32 ? 134 LEU A CD2 1 
ATOM   312  N  N   . THR A 1 41 ? 2.760   -27.304 3.376   1.00 17.38 ? 135 THR A N   1 
ATOM   313  C  CA  . THR A 1 41 ? 3.075   -28.437 2.551   1.00 18.71 ? 135 THR A CA  1 
ATOM   314  C  C   . THR A 1 41 ? 3.896   -29.463 3.328   1.00 20.04 ? 135 THR A C   1 
ATOM   315  O  O   . THR A 1 41 ? 3.736   -30.668 3.132   1.00 20.43 ? 135 THR A O   1 
ATOM   316  C  CB  . THR A 1 41 ? 3.856   -27.970 1.339   1.00 18.88 ? 135 THR A CB  1 
ATOM   317  O  OG1 . THR A 1 41 ? 3.109   -26.950 0.669   1.00 17.92 ? 135 THR A OG1 1 
ATOM   318  C  CG2 . THR A 1 41 ? 4.117   -29.120 0.386   1.00 19.38 ? 135 THR A CG2 1 
ATOM   319  N  N   . VAL A 1 42 ? 4.782   -28.979 4.197   1.00 21.76 ? 136 VAL A N   1 
ATOM   320  C  CA  . VAL A 1 42 ? 5.512   -29.836 5.146   1.00 23.12 ? 136 VAL A CA  1 
ATOM   321  C  C   . VAL A 1 42 ? 4.543   -30.526 6.144   1.00 23.41 ? 136 VAL A C   1 
ATOM   322  O  O   . VAL A 1 42 ? 4.527   -31.755 6.256   1.00 23.18 ? 136 VAL A O   1 
ATOM   323  C  CB  . VAL A 1 42 ? 6.641   -29.021 5.881   1.00 23.49 ? 136 VAL A CB  1 
ATOM   324  C  CG1 . VAL A 1 42 ? 7.315   -29.836 7.025   1.00 23.35 ? 136 VAL A CG1 1 
ATOM   325  C  CG2 . VAL A 1 42 ? 7.680   -28.513 4.871   1.00 24.64 ? 136 VAL A CG2 1 
ATOM   326  N  N   . ARG A 1 43 ? 3.736   -29.725 6.843   1.00 23.93 ? 137 ARG A N   1 
ATOM   327  C  CA  . ARG A 1 43 ? 2.670   -30.233 7.721   1.00 24.66 ? 137 ARG A CA  1 
ATOM   328  C  C   . ARG A 1 43 ? 1.689   -31.110 6.930   1.00 24.94 ? 137 ARG A C   1 
ATOM   329  O  O   . ARG A 1 43 ? 0.495   -31.206 7.278   1.00 24.68 ? 137 ARG A O   1 
ATOM   330  C  CB  . ARG A 1 43 ? 1.913   -29.051 8.409   1.00 24.48 ? 137 ARG A CB  1 
ATOM   331  N  N   . THR A 1 44 ? 2.212   -31.748 5.874   1.00 25.07 ? 138 THR A N   1 
ATOM   332  C  CA  . THR A 1 44 ? 1.436   -32.609 4.978   1.00 25.18 ? 138 THR A CA  1 
ATOM   333  C  C   . THR A 1 44 ? 2.317   -33.655 4.289   1.00 24.93 ? 138 THR A C   1 
ATOM   334  O  O   . THR A 1 44 ? 3.430   -33.361 3.857   1.00 24.75 ? 138 THR A O   1 
ATOM   335  C  CB  . THR A 1 44 ? 0.663   -31.763 3.943   1.00 25.27 ? 138 THR A CB  1 
ATOM   336  N  N   . ILE B 1 1  ? -4.342  30.475  -11.212 1.00 38.24 ? 95  ILE B N   1 
ATOM   337  C  CA  . ILE B 1 1  ? -3.773  29.196  -10.693 1.00 38.41 ? 95  ILE B CA  1 
ATOM   338  C  C   . ILE B 1 1  ? -3.646  29.234  -9.162  1.00 38.45 ? 95  ILE B C   1 
ATOM   339  O  O   . ILE B 1 1  ? -3.244  28.243  -8.537  1.00 38.23 ? 95  ILE B O   1 
ATOM   340  C  CB  . ILE B 1 1  ? -2.420  28.886  -11.365 1.00 38.21 ? 95  ILE B CB  1 
ATOM   341  N  N   . GLU B 1 2  ? -4.021  30.382  -8.587  1.00 38.51 ? 96  GLU B N   1 
ATOM   342  C  CA  . GLU B 1 2  ? -3.932  30.660  -7.147  1.00 38.49 ? 96  GLU B CA  1 
ATOM   343  C  C   . GLU B 1 2  ? -4.873  29.802  -6.294  1.00 38.45 ? 96  GLU B C   1 
ATOM   344  O  O   . GLU B 1 2  ? -4.533  29.413  -5.175  1.00 38.36 ? 96  GLU B O   1 
ATOM   345  C  CB  . GLU B 1 2  ? -4.187  32.160  -6.886  1.00 38.62 ? 96  GLU B CB  1 
ATOM   346  N  N   . THR B 1 3  ? -6.056  29.516  -6.828  1.00 38.51 ? 97  THR B N   1 
ATOM   347  C  CA  . THR B 1 3  ? -7.071  28.755  -6.106  1.00 38.41 ? 97  THR B CA  1 
ATOM   348  C  C   . THR B 1 3  ? -7.096  27.264  -6.499  1.00 38.33 ? 97  THR B C   1 
ATOM   349  O  O   . THR B 1 3  ? -7.729  26.458  -5.826  1.00 38.27 ? 97  THR B O   1 
ATOM   350  C  CB  . THR B 1 3  ? -8.454  29.408  -6.296  1.00 38.21 ? 97  THR B CB  1 
ATOM   351  N  N   . GLN B 1 4  ? -6.424  26.907  -7.591  1.00 38.22 ? 98  GLN B N   1 
ATOM   352  C  CA  . GLN B 1 4  ? -6.304  25.511  -7.988  1.00 38.29 ? 98  GLN B CA  1 
ATOM   353  C  C   . GLN B 1 4  ? -5.019  24.939  -7.378  1.00 38.67 ? 98  GLN B C   1 
ATOM   354  O  O   . GLN B 1 4  ? -4.892  23.732  -7.147  1.00 38.50 ? 98  GLN B O   1 
ATOM   355  C  CB  . GLN B 1 4  ? -6.319  25.381  -9.487  1.00 38.06 ? 98  GLN B CB  1 
ATOM   356  N  N   . MET B 1 5  ? -4.069  25.834  -7.115  1.00 39.16 ? 99  MET B N   1 
ATOM   357  C  CA  . MET B 1 5  ? -2.935  25.566  -6.229  1.00 39.46 ? 99  MET B CA  1 
ATOM   358  C  C   . MET B 1 5  ? -3.499  24.953  -4.963  1.00 39.05 ? 99  MET B C   1 
ATOM   359  O  O   . MET B 1 5  ? -3.263  23.797  -4.626  1.00 39.11 ? 99  MET B O   1 
ATOM   360  C  CB  . MET B 1 5  ? -2.304  26.895  -5.841  1.00 39.75 ? 99  MET B CB  1 
ATOM   361  C  CG  . MET B 1 5  ? -1.041  26.771  -5.067  1.00 41.69 ? 99  MET B CG  1 
ATOM   362  S  SD  . MET B 1 5  ? 0.304   26.630  -6.242  1.00 46.45 ? 99  MET B SD  1 
ATOM   363  C  CE  . MET B 1 5  ? 0.518   28.350  -6.744  1.00 46.15 ? 99  MET B CE  1 
ATOM   364  N  N   . ASP B 1 6  ? -4.256  25.801  -4.283  1.00 38.58 ? 100 ASP B N   1 
ATOM   365  C  CA  . ASP B 1 6  ? -5.070  25.492  -3.128  1.00 37.90 ? 100 ASP B CA  1 
ATOM   366  C  C   . ASP B 1 6  ? -5.817  24.142  -3.202  1.00 36.96 ? 100 ASP B C   1 
ATOM   367  O  O   . ASP B 1 6  ? -5.777  23.359  -2.250  1.00 37.00 ? 100 ASP B O   1 
ATOM   368  C  CB  . ASP B 1 6  ? -6.056  26.648  -2.958  1.00 38.20 ? 100 ASP B CB  1 
ATOM   369  C  CG  . ASP B 1 6  ? -6.473  26.859  -1.530  1.00 38.89 ? 100 ASP B CG  1 
ATOM   370  O  OD1 . ASP B 1 6  ? -6.575  25.856  -0.780  1.00 39.44 ? 100 ASP B OD1 1 
ATOM   371  O  OD2 . ASP B 1 6  ? -6.724  28.038  -1.168  1.00 39.85 ? 100 ASP B OD2 1 
ATOM   372  N  N   . ARG B 1 7  ? -6.499  23.864  -4.310  1.00 35.62 ? 101 ARG B N   1 
ATOM   373  C  CA  . ARG B 1 7  ? -7.167  22.580  -4.428  1.00 34.60 ? 101 ARG B CA  1 
ATOM   374  C  C   . ARG B 1 7  ? -6.092  21.504  -4.319  1.00 34.01 ? 101 ARG B C   1 
ATOM   375  O  O   . ARG B 1 7  ? -6.157  20.651  -3.432  1.00 34.23 ? 101 ARG B O   1 
ATOM   376  C  CB  . ARG B 1 7  ? -7.962  22.464  -5.733  1.00 34.47 ? 101 ARG B CB  1 
ATOM   377  N  N   . VAL B 1 8  ? -5.071  21.591  -5.173  1.00 33.04 ? 102 VAL B N   1 
ATOM   378  C  CA  . VAL B 1 8  ? -3.986  20.600  -5.229  1.00 31.95 ? 102 VAL B CA  1 
ATOM   379  C  C   . VAL B 1 8  ? -3.498  20.162  -3.833  1.00 31.42 ? 102 VAL B C   1 
ATOM   380  O  O   . VAL B 1 8  ? -3.379  18.959  -3.555  1.00 31.14 ? 102 VAL B O   1 
ATOM   381  C  CB  . VAL B 1 8  ? -2.818  21.095  -6.157  1.00 31.94 ? 102 VAL B CB  1 
ATOM   382  C  CG1 . VAL B 1 8  ? -1.485  20.437  -5.823  1.00 31.80 ? 102 VAL B CG1 1 
ATOM   383  C  CG2 . VAL B 1 8  ? -3.159  20.855  -7.608  1.00 31.24 ? 102 VAL B CG2 1 
ATOM   384  N  N   . VAL B 1 9  ? -3.259  21.137  -2.956  1.00 30.77 ? 103 VAL B N   1 
ATOM   385  C  CA  . VAL B 1 9  ? -2.750  20.855  -1.611  1.00 30.17 ? 103 VAL B CA  1 
ATOM   386  C  C   . VAL B 1 9  ? -3.779  20.052  -0.865  1.00 29.67 ? 103 VAL B C   1 
ATOM   387  O  O   . VAL B 1 9  ? -3.503  18.942  -0.429  1.00 29.70 ? 103 VAL B O   1 
ATOM   388  C  CB  . VAL B 1 9  ? -2.445  22.128  -0.793  1.00 30.12 ? 103 VAL B CB  1 
ATOM   389  C  CG1 . VAL B 1 9  ? -2.145  21.752  0.647   1.00 30.37 ? 103 VAL B CG1 1 
ATOM   390  C  CG2 . VAL B 1 9  ? -1.266  22.908  -1.392  1.00 30.06 ? 103 VAL B CG2 1 
ATOM   391  N  N   . LYS B 1 10 ? -4.973  20.619  -0.736  1.00 29.25 ? 104 LYS B N   1 
ATOM   392  C  CA  . LYS B 1 10 ? -6.066  19.937  -0.072  1.00 28.81 ? 104 LYS B CA  1 
ATOM   393  C  C   . LYS B 1 10 ? -6.040  18.468  -0.490  1.00 28.57 ? 104 LYS B C   1 
ATOM   394  O  O   . LYS B 1 10 ? -5.780  17.595  0.337   1.00 28.58 ? 104 LYS B O   1 
ATOM   395  C  CB  . LYS B 1 10 ? -7.386  20.595  -0.404  1.00 28.67 ? 104 LYS B CB  1 
ATOM   396  N  N   . GLU B 1 11 ? -6.228  18.195  -1.778  1.00 28.10 ? 105 GLU B N   1 
ATOM   397  C  CA  . GLU B 1 11 ? -6.225  16.818  -2.249  1.00 27.70 ? 105 GLU B CA  1 
ATOM   398  C  C   . GLU B 1 11 ? -4.990  16.031  -1.787  1.00 27.58 ? 105 GLU B C   1 
ATOM   399  O  O   . GLU B 1 11 ? -5.106  14.844  -1.487  1.00 27.57 ? 105 GLU B O   1 
ATOM   400  C  CB  . GLU B 1 11 ? -6.390  16.755  -3.758  1.00 27.71 ? 105 GLU B CB  1 
ATOM   401  N  N   . MET B 1 12 ? -3.825  16.679  -1.696  1.00 27.19 ? 106 MET B N   1 
ATOM   402  C  CA  . MET B 1 12 ? -2.619  15.989  -1.231  1.00 26.82 ? 106 MET B CA  1 
ATOM   403  C  C   . MET B 1 12 ? -2.674  15.592  0.221   1.00 27.01 ? 106 MET B C   1 
ATOM   404  O  O   . MET B 1 12 ? -2.294  14.483  0.566   1.00 27.01 ? 106 MET B O   1 
ATOM   405  C  CB  . MET B 1 12 ? -1.354  16.800  -1.487  1.00 26.73 ? 106 MET B CB  1 
ATOM   406  C  CG  . MET B 1 12 ? -0.455  16.125  -2.477  1.00 26.35 ? 106 MET B CG  1 
ATOM   407  S  SD  . MET B 1 12 ? 0.316   17.238  -3.647  1.00 26.96 ? 106 MET B SD  1 
ATOM   408  C  CE  . MET B 1 12 ? 2.002   17.238  -3.075  1.00 26.25 ? 106 MET B CE  1 
ATOM   409  N  N   . ARG B 1 13 ? -3.152  16.480  1.078   1.00 27.42 ? 107 ARG B N   1 
ATOM   410  C  CA  . ARG B 1 13 ? -3.267  16.140  2.503   1.00 28.58 ? 107 ARG B CA  1 
ATOM   411  C  C   . ARG B 1 13 ? -4.323  15.051  2.733   1.00 27.97 ? 107 ARG B C   1 
ATOM   412  O  O   . ARG B 1 13 ? -4.342  14.375  3.749   1.00 27.72 ? 107 ARG B O   1 
ATOM   413  C  CB  . ARG B 1 13 ? -3.557  17.377  3.362   1.00 28.65 ? 107 ARG B CB  1 
ATOM   414  C  CG  . ARG B 1 13 ? -2.393  18.397  3.493   1.00 30.09 ? 107 ARG B CG  1 
ATOM   415  C  CD  . ARG B 1 13 ? -2.714  19.497  4.555   1.00 30.74 ? 107 ARG B CD  1 
ATOM   416  N  NE  . ARG B 1 13 ? -1.785  20.643  4.554   1.00 34.79 ? 107 ARG B NE  1 
ATOM   417  C  CZ  . ARG B 1 13 ? -1.806  21.665  5.427   1.00 36.86 ? 107 ARG B CZ  1 
ATOM   418  N  NH1 . ARG B 1 13 ? -2.711  21.720  6.409   1.00 37.94 ? 107 ARG B NH1 1 
ATOM   419  N  NH2 . ARG B 1 13 ? -0.909  22.646  5.322   1.00 37.87 ? 107 ARG B NH2 1 
ATOM   420  N  N   . ARG B 1 14 ? -5.201  14.900  1.758   1.00 28.20 ? 108 ARG B N   1 
ATOM   421  C  CA  . ARG B 1 14 ? -6.183  13.850  1.739   1.00 28.34 ? 108 ARG B CA  1 
ATOM   422  C  C   . ARG B 1 14 ? -5.483  12.545  1.366   1.00 28.81 ? 108 ARG B C   1 
ATOM   423  O  O   . ARG B 1 14 ? -5.799  11.468  1.907   1.00 28.72 ? 108 ARG B O   1 
ATOM   424  C  CB  . ARG B 1 14 ? -7.217  14.203  0.686   1.00 28.17 ? 108 ARG B CB  1 
ATOM   425  C  CG  . ARG B 1 14 ? -8.395  13.299  0.632   1.00 29.61 ? 108 ARG B CG  1 
ATOM   426  C  CD  . ARG B 1 14 ? -9.656  14.095  0.317   1.00 32.83 ? 108 ARG B CD  1 
ATOM   427  N  NE  . ARG B 1 14 ? -10.153 13.905  -1.046  1.00 35.09 ? 108 ARG B NE  1 
ATOM   428  C  CZ  . ARG B 1 14 ? -10.777 12.809  -1.485  1.00 36.67 ? 108 ARG B CZ  1 
ATOM   429  N  NH1 . ARG B 1 14 ? -10.969 11.751  -0.684  1.00 35.95 ? 108 ARG B NH1 1 
ATOM   430  N  NH2 . ARG B 1 14 ? -11.202 12.771  -2.746  1.00 38.15 ? 108 ARG B NH2 1 
ATOM   431  N  N   . GLN B 1 15 ? -4.533  12.654  0.431   1.00 28.71 ? 109 GLN B N   1 
ATOM   432  C  CA  . GLN B 1 15 ? -3.821  11.508  -0.078  1.00 28.54 ? 109 GLN B CA  1 
ATOM   433  C  C   . GLN B 1 15 ? -2.883  10.945  0.949   1.00 28.72 ? 109 GLN B C   1 
ATOM   434  O  O   . GLN B 1 15 ? -2.575  9.754   0.904   1.00 29.20 ? 109 GLN B O   1 
ATOM   435  C  CB  . GLN B 1 15 ? -3.019  11.880  -1.295  1.00 28.42 ? 109 GLN B CB  1 
ATOM   436  C  CG  . GLN B 1 15 ? -3.842  11.923  -2.534  1.00 29.82 ? 109 GLN B CG  1 
ATOM   437  C  CD  . GLN B 1 15 ? -3.026  11.676  -3.784  1.00 30.87 ? 109 GLN B CD  1 
ATOM   438  O  OE1 . GLN B 1 15 ? -1.829  11.380  -3.720  1.00 30.59 ? 109 GLN B OE1 1 
ATOM   439  N  NE2 . GLN B 1 15 ? -3.676  11.800  -4.936  1.00 31.72 ? 109 GLN B NE2 1 
ATOM   440  N  N   . LEU B 1 16 ? -2.409  11.778  1.869   1.00 28.30 ? 110 LEU B N   1 
ATOM   441  C  CA  . LEU B 1 16 ? -1.566  11.224  2.909   1.00 28.50 ? 110 LEU B CA  1 
ATOM   442  C  C   . LEU B 1 16 ? -2.433  10.470  3.917   1.00 28.35 ? 110 LEU B C   1 
ATOM   443  O  O   . LEU B 1 16 ? -2.169  9.289   4.166   1.00 28.51 ? 110 LEU B O   1 
ATOM   444  C  CB  . LEU B 1 16 ? -0.600  12.244  3.558   1.00 29.01 ? 110 LEU B CB  1 
ATOM   445  C  CG  . LEU B 1 16 ? 0.280   13.233  2.748   1.00 29.65 ? 110 LEU B CG  1 
ATOM   446  C  CD1 . LEU B 1 16 ? 1.483   13.696  3.586   1.00 31.49 ? 110 LEU B CD1 1 
ATOM   447  C  CD2 . LEU B 1 16 ? 0.775   12.740  1.398   1.00 27.38 ? 110 LEU B CD2 1 
ATOM   448  N  N   . GLU B 1 17 ? -3.477  11.109  4.463   1.00 28.12 ? 111 GLU B N   1 
ATOM   449  C  CA  . GLU B 1 17 ? -4.497  10.380  5.250   1.00 27.91 ? 111 GLU B CA  1 
ATOM   450  C  C   . GLU B 1 17 ? -4.597  8.937   4.775   1.00 27.07 ? 111 GLU B C   1 
ATOM   451  O  O   . GLU B 1 17 ? -4.546  8.000   5.566   1.00 27.28 ? 111 GLU B O   1 
ATOM   452  C  CB  . GLU B 1 17 ? -5.916  10.983  5.104   1.00 28.48 ? 111 GLU B CB  1 
ATOM   453  C  CG  . GLU B 1 17 ? -6.152  12.370  5.668   1.00 30.46 ? 111 GLU B CG  1 
ATOM   454  C  CD  . GLU B 1 17 ? -5.492  12.585  7.019   1.00 32.44 ? 111 GLU B CD  1 
ATOM   455  O  OE1 . GLU B 1 17 ? -4.535  11.835  7.353   1.00 31.09 ? 111 GLU B OE1 1 
ATOM   456  O  OE2 . GLU B 1 17 ? -5.930  13.529  7.727   1.00 33.01 ? 111 GLU B OE2 1 
ATOM   457  N  N   . MET B 1 18 ? -4.751  8.766   3.470   1.00 25.98 ? 112 MET B N   1 
ATOM   458  C  CA  . MET B 1 18 ? -5.001  7.453   2.945   1.00 25.35 ? 112 MET B CA  1 
ATOM   459  C  C   . MET B 1 18 ? -3.792  6.582   3.006   1.00 24.30 ? 112 MET B C   1 
ATOM   460  O  O   . MET B 1 18 ? -3.904  5.406   3.340   1.00 24.44 ? 112 MET B O   1 
ATOM   461  C  CB  . MET B 1 18 ? -5.540  7.530   1.545   1.00 25.68 ? 112 MET B CB  1 
ATOM   462  C  CG  . MET B 1 18 ? -7.017  7.725   1.568   1.00 26.07 ? 112 MET B CG  1 
ATOM   463  S  SD  . MET B 1 18 ? -7.460  8.697   0.173   1.00 27.45 ? 112 MET B SD  1 
ATOM   464  C  CE  . MET B 1 18 ? -9.253  8.870   0.395   1.00 27.84 ? 112 MET B CE  1 
ATOM   465  N  N   . ILE B 1 19 ? -2.639  7.176   2.730   1.00 23.05 ? 113 ILE B N   1 
ATOM   466  C  CA  . ILE B 1 19 ? -1.383  6.455   2.767   1.00 21.65 ? 113 ILE B CA  1 
ATOM   467  C  C   . ILE B 1 19 ? -1.037  6.157   4.204   1.00 21.32 ? 113 ILE B C   1 
ATOM   468  O  O   . ILE B 1 19 ? -0.086  5.400   4.488   1.00 21.15 ? 113 ILE B O   1 
ATOM   469  C  CB  . ILE B 1 19 ? -0.267  7.231   2.080   1.00 21.17 ? 113 ILE B CB  1 
ATOM   470  C  CG1 . ILE B 1 19 ? -0.125  6.745   0.651   1.00 19.49 ? 113 ILE B CG1 1 
ATOM   471  C  CG2 . ILE B 1 19 ? 1.034   6.978   2.753   1.00 21.72 ? 113 ILE B CG2 1 
ATOM   472  C  CD1 . ILE B 1 19 ? 0.175   7.846   -0.277  1.00 18.37 ? 113 ILE B CD1 1 
ATOM   473  N  N   . ASP B 1 20 ? -1.825  6.729   5.114   1.00 20.55 ? 114 ASP B N   1 
ATOM   474  C  CA  . ASP B 1 20 ? -1.561  6.512   6.512   1.00 19.70 ? 114 ASP B CA  1 
ATOM   475  C  C   . ASP B 1 20 ? -2.324  5.307   6.957   1.00 19.23 ? 114 ASP B C   1 
ATOM   476  O  O   . ASP B 1 20 ? -1.750  4.430   7.616   1.00 19.48 ? 114 ASP B O   1 
ATOM   477  C  CB  . ASP B 1 20 ? -1.915  7.708   7.367   1.00 19.99 ? 114 ASP B CB  1 
ATOM   478  C  CG  . ASP B 1 20 ? -1.004  7.827   8.548   1.00 22.03 ? 114 ASP B CG  1 
ATOM   479  O  OD1 . ASP B 1 20 ? -1.409  8.305   9.657   1.00 21.55 ? 114 ASP B OD1 1 
ATOM   480  O  OD2 . ASP B 1 20 ? 0.151   7.398   8.338   1.00 23.92 ? 114 ASP B OD2 1 
ATOM   481  N  N   . LYS B 1 21 ? -3.606  5.234   6.577   1.00 18.03 ? 115 LYS B N   1 
ATOM   482  C  CA  . LYS B 1 21 ? -4.438  4.160   7.090   1.00 16.81 ? 115 LYS B CA  1 
ATOM   483  C  C   . LYS B 1 21 ? -3.816  2.907   6.544   1.00 16.18 ? 115 LYS B C   1 
ATOM   484  O  O   . LYS B 1 21 ? -3.685  1.922   7.260   1.00 16.46 ? 115 LYS B O   1 
ATOM   485  C  CB  . LYS B 1 21 ? -5.909  4.340   6.731   1.00 16.78 ? 115 LYS B CB  1 
ATOM   486  C  CG  . LYS B 1 21 ? -6.489  5.575   7.467   1.00 17.63 ? 115 LYS B CG  1 
ATOM   487  C  CD  . LYS B 1 21 ? -7.945  5.934   7.141   1.00 16.53 ? 115 LYS B CD  1 
ATOM   488  C  CE  . LYS B 1 21 ? -8.254  7.400   7.512   1.00 16.31 ? 115 LYS B CE  1 
ATOM   489  N  NZ  . LYS B 1 21 ? -7.923  8.404   6.439   1.00 14.64 ? 115 LYS B NZ  1 
ATOM   490  N  N   . LEU B 1 22 ? -3.348  2.992   5.299   1.00 15.54 ? 116 LEU B N   1 
ATOM   491  C  CA  . LEU B 1 22 ? -2.699  1.900   4.608   1.00 14.43 ? 116 LEU B CA  1 
ATOM   492  C  C   . LEU B 1 22 ? -1.583  1.439   5.518   1.00 15.24 ? 116 LEU B C   1 
ATOM   493  O  O   . LEU B 1 22 ? -1.550  0.277   5.934   1.00 16.55 ? 116 LEU B O   1 
ATOM   494  C  CB  . LEU B 1 22 ? -2.118  2.412   3.312   1.00 14.30 ? 116 LEU B CB  1 
ATOM   495  C  CG  . LEU B 1 22 ? -1.979  1.660   1.986   1.00 13.80 ? 116 LEU B CG  1 
ATOM   496  C  CD1 . LEU B 1 22 ? -3.218  0.886   1.609   1.00 15.14 ? 116 LEU B CD1 1 
ATOM   497  C  CD2 . LEU B 1 22 ? -1.705  2.665   0.884   1.00 13.88 ? 116 LEU B CD2 1 
ATOM   498  N  N   . THR B 1 23 ? -0.699  2.362   5.888   1.00 14.70 ? 117 THR B N   1 
ATOM   499  C  CA  . THR B 1 23 ? 0.465   2.055   6.727   1.00 13.06 ? 117 THR B CA  1 
ATOM   500  C  C   . THR B 1 23 ? 0.079   1.427   8.051   1.00 12.55 ? 117 THR B C   1 
ATOM   501  O  O   . THR B 1 23 ? 0.744   0.490   8.494   1.00 13.10 ? 117 THR B O   1 
ATOM   502  C  CB  . THR B 1 23 ? 1.245   3.347   7.032   1.00 13.16 ? 117 THR B CB  1 
ATOM   503  O  OG1 . THR B 1 23 ? 1.861   3.802   5.830   1.00 13.19 ? 117 THR B OG1 1 
ATOM   504  C  CG2 . THR B 1 23 ? 2.304   3.160   8.136   1.00 13.19 ? 117 THR B CG2 1 
ATOM   505  N  N   . THR B 1 24 ? -0.953  1.953   8.711   1.00 10.49 ? 118 THR B N   1 
ATOM   506  C  CA  . THR B 1 24 ? -1.447  1.303   9.905   1.00 9.19  ? 118 THR B CA  1 
ATOM   507  C  C   . THR B 1 24 ? -1.745  -0.174  9.601   1.00 9.02  ? 118 THR B C   1 
ATOM   508  O  O   . THR B 1 24 ? -1.342  -1.112  10.325  1.00 8.82  ? 118 THR B O   1 
ATOM   509  C  CB  . THR B 1 24 ? -2.725  2.014   10.391  1.00 9.40  ? 118 THR B CB  1 
ATOM   510  O  OG1 . THR B 1 24 ? -2.373  3.061   11.319  1.00 8.88  ? 118 THR B OG1 1 
ATOM   511  C  CG2 . THR B 1 24 ? -3.698  1.027   11.036  1.00 8.60  ? 118 THR B CG2 1 
ATOM   512  N  N   . ARG B 1 25 ? -2.417  -0.382  8.483   1.00 8.42  ? 119 ARG B N   1 
ATOM   513  C  CA  . ARG B 1 25 ? -3.061  -1.637  8.270   1.00 8.88  ? 119 ARG B CA  1 
ATOM   514  C  C   . ARG B 1 25 ? -2.072  -2.703  7.932   1.00 7.89  ? 119 ARG B C   1 
ATOM   515  O  O   . ARG B 1 25 ? -2.195  -3.814  8.439   1.00 7.62  ? 119 ARG B O   1 
ATOM   516  C  CB  . ARG B 1 25 ? -4.223  -1.489  7.265   1.00 9.57  ? 119 ARG B CB  1 
ATOM   517  C  CG  . ARG B 1 25 ? -5.521  -0.938  7.972   1.00 10.67 ? 119 ARG B CG  1 
ATOM   518  C  CD  . ARG B 1 25 ? -6.515  -0.234  7.072   1.00 10.37 ? 119 ARG B CD  1 
ATOM   519  N  NE  . ARG B 1 25 ? -7.883  -0.283  7.601   1.00 12.84 ? 119 ARG B NE  1 
ATOM   520  C  CZ  . ARG B 1 25 ? -8.954  0.035   6.875   1.00 13.64 ? 119 ARG B CZ  1 
ATOM   521  N  NH1 . ARG B 1 25 ? -8.774  0.422   5.611   1.00 15.30 ? 119 ARG B NH1 1 
ATOM   522  N  NH2 . ARG B 1 25 ? -10.190 -0.033  7.385   1.00 10.65 ? 119 ARG B NH2 1 
ATOM   523  N  N   . GLU B 1 26 ? -1.067  -2.355  7.138   1.00 7.00  ? 120 GLU B N   1 
ATOM   524  C  CA  . GLU B 1 26 ? 0.031   -3.275  6.888   1.00 7.69  ? 120 GLU B CA  1 
ATOM   525  C  C   . GLU B 1 26 ? 0.723   -3.679  8.200   1.00 7.51  ? 120 GLU B C   1 
ATOM   526  O  O   . GLU B 1 26 ? 1.081   -4.872  8.369   1.00 6.57  ? 120 GLU B O   1 
ATOM   527  C  CB  . GLU B 1 26 ? 1.077   -2.745  5.891   1.00 8.10  ? 120 GLU B CB  1 
ATOM   528  C  CG  . GLU B 1 26 ? 0.604   -2.463  4.465   1.00 12.37 ? 120 GLU B CG  1 
ATOM   529  C  CD  . GLU B 1 26 ? 0.075   -3.691  3.679   1.00 19.99 ? 120 GLU B CD  1 
ATOM   530  O  OE1 . GLU B 1 26 ? 0.782   -4.754  3.591   1.00 20.38 ? 120 GLU B OE1 1 
ATOM   531  O  OE2 . GLU B 1 26 ? -1.042  -3.559  3.088   1.00 22.63 ? 120 GLU B OE2 1 
ATOM   532  N  N   . ILE B 1 27 ? 0.880   -2.731  9.142   1.00 7.02  ? 121 ILE B N   1 
ATOM   533  C  CA  . ILE B 1 27 ? 1.475   -3.119  10.428  1.00 7.10  ? 121 ILE B CA  1 
ATOM   534  C  C   . ILE B 1 27 ? 0.610   -4.207  10.993  1.00 6.88  ? 121 ILE B C   1 
ATOM   535  O  O   . ILE B 1 27 ? 1.148   -5.263  11.367  1.00 6.70  ? 121 ILE B O   1 
ATOM   536  C  CB  . ILE B 1 27 ? 1.783   -1.982  11.485  1.00 7.75  ? 121 ILE B CB  1 
ATOM   537  C  CG1 . ILE B 1 27 ? 2.925   -1.052  11.015  1.00 7.47  ? 121 ILE B CG1 1 
ATOM   538  C  CG2 . ILE B 1 27 ? 2.232   -2.609  12.806  1.00 6.39  ? 121 ILE B CG2 1 
ATOM   539  C  CD1 . ILE B 1 27 ? 2.564   0.418   10.859  1.00 6.73  ? 121 ILE B CD1 1 
ATOM   540  N  N   . GLU B 1 28 ? -0.711  -4.015  10.988  1.00 6.62  ? 122 GLU B N   1 
ATOM   541  C  CA  . GLU B 1 28 ? -1.567  -5.086  11.528  1.00 7.16  ? 122 GLU B CA  1 
ATOM   542  C  C   . GLU B 1 28 ? -1.397  -6.378  10.758  1.00 7.08  ? 122 GLU B C   1 
ATOM   543  O  O   . GLU B 1 28 ? -1.024  -7.397  11.334  1.00 7.08  ? 122 GLU B O   1 
ATOM   544  C  CB  . GLU B 1 28 ? -2.994  -4.653  11.630  1.00 6.96  ? 122 GLU B CB  1 
ATOM   545  C  CG  . GLU B 1 28 ? -3.089  -3.643  12.712  1.00 9.53  ? 122 GLU B CG  1 
ATOM   546  C  CD  . GLU B 1 28 ? -4.414  -2.949  12.753  1.00 13.79 ? 122 GLU B CD  1 
ATOM   547  O  OE1 . GLU B 1 28 ? -5.360  -3.392  12.047  1.00 16.21 ? 122 GLU B OE1 1 
ATOM   548  O  OE2 . GLU B 1 28 ? -4.507  -1.962  13.516  1.00 14.66 ? 122 GLU B OE2 1 
ATOM   549  N  N   . GLN B 1 29 ? -1.537  -6.311  9.444   1.00 7.82  ? 123 GLN B N   1 
ATOM   550  C  CA  . GLN B 1 29 ? -1.283  -7.489  8.598   1.00 8.59  ? 123 GLN B CA  1 
ATOM   551  C  C   . GLN B 1 29 ? -0.095  -8.323  9.068   1.00 7.95  ? 123 GLN B C   1 
ATOM   552  O  O   . GLN B 1 29 ? -0.185  -9.557  9.204   1.00 7.63  ? 123 GLN B O   1 
ATOM   553  C  CB  . GLN B 1 29 ? -1.107  -7.090  7.127   1.00 8.01  ? 123 GLN B CB  1 
ATOM   554  C  CG  . GLN B 1 29 ? -2.446  -6.749  6.430   1.00 10.04 ? 123 GLN B CG  1 
ATOM   555  C  CD  . GLN B 1 29 ? -2.381  -6.672  4.884   1.00 10.36 ? 123 GLN B CD  1 
ATOM   556  O  OE1 . GLN B 1 29 ? -1.307  -6.652  4.249   1.00 11.52 ? 123 GLN B OE1 1 
ATOM   557  N  NE2 . GLN B 1 29 ? -3.562  -6.620  4.279   1.00 14.31 ? 123 GLN B NE2 1 
ATOM   558  N  N   . VAL B 1 30 ? 1.020   -7.623  9.318   1.00 8.60  ? 124 VAL B N   1 
ATOM   559  C  CA  . VAL B 1 30 ? 2.354   -8.248  9.517   1.00 7.03  ? 124 VAL B CA  1 
ATOM   560  C  C   . VAL B 1 30 ? 2.388   -8.988  10.818  1.00 7.14  ? 124 VAL B C   1 
ATOM   561  O  O   . VAL B 1 30 ? 3.165   -9.951  10.939  1.00 7.58  ? 124 VAL B O   1 
ATOM   562  C  CB  . VAL B 1 30 ? 3.491   -7.231  9.575   1.00 6.37  ? 124 VAL B CB  1 
ATOM   563  C  CG1 . VAL B 1 30 ? 4.744   -7.943  9.775   1.00 6.30  ? 124 VAL B CG1 1 
ATOM   564  C  CG2 . VAL B 1 30 ? 3.576   -6.419  8.293   1.00 6.29  ? 124 VAL B CG2 1 
ATOM   565  N  N   . GLU B 1 31 ? 1.560   -8.551  11.787  1.00 6.00  ? 125 GLU B N   1 
ATOM   566  C  CA  . GLU B 1 31 ? 1.599   -9.180  13.117  1.00 5.42  ? 125 GLU B CA  1 
ATOM   567  C  C   . GLU B 1 31 ? 0.752   -10.425 13.119  1.00 4.57  ? 125 GLU B C   1 
ATOM   568  O  O   . GLU B 1 31 ? 1.093   -11.453 13.740  1.00 3.96  ? 125 GLU B O   1 
ATOM   569  C  CB  . GLU B 1 31 ? 1.188   -8.228  14.202  1.00 5.52  ? 125 GLU B CB  1 
ATOM   570  N  N   . LEU B 1 32 ? -0.350  -10.326 12.390  1.00 4.19  ? 126 LEU B N   1 
ATOM   571  C  CA  . LEU B 1 32 ? -1.216  -11.462 12.204  1.00 3.95  ? 126 LEU B CA  1 
ATOM   572  C  C   . LEU B 1 32 ? -0.325  -12.498 11.516  1.00 3.83  ? 126 LEU B C   1 
ATOM   573  O  O   . LEU B 1 32 ? -0.050  -13.519 12.132  1.00 4.49  ? 126 LEU B O   1 
ATOM   574  C  CB  . LEU B 1 32 ? -2.449  -11.077 11.400  1.00 3.74  ? 126 LEU B CB  1 
ATOM   575  C  CG  . LEU B 1 32 ? -3.752  -11.457 12.083  1.00 5.32  ? 126 LEU B CG  1 
ATOM   576  C  CD1 . LEU B 1 32 ? -4.823  -10.355 11.927  1.00 6.86  ? 126 LEU B CD1 1 
ATOM   577  C  CD2 . LEU B 1 32 ? -4.275  -12.815 11.612  1.00 6.41  ? 126 LEU B CD2 1 
ATOM   578  N  N   . LEU B 1 33 ? 0.195   -12.206 10.315  1.00 3.07  ? 127 LEU B N   1 
ATOM   579  C  CA  . LEU B 1 33 ? 1.246   -13.037 9.722   1.00 2.79  ? 127 LEU B CA  1 
ATOM   580  C  C   . LEU B 1 33 ? 2.190   -13.702 10.750  1.00 3.19  ? 127 LEU B C   1 
ATOM   581  O  O   . LEU B 1 33 ? 2.291   -14.935 10.760  1.00 2.97  ? 127 LEU B O   1 
ATOM   582  C  CB  . LEU B 1 33 ? 2.061   -12.260 8.704   1.00 2.19  ? 127 LEU B CB  1 
ATOM   583  C  CG  . LEU B 1 33 ? 1.555   -12.456 7.280   1.00 2.00  ? 127 LEU B CG  1 
ATOM   584  C  CD1 . LEU B 1 33 ? 2.238   -11.514 6.325   1.00 2.00  ? 127 LEU B CD1 1 
ATOM   585  C  CD2 . LEU B 1 33 ? 1.846   -13.870 6.875   1.00 2.00  ? 127 LEU B CD2 1 
ATOM   586  N  N   . LYS B 1 34 ? 2.859   -12.934 11.624  1.00 3.08  ? 128 LYS B N   1 
ATOM   587  C  CA  . LYS B 1 34 ? 3.849   -13.566 12.516  1.00 3.39  ? 128 LYS B CA  1 
ATOM   588  C  C   . LYS B 1 34 ? 3.137   -14.425 13.519  1.00 4.03  ? 128 LYS B C   1 
ATOM   589  O  O   . LYS B 1 34 ? 3.643   -15.483 13.900  1.00 4.12  ? 128 LYS B O   1 
ATOM   590  C  CB  . LYS B 1 34 ? 4.686   -12.560 13.277  1.00 3.14  ? 128 LYS B CB  1 
ATOM   591  C  CG  . LYS B 1 34 ? 5.820   -11.931 12.529  1.00 2.88  ? 128 LYS B CG  1 
ATOM   592  C  CD  . LYS B 1 34 ? 5.860   -10.468 12.920  1.00 2.00  ? 128 LYS B CD  1 
ATOM   593  C  CE  . LYS B 1 34 ? 7.228   -9.994  13.341  1.00 2.00  ? 128 LYS B CE  1 
ATOM   594  N  NZ  . LYS B 1 34 ? 7.131   -8.961  14.463  1.00 2.00  ? 128 LYS B NZ  1 
ATOM   595  N  N   . ARG B 1 35 ? 1.968   -13.940 13.957  1.00 4.85  ? 129 ARG B N   1 
ATOM   596  C  CA  . ARG B 1 35 ? 1.141   -14.632 14.935  1.00 5.49  ? 129 ARG B CA  1 
ATOM   597  C  C   . ARG B 1 35 ? 0.801   -15.994 14.332  1.00 5.90  ? 129 ARG B C   1 
ATOM   598  O  O   . ARG B 1 35 ? 1.154   -17.035 14.893  1.00 5.96  ? 129 ARG B O   1 
ATOM   599  C  CB  . ARG B 1 35 ? -0.128  -13.826 15.247  1.00 5.27  ? 129 ARG B CB  1 
ATOM   600  C  CG  . ARG B 1 35 ? -0.715  -14.099 16.676  1.00 6.76  ? 129 ARG B CG  1 
ATOM   601  C  CD  . ARG B 1 35 ? -2.271  -13.831 16.846  1.00 6.33  ? 129 ARG B CD  1 
ATOM   602  N  NE  . ARG B 1 35 ? -2.747  -12.438 16.750  1.00 6.39  ? 129 ARG B NE  1 
ATOM   603  C  CZ  . ARG B 1 35 ? -3.880  -11.964 17.300  1.00 8.92  ? 129 ARG B CZ  1 
ATOM   604  N  NH1 . ARG B 1 35 ? -4.689  -12.745 18.019  1.00 9.62  ? 129 ARG B NH1 1 
ATOM   605  N  NH2 . ARG B 1 35 ? -4.211  -10.682 17.147  1.00 10.09 ? 129 ARG B NH2 1 
ATOM   606  N  N   . ILE B 1 36 ? 0.156   -15.962 13.163  1.00 6.13  ? 130 ILE B N   1 
ATOM   607  C  CA  . ILE B 1 36 ? -0.158  -17.149 12.357  1.00 7.04  ? 130 ILE B CA  1 
ATOM   608  C  C   . ILE B 1 36 ? 1.018   -18.063 12.231  1.00 8.39  ? 130 ILE B C   1 
ATOM   609  O  O   . ILE B 1 36 ? 0.895   -19.267 12.300  1.00 9.54  ? 130 ILE B O   1 
ATOM   610  C  CB  . ILE B 1 36 ? -0.588  -16.771 10.905  1.00 6.55  ? 130 ILE B CB  1 
ATOM   611  C  CG1 . ILE B 1 36 ? -2.034  -16.266 10.915  1.00 5.66  ? 130 ILE B CG1 1 
ATOM   612  C  CG2 . ILE B 1 36 ? -0.409  -17.950 9.981   1.00 5.32  ? 130 ILE B CG2 1 
ATOM   613  C  CD1 . ILE B 1 36 ? -2.540  -15.759 9.641   1.00 3.44  ? 130 ILE B CD1 1 
ATOM   614  N  N   . TYR B 1 37 ? 2.177   -17.481 12.046  1.00 10.24 ? 131 TYR B N   1 
ATOM   615  C  CA  . TYR B 1 37 ? 3.345   -18.264 11.764  1.00 11.26 ? 131 TYR B CA  1 
ATOM   616  C  C   . TYR B 1 37 ? 3.875   -18.989 12.979  1.00 11.36 ? 131 TYR B C   1 
ATOM   617  O  O   . TYR B 1 37 ? 4.306   -20.133 12.864  1.00 10.78 ? 131 TYR B O   1 
ATOM   618  C  CB  . TYR B 1 37 ? 4.400   -17.351 11.212  1.00 11.86 ? 131 TYR B CB  1 
ATOM   619  C  CG  . TYR B 1 37 ? 5.672   -18.051 11.083  1.00 12.75 ? 131 TYR B CG  1 
ATOM   620  C  CD1 . TYR B 1 37 ? 5.863   -18.983 10.094  1.00 12.57 ? 131 TYR B CD1 1 
ATOM   621  C  CD2 . TYR B 1 37 ? 6.695   -17.801 11.978  1.00 14.92 ? 131 TYR B CD2 1 
ATOM   622  C  CE1 . TYR B 1 37 ? 7.049   -19.650 9.982   1.00 14.28 ? 131 TYR B CE1 1 
ATOM   623  C  CE2 . TYR B 1 37 ? 7.890   -18.449 11.879  1.00 14.55 ? 131 TYR B CE2 1 
ATOM   624  C  CZ  . TYR B 1 37 ? 8.072   -19.380 10.877  1.00 14.45 ? 131 TYR B CZ  1 
ATOM   625  O  OH  . TYR B 1 37 ? 9.296   -20.040 10.774  1.00 16.25 ? 131 TYR B OH  1 
ATOM   626  N  N   . ASP B 1 38 ? 3.845   -18.318 14.128  1.00 12.05 ? 132 ASP B N   1 
ATOM   627  C  CA  . ASP B 1 38 ? 4.229   -18.935 15.392  1.00 13.69 ? 132 ASP B CA  1 
ATOM   628  C  C   . ASP B 1 38 ? 3.455   -20.210 15.673  1.00 14.90 ? 132 ASP B C   1 
ATOM   629  O  O   . ASP B 1 38 ? 3.984   -21.140 16.285  1.00 15.59 ? 132 ASP B O   1 
ATOM   630  C  CB  . ASP B 1 38 ? 3.963   -17.993 16.557  1.00 13.56 ? 132 ASP B CB  1 
ATOM   631  C  CG  . ASP B 1 38 ? 4.787   -16.738 16.483  1.00 14.55 ? 132 ASP B CG  1 
ATOM   632  O  OD1 . ASP B 1 38 ? 5.841   -16.800 15.787  1.00 12.19 ? 132 ASP B OD1 1 
ATOM   633  O  OD2 . ASP B 1 38 ? 4.377   -15.708 17.117  1.00 14.53 ? 132 ASP B OD2 1 
ATOM   634  N  N   . LYS B 1 39 ? 2.187   -20.235 15.277  1.00 15.49 ? 133 LYS B N   1 
ATOM   635  C  CA  . LYS B 1 39 ? 1.308   -21.282 15.719  1.00 16.13 ? 133 LYS B CA  1 
ATOM   636  C  C   . LYS B 1 39 ? 1.589   -22.497 14.896  1.00 17.02 ? 133 LYS B C   1 
ATOM   637  O  O   . LYS B 1 39 ? 1.681   -23.589 15.429  1.00 17.72 ? 133 LYS B O   1 
ATOM   638  C  CB  . LYS B 1 39 ? -0.132  -20.832 15.632  1.00 16.19 ? 133 LYS B CB  1 
ATOM   639  C  CG  . LYS B 1 39 ? -0.482  -19.800 16.741  1.00 16.35 ? 133 LYS B CG  1 
ATOM   640  C  CD  . LYS B 1 39 ? -1.877  -19.180 16.508  1.00 15.88 ? 133 LYS B CD  1 
ATOM   641  C  CE  . LYS B 1 39 ? -2.332  -18.306 17.670  1.00 15.58 ? 133 LYS B CE  1 
ATOM   642  N  NZ  . LYS B 1 39 ? -3.340  -18.947 18.555  1.00 12.96 ? 133 LYS B NZ  1 
ATOM   643  N  N   . LEU B 1 40 ? 1.786   -22.288 13.600  1.00 17.86 ? 134 LEU B N   1 
ATOM   644  C  CA  . LEU B 1 40 ? 2.406   -23.285 12.712  1.00 18.46 ? 134 LEU B CA  1 
ATOM   645  C  C   . LEU B 1 40 ? 3.722   -23.867 13.255  1.00 19.39 ? 134 LEU B C   1 
ATOM   646  O  O   . LEU B 1 40 ? 4.073   -25.017 12.979  1.00 19.56 ? 134 LEU B O   1 
ATOM   647  C  CB  . LEU B 1 40 ? 2.693   -22.671 11.345  1.00 18.11 ? 134 LEU B CB  1 
ATOM   648  C  CG  . LEU B 1 40 ? 1.628   -22.663 10.265  1.00 16.68 ? 134 LEU B CG  1 
ATOM   649  C  CD1 . LEU B 1 40 ? 2.161   -21.776 9.188   1.00 16.29 ? 134 LEU B CD1 1 
ATOM   650  C  CD2 . LEU B 1 40 ? 1.381   -24.073 9.753   1.00 14.83 ? 134 LEU B CD2 1 
ATOM   651  N  N   . THR B 1 41 ? 4.458   -23.069 14.011  1.00 20.26 ? 135 THR B N   1 
ATOM   652  C  CA  . THR B 1 41 ? 5.673   -23.574 14.643  1.00 21.46 ? 135 THR B CA  1 
ATOM   653  C  C   . THR B 1 41 ? 5.407   -24.342 15.950  1.00 22.08 ? 135 THR B C   1 
ATOM   654  O  O   . THR B 1 41 ? 6.208   -25.217 16.322  1.00 22.14 ? 135 THR B O   1 
ATOM   655  C  CB  . THR B 1 41 ? 6.682   -22.437 14.888  1.00 21.45 ? 135 THR B CB  1 
ATOM   656  O  OG1 . THR B 1 41 ? 7.363   -22.154 13.663  1.00 21.18 ? 135 THR B OG1 1 
ATOM   657  C  CG2 . THR B 1 41 ? 7.698   -22.823 15.960  1.00 21.94 ? 135 THR B CG2 1 
ATOM   658  N  N   . VAL B 1 42 ? 4.306   -24.012 16.642  1.00 22.61 ? 136 VAL B N   1 
ATOM   659  C  CA  . VAL B 1 42 ? 3.926   -24.741 17.860  1.00 23.12 ? 136 VAL B CA  1 
ATOM   660  C  C   . VAL B 1 42 ? 3.518   -26.159 17.464  1.00 23.13 ? 136 VAL B C   1 
ATOM   661  O  O   . VAL B 1 42 ? 4.113   -27.128 17.956  1.00 23.76 ? 136 VAL B O   1 
ATOM   662  C  CB  . VAL B 1 42 ? 2.805   -24.022 18.700  1.00 23.52 ? 136 VAL B CB  1 
ATOM   663  C  CG1 . VAL B 1 42 ? 2.015   -25.016 19.600  1.00 23.86 ? 136 VAL B CG1 1 
ATOM   664  C  CG2 . VAL B 1 42 ? 3.402   -22.914 19.561  1.00 23.44 ? 136 VAL B CG2 1 
ATOM   665  N  N   . ARG B 1 43 ? 2.544   -26.257 16.552  1.00 22.54 ? 137 ARG B N   1 
ATOM   666  C  CA  . ARG B 1 43 ? 1.997   -27.522 16.072  1.00 22.32 ? 137 ARG B CA  1 
ATOM   667  C  C   . ARG B 1 43 ? 2.831   -28.095 14.919  1.00 22.15 ? 137 ARG B C   1 
ATOM   668  O  O   . ARG B 1 43 ? 3.579   -29.061 15.075  1.00 21.38 ? 137 ARG B O   1 
ATOM   669  C  CB  . ARG B 1 43 ? 0.539   -27.316 15.619  1.00 22.36 ? 137 ARG B CB  1 
ATOM   670  N  N   . ILE C 1 1  ? 2.174   26.619  -17.551 1.00 41.40 ? 95  ILE C N   1 
ATOM   671  C  CA  . ILE C 1 1  ? 1.550   27.723  -16.763 1.00 41.46 ? 95  ILE C CA  1 
ATOM   672  C  C   . ILE C 1 1  ? 0.419   27.200  -15.879 1.00 41.50 ? 95  ILE C C   1 
ATOM   673  O  O   . ILE C 1 1  ? 0.573   27.073  -14.664 1.00 41.54 ? 95  ILE C O   1 
ATOM   674  C  CB  . ILE C 1 1  ? 1.047   28.827  -17.693 1.00 41.48 ? 95  ILE C CB  1 
ATOM   675  N  N   . GLU C 1 2  ? -0.718  26.906  -16.500 1.00 41.48 ? 96  GLU C N   1 
ATOM   676  C  CA  . GLU C 1 2  ? -1.840  26.273  -15.822 1.00 41.40 ? 96  GLU C CA  1 
ATOM   677  C  C   . GLU C 1 2  ? -2.025  24.879  -16.396 1.00 41.40 ? 96  GLU C C   1 
ATOM   678  O  O   . GLU C 1 2  ? -2.631  24.013  -15.769 1.00 41.52 ? 96  GLU C O   1 
ATOM   679  C  CB  . GLU C 1 2  ? -3.104  27.089  -16.010 1.00 41.47 ? 96  GLU C CB  1 
ATOM   680  N  N   . THR C 1 3  ? -1.481  24.674  -17.594 1.00 41.34 ? 97  THR C N   1 
ATOM   681  C  CA  . THR C 1 3  ? -1.666  23.435  -18.347 1.00 41.01 ? 97  THR C CA  1 
ATOM   682  C  C   . THR C 1 3  ? -0.859  22.272  -17.786 1.00 40.68 ? 97  THR C C   1 
ATOM   683  O  O   . THR C 1 3  ? -1.289  21.126  -17.889 1.00 40.83 ? 97  THR C O   1 
ATOM   684  C  CB  . THR C 1 3  ? -1.345  23.648  -19.822 1.00 41.24 ? 97  THR C CB  1 
ATOM   685  N  N   . GLN C 1 4  ? 0.309   22.556  -17.216 1.00 40.12 ? 98  GLN C N   1 
ATOM   686  C  CA  . GLN C 1 4  ? 1.028   21.532  -16.467 1.00 39.92 ? 98  GLN C CA  1 
ATOM   687  C  C   . GLN C 1 4  ? 0.390   21.444  -15.093 1.00 39.79 ? 98  GLN C C   1 
ATOM   688  O  O   . GLN C 1 4  ? 0.518   20.441  -14.397 1.00 39.74 ? 98  GLN C O   1 
ATOM   689  C  CB  . GLN C 1 4  ? 2.518   21.852  -16.363 1.00 39.75 ? 98  GLN C CB  1 
ATOM   690  N  N   . MET C 1 5  ? -0.336  22.497  -14.729 1.00 39.70 ? 99  MET C N   1 
ATOM   691  C  CA  . MET C 1 5  ? -0.944  22.597  -13.411 1.00 39.70 ? 99  MET C CA  1 
ATOM   692  C  C   . MET C 1 5  ? -2.160  21.683  -13.309 1.00 39.33 ? 99  MET C C   1 
ATOM   693  O  O   . MET C 1 5  ? -2.758  21.557  -12.252 1.00 39.23 ? 99  MET C O   1 
ATOM   694  C  CB  . MET C 1 5  ? -1.322  24.051  -13.113 1.00 39.97 ? 99  MET C CB  1 
ATOM   695  C  CG  . MET C 1 5  ? -1.186  24.471  -11.653 1.00 40.82 ? 99  MET C CG  1 
ATOM   696  S  SD  . MET C 1 5  ? -2.488  23.806  -10.594 1.00 42.73 ? 99  MET C SD  1 
ATOM   697  C  CE  . MET C 1 5  ? -3.964  24.381  -11.447 1.00 42.59 ? 99  MET C CE  1 
ATOM   698  N  N   . ASP C 1 6  ? -2.519  21.041  -14.411 1.00 39.16 ? 100 ASP C N   1 
ATOM   699  C  CA  . ASP C 1 6  ? -3.540  19.986  -14.374 1.00 39.05 ? 100 ASP C CA  1 
ATOM   700  C  C   . ASP C 1 6  ? -2.972  18.616  -14.776 1.00 38.83 ? 100 ASP C C   1 
ATOM   701  O  O   . ASP C 1 6  ? -3.450  17.581  -14.290 1.00 39.04 ? 100 ASP C O   1 
ATOM   702  C  CB  . ASP C 1 6  ? -4.778  20.375  -15.181 1.00 39.10 ? 100 ASP C CB  1 
ATOM   703  C  CG  . ASP C 1 6  ? -5.387  21.682  -14.698 1.00 39.44 ? 100 ASP C CG  1 
ATOM   704  O  OD1 . ASP C 1 6  ? -5.279  22.681  -15.431 1.00 39.87 ? 100 ASP C OD1 1 
ATOM   705  O  OD2 . ASP C 1 6  ? -5.938  21.729  -13.575 1.00 39.95 ? 100 ASP C OD2 1 
ATOM   706  N  N   . ARG C 1 7  ? -1.928  18.619  -15.621 1.00 38.03 ? 101 ARG C N   1 
ATOM   707  C  CA  . ARG C 1 7  ? -1.030  17.467  -15.739 1.00 36.85 ? 101 ARG C CA  1 
ATOM   708  C  C   . ARG C 1 7  ? -0.594  17.120  -14.313 1.00 36.12 ? 101 ARG C C   1 
ATOM   709  O  O   . ARG C 1 7  ? 0.177   16.183  -14.094 1.00 36.37 ? 101 ARG C O   1 
ATOM   710  C  CB  . ARG C 1 7  ? 0.180   17.790  -16.628 1.00 36.62 ? 101 ARG C CB  1 
ATOM   711  N  N   . VAL C 1 8  ? -1.123  17.896  -13.359 1.00 34.90 ? 102 VAL C N   1 
ATOM   712  C  CA  . VAL C 1 8  ? -0.896  17.741  -11.927 1.00 33.64 ? 102 VAL C CA  1 
ATOM   713  C  C   . VAL C 1 8  ? -2.176  17.337  -11.178 1.00 32.92 ? 102 VAL C C   1 
ATOM   714  O  O   . VAL C 1 8  ? -2.146  16.408  -10.391 1.00 32.63 ? 102 VAL C O   1 
ATOM   715  C  CB  . VAL C 1 8  ? -0.223  19.009  -11.327 1.00 33.59 ? 102 VAL C CB  1 
ATOM   716  C  CG1 . VAL C 1 8  ? -0.749  19.336  -9.945  1.00 33.88 ? 102 VAL C CG1 1 
ATOM   717  C  CG2 . VAL C 1 8  ? 1.285   18.838  -11.283 1.00 32.96 ? 102 VAL C CG2 1 
ATOM   718  N  N   . VAL C 1 9  ? -3.293  18.012  -11.423 1.00 32.26 ? 103 VAL C N   1 
ATOM   719  C  CA  . VAL C 1 9  ? -4.548  17.606  -10.786 1.00 32.16 ? 103 VAL C CA  1 
ATOM   720  C  C   . VAL C 1 9  ? -5.036  16.284  -11.403 1.00 32.04 ? 103 VAL C C   1 
ATOM   721  O  O   . VAL C 1 9  ? -5.759  15.512  -10.757 1.00 32.19 ? 103 VAL C O   1 
ATOM   722  C  CB  . VAL C 1 9  ? -5.693  18.669  -10.919 1.00 32.30 ? 103 VAL C CB  1 
ATOM   723  C  CG1 . VAL C 1 9  ? -6.802  18.407  -9.894  1.00 32.46 ? 103 VAL C CG1 1 
ATOM   724  C  CG2 . VAL C 1 9  ? -5.183  20.089  -10.756 1.00 32.36 ? 103 VAL C CG2 1 
ATOM   725  N  N   . LYS C 1 10 ? -4.645  16.036  -12.656 1.00 31.39 ? 104 LYS C N   1 
ATOM   726  C  CA  . LYS C 1 10 ? -5.043  14.830  -13.380 1.00 30.50 ? 104 LYS C CA  1 
ATOM   727  C  C   . LYS C 1 10 ? -4.314  13.616  -12.818 1.00 30.07 ? 104 LYS C C   1 
ATOM   728  O  O   . LYS C 1 10 ? -4.945  12.712  -12.260 1.00 29.91 ? 104 LYS C O   1 
ATOM   729  C  CB  . LYS C 1 10 ? -4.761  14.983  -14.869 1.00 30.32 ? 104 LYS C CB  1 
ATOM   730  N  N   . GLU C 1 11 ? -2.990  13.609  -12.957 1.00 29.18 ? 105 GLU C N   1 
ATOM   731  C  CA  . GLU C 1 11 ? -2.181  12.536  -12.426 1.00 28.80 ? 105 GLU C CA  1 
ATOM   732  C  C   . GLU C 1 11 ? -2.587  12.251  -10.967 1.00 28.64 ? 105 GLU C C   1 
ATOM   733  O  O   . GLU C 1 11 ? -2.652  11.094  -10.531 1.00 29.22 ? 105 GLU C O   1 
ATOM   734  C  CB  . GLU C 1 11 ? -0.686  12.878  -12.540 1.00 28.58 ? 105 GLU C CB  1 
ATOM   735  N  N   . MET C 1 12 ? -2.904  13.295  -10.220 1.00 27.56 ? 106 MET C N   1 
ATOM   736  C  CA  . MET C 1 12 ? -3.220  13.103  -8.828  1.00 27.06 ? 106 MET C CA  1 
ATOM   737  C  C   . MET C 1 12 ? -4.509  12.362  -8.608  1.00 26.14 ? 106 MET C C   1 
ATOM   738  O  O   . MET C 1 12 ? -4.574  11.478  -7.786  1.00 26.07 ? 106 MET C O   1 
ATOM   739  C  CB  . MET C 1 12 ? -3.339  14.437  -8.153  1.00 27.19 ? 106 MET C CB  1 
ATOM   740  C  CG  . MET C 1 12 ? -2.816  14.442  -6.755  1.00 27.53 ? 106 MET C CG  1 
ATOM   741  S  SD  . MET C 1 12 ? -2.874  16.137  -6.194  1.00 28.50 ? 106 MET C SD  1 
ATOM   742  C  CE  . MET C 1 12 ? -4.513  16.620  -6.780  1.00 30.11 ? 106 MET C CE  1 
ATOM   743  N  N   . ARG C 1 13 ? -5.550  12.743  -9.324  1.00 25.64 ? 107 ARG C N   1 
ATOM   744  C  CA  . ARG C 1 13 ? -6.845  12.139  -9.108  1.00 25.13 ? 107 ARG C CA  1 
ATOM   745  C  C   . ARG C 1 13 ? -6.730  10.664  -9.433  1.00 24.99 ? 107 ARG C C   1 
ATOM   746  O  O   . ARG C 1 13 ? -7.407  9.846   -8.820  1.00 24.89 ? 107 ARG C O   1 
ATOM   747  C  CB  . ARG C 1 13 ? -7.900  12.804  -9.953  1.00 24.94 ? 107 ARG C CB  1 
ATOM   748  N  N   . ARG C 1 14 ? -5.852  10.334  -10.383 1.00 24.82 ? 108 ARG C N   1 
ATOM   749  C  CA  . ARG C 1 14 ? -5.547  8.941   -10.705 1.00 24.89 ? 108 ARG C CA  1 
ATOM   750  C  C   . ARG C 1 14 ? -4.751  8.268   -9.563  1.00 25.36 ? 108 ARG C C   1 
ATOM   751  O  O   . ARG C 1 14 ? -4.743  7.035   -9.461  1.00 25.89 ? 108 ARG C O   1 
ATOM   752  C  CB  . ARG C 1 14 ? -4.807  8.819   -12.059 1.00 24.46 ? 108 ARG C CB  1 
ATOM   753  N  N   . GLN C 1 15 ? -4.087  9.057   -8.710  1.00 25.10 ? 109 GLN C N   1 
ATOM   754  C  CA  . GLN C 1 15 ? -3.387  8.484   -7.565  1.00 24.87 ? 109 GLN C CA  1 
ATOM   755  C  C   . GLN C 1 15 ? -4.353  8.124   -6.454  1.00 24.74 ? 109 GLN C C   1 
ATOM   756  O  O   . GLN C 1 15 ? -4.154  7.130   -5.790  1.00 25.46 ? 109 GLN C O   1 
ATOM   757  C  CB  . GLN C 1 15 ? -2.280  9.399   -7.035  1.00 24.89 ? 109 GLN C CB  1 
ATOM   758  C  CG  . GLN C 1 15 ? -1.089  9.519   -7.971  1.00 25.29 ? 109 GLN C CG  1 
ATOM   759  C  CD  . GLN C 1 15 ? 0.209   10.011  -7.311  1.00 24.97 ? 109 GLN C CD  1 
ATOM   760  O  OE1 . GLN C 1 15 ? 0.521   9.671   -6.161  1.00 25.11 ? 109 GLN C OE1 1 
ATOM   761  N  NE2 . GLN C 1 15 ? 0.982   10.809  -8.060  1.00 24.40 ? 109 GLN C NE2 1 
ATOM   762  N  N   . LEU C 1 16 ? -5.388  8.927   -6.237  1.00 24.62 ? 110 LEU C N   1 
ATOM   763  C  CA  . LEU C 1 16 ? -6.397  8.612   -5.214  1.00 24.55 ? 110 LEU C CA  1 
ATOM   764  C  C   . LEU C 1 16 ? -7.085  7.320   -5.619  1.00 23.87 ? 110 LEU C C   1 
ATOM   765  O  O   . LEU C 1 16 ? -7.346  6.442   -4.797  1.00 24.29 ? 110 LEU C O   1 
ATOM   766  C  CB  . LEU C 1 16 ? -7.424  9.747   -5.055  1.00 24.68 ? 110 LEU C CB  1 
ATOM   767  C  CG  . LEU C 1 16 ? -8.907  9.392   -4.789  1.00 25.89 ? 110 LEU C CG  1 
ATOM   768  C  CD1 . LEU C 1 16 ? -9.234  9.113   -3.294  1.00 26.19 ? 110 LEU C CD1 1 
ATOM   769  C  CD2 . LEU C 1 16 ? -9.883  10.441  -5.393  1.00 25.00 ? 110 LEU C CD2 1 
ATOM   770  N  N   . GLU C 1 17 ? -7.358  7.189   -6.902  1.00 22.87 ? 111 GLU C N   1 
ATOM   771  C  CA  . GLU C 1 17 ? -7.950  5.970   -7.365  1.00 22.12 ? 111 GLU C CA  1 
ATOM   772  C  C   . GLU C 1 17 ? -6.984  4.822   -7.118  1.00 21.15 ? 111 GLU C C   1 
ATOM   773  O  O   . GLU C 1 17 ? -7.374  3.820   -6.535  1.00 21.60 ? 111 GLU C O   1 
ATOM   774  C  CB  . GLU C 1 17 ? -8.327  6.055   -8.838  1.00 22.32 ? 111 GLU C CB  1 
ATOM   775  C  CG  . GLU C 1 17 ? -9.626  5.339   -9.136  1.00 24.86 ? 111 GLU C CG  1 
ATOM   776  C  CD  . GLU C 1 17 ? -10.762 5.823   -8.235  1.00 27.04 ? 111 GLU C CD  1 
ATOM   777  O  OE1 . GLU C 1 17 ? -10.993 7.067   -8.192  1.00 25.92 ? 111 GLU C OE1 1 
ATOM   778  O  OE2 . GLU C 1 17 ? -11.399 4.953   -7.574  1.00 27.88 ? 111 GLU C OE2 1 
ATOM   779  N  N   . MET C 1 18 ? -5.732  4.957   -7.535  1.00 19.25 ? 112 MET C N   1 
ATOM   780  C  CA  . MET C 1 18 ? -4.822  3.847   -7.375  1.00 18.17 ? 112 MET C CA  1 
ATOM   781  C  C   . MET C 1 18 ? -4.676  3.496   -5.913  1.00 17.58 ? 112 MET C C   1 
ATOM   782  O  O   . MET C 1 18 ? -4.583  2.311   -5.584  1.00 18.06 ? 112 MET C O   1 
ATOM   783  C  CB  . MET C 1 18 ? -3.469  4.112   -8.007  1.00 18.19 ? 112 MET C CB  1 
ATOM   784  C  CG  . MET C 1 18 ? -3.185  3.217   -9.194  1.00 18.22 ? 112 MET C CG  1 
ATOM   785  S  SD  . MET C 1 18 ? -1.854  3.808   -10.260 0.50 18.54 ? 112 MET C SD  1 
ATOM   786  C  CE  . MET C 1 18 ? -2.691  5.188   -11.077 1.00 20.18 ? 112 MET C CE  1 
ATOM   787  N  N   . ILE C 1 19 ? -4.706  4.514   -5.044  1.00 16.42 ? 113 ILE C N   1 
ATOM   788  C  CA  . ILE C 1 19 ? -4.694  4.310   -3.592  1.00 15.00 ? 113 ILE C CA  1 
ATOM   789  C  C   . ILE C 1 19 ? -5.909  3.522   -3.150  1.00 14.60 ? 113 ILE C C   1 
ATOM   790  O  O   . ILE C 1 19 ? -5.783  2.644   -2.327  1.00 13.85 ? 113 ILE C O   1 
ATOM   791  C  CB  . ILE C 1 19 ? -4.559  5.637   -2.764  1.00 14.59 ? 113 ILE C CB  1 
ATOM   792  C  CG1 . ILE C 1 19 ? -3.126  5.831   -2.259  1.00 13.39 ? 113 ILE C CG1 1 
ATOM   793  C  CG2 . ILE C 1 19 ? -5.432  5.592   -1.553  1.00 13.95 ? 113 ILE C CG2 1 
ATOM   794  C  CD1 . ILE C 1 19 ? -2.211  6.551   -3.225  1.00 11.88 ? 113 ILE C CD1 1 
ATOM   795  N  N   . ASP C 1 20 ? -7.083  3.818   -3.708  1.00 15.00 ? 114 ASP C N   1 
ATOM   796  C  CA  . ASP C 1 20 ? -8.296  3.151   -3.238  1.00 15.37 ? 114 ASP C CA  1 
ATOM   797  C  C   . ASP C 1 20 ? -8.350  1.673   -3.605  1.00 15.00 ? 114 ASP C C   1 
ATOM   798  O  O   . ASP C 1 20 ? -8.728  0.844   -2.776  1.00 14.98 ? 114 ASP C O   1 
ATOM   799  C  CB  . ASP C 1 20 ? -9.554  3.872   -3.687  1.00 16.41 ? 114 ASP C CB  1 
ATOM   800  C  CG  . ASP C 1 20 ? -10.751 3.602   -2.750  1.00 19.02 ? 114 ASP C CG  1 
ATOM   801  O  OD1 . ASP C 1 20 ? -11.674 2.810   -3.145  1.00 21.31 ? 114 ASP C OD1 1 
ATOM   802  O  OD2 . ASP C 1 20 ? -10.744 4.178   -1.622  1.00 19.64 ? 114 ASP C OD2 1 
ATOM   803  N  N   . LYS C 1 21 ? -7.942  1.340   -4.832  1.00 14.91 ? 115 LYS C N   1 
ATOM   804  C  CA  . LYS C 1 21 ? -7.797  -0.054  -5.252  1.00 14.29 ? 115 LYS C CA  1 
ATOM   805  C  C   . LYS C 1 21 ? -6.807  -0.736  -4.353  1.00 14.58 ? 115 LYS C C   1 
ATOM   806  O  O   . LYS C 1 21 ? -6.901  -1.928  -4.184  1.00 15.91 ? 115 LYS C O   1 
ATOM   807  C  CB  . LYS C 1 21 ? -7.304  -0.184  -6.682  1.00 14.43 ? 115 LYS C CB  1 
ATOM   808  C  CG  . LYS C 1 21 ? -8.323  0.172   -7.767  1.00 14.60 ? 115 LYS C CG  1 
ATOM   809  C  CD  . LYS C 1 21 ? -7.607  0.735   -9.006  1.00 14.83 ? 115 LYS C CD  1 
ATOM   810  C  CE  . LYS C 1 21 ? -8.552  1.553   -9.876  1.00 16.91 ? 115 LYS C CE  1 
ATOM   811  N  NZ  . LYS C 1 21 ? -8.073  1.736   -11.286 1.00 18.25 ? 115 LYS C NZ  1 
ATOM   812  N  N   . LEU C 1 22 ? -5.857  -0.004  -3.768  1.00 14.05 ? 116 LEU C N   1 
ATOM   813  C  CA  . LEU C 1 22 ? -4.934  -0.609  -2.801  1.00 12.97 ? 116 LEU C CA  1 
ATOM   814  C  C   . LEU C 1 22 ? -5.584  -0.932  -1.480  1.00 12.76 ? 116 LEU C C   1 
ATOM   815  O  O   . LEU C 1 22 ? -5.278  -1.981  -0.884  1.00 11.85 ? 116 LEU C O   1 
ATOM   816  C  CB  . LEU C 1 22 ? -3.750  0.309   -2.502  1.00 13.01 ? 116 LEU C CB  1 
ATOM   817  C  CG  . LEU C 1 22 ? -2.386  -0.082  -3.019  1.00 11.89 ? 116 LEU C CG  1 
ATOM   818  C  CD1 . LEU C 1 22 ? -1.487  1.117   -2.888  1.00 12.77 ? 116 LEU C CD1 1 
ATOM   819  C  CD2 . LEU C 1 22 ? -1.868  -1.277  -2.213  1.00 11.54 ? 116 LEU C CD2 1 
ATOM   820  N  N   . THR C 1 23 ? -6.467  -0.047  -1.002  1.00 12.76 ? 117 THR C N   1 
ATOM   821  C  CA  . THR C 1 23 ? -6.949  -0.208  0.382   1.00 13.05 ? 117 THR C CA  1 
ATOM   822  C  C   . THR C 1 23 ? -7.846  -1.424  0.407   1.00 13.49 ? 117 THR C C   1 
ATOM   823  O  O   . THR C 1 23 ? -7.750  -2.316  1.255   1.00 13.13 ? 117 THR C O   1 
ATOM   824  C  CB  . THR C 1 23 ? -7.636  1.034   0.977   1.00 12.29 ? 117 THR C CB  1 
ATOM   825  O  OG1 . THR C 1 23 ? -7.173  2.216   0.329   1.00 11.42 ? 117 THR C OG1 1 
ATOM   826  C  CG2 . THR C 1 23 ? -7.224  1.160   2.417   1.00 13.85 ? 117 THR C CG2 1 
ATOM   827  N  N   . THR C 1 24 ? -8.666  -1.503  -0.615  1.00 13.89 ? 118 THR C N   1 
ATOM   828  C  CA  . THR C 1 24 ? -9.568  -2.600  -0.660  1.00 14.89 ? 118 THR C CA  1 
ATOM   829  C  C   . THR C 1 24 ? -8.816  -3.899  -0.964  1.00 15.24 ? 118 THR C C   1 
ATOM   830  O  O   . THR C 1 24 ? -9.302  -4.982  -0.664  1.00 16.08 ? 118 THR C O   1 
ATOM   831  C  CB  . THR C 1 24 ? -10.751 -2.299  -1.577  1.00 14.82 ? 118 THR C CB  1 
ATOM   832  O  OG1 . THR C 1 24 ? -10.297 -2.173  -2.930  1.00 15.81 ? 118 THR C OG1 1 
ATOM   833  C  CG2 . THR C 1 24 ? -11.404 -0.993  -1.123  1.00 14.66 ? 118 THR C CG2 1 
ATOM   834  N  N   . ARG C 1 25 ? -7.614  -3.811  -1.522  1.00 15.38 ? 119 ARG C N   1 
ATOM   835  C  CA  . ARG C 1 25 ? -6.793  -5.010  -1.577  1.00 14.84 ? 119 ARG C CA  1 
ATOM   836  C  C   . ARG C 1 25 ? -6.162  -5.309  -0.242  1.00 14.34 ? 119 ARG C C   1 
ATOM   837  O  O   . ARG C 1 25 ? -5.873  -6.476  0.045   1.00 14.58 ? 119 ARG C O   1 
ATOM   838  C  CB  . ARG C 1 25 ? -5.765  -5.010  -2.680  1.00 14.68 ? 119 ARG C CB  1 
ATOM   839  C  CG  . ARG C 1 25 ? -6.198  -5.951  -3.769  1.00 18.57 ? 119 ARG C CG  1 
ATOM   840  C  CD  . ARG C 1 25 ? -5.076  -6.473  -4.675  1.00 21.52 ? 119 ARG C CD  1 
ATOM   841  N  NE  . ARG C 1 25 ? -5.577  -6.618  -6.049  1.00 21.89 ? 119 ARG C NE  1 
ATOM   842  C  CZ  . ARG C 1 25 ? -5.620  -5.614  -6.928  1.00 23.62 ? 119 ARG C CZ  1 
ATOM   843  N  NH1 . ARG C 1 25 ? -5.183  -4.408  -6.563  1.00 23.52 ? 119 ARG C NH1 1 
ATOM   844  N  NH2 . ARG C 1 25 ? -6.083  -5.808  -8.171  1.00 23.98 ? 119 ARG C NH2 1 
ATOM   845  N  N   . GLU C 1 26 ? -5.972  -4.286  0.594   1.00 13.05 ? 120 GLU C N   1 
ATOM   846  C  CA  . GLU C 1 26 ? -5.450  -4.538  1.938   1.00 11.53 ? 120 GLU C CA  1 
ATOM   847  C  C   . GLU C 1 26 ? -6.586  -5.291  2.649   1.00 9.61  ? 120 GLU C C   1 
ATOM   848  O  O   . GLU C 1 26 ? -6.334  -6.232  3.408   1.00 8.45  ? 120 GLU C O   1 
ATOM   849  C  CB  . GLU C 1 26 ? -5.062  -3.208  2.599   1.00 11.97 ? 120 GLU C CB  1 
ATOM   850  C  CG  . GLU C 1 26 ? -4.457  -3.229  3.977   1.00 16.15 ? 120 GLU C CG  1 
ATOM   851  C  CD  . GLU C 1 26 ? -5.456  -3.660  5.073   1.00 25.72 ? 120 GLU C CD  1 
ATOM   852  O  OE1 . GLU C 1 26 ? -6.490  -2.943  5.274   1.00 26.96 ? 120 GLU C OE1 1 
ATOM   853  O  OE2 . GLU C 1 26 ? -5.207  -4.736  5.731   1.00 29.40 ? 120 GLU C OE2 1 
ATOM   854  N  N   . ILE C 1 27 ? -7.832  -4.938  2.330   1.00 7.50  ? 121 ILE C N   1 
ATOM   855  C  CA  . ILE C 1 27 ? -8.938  -5.478  3.092   1.00 6.86  ? 121 ILE C CA  1 
ATOM   856  C  C   . ILE C 1 27 ? -9.127  -6.918  2.683   1.00 6.34  ? 121 ILE C C   1 
ATOM   857  O  O   . ILE C 1 27 ? -9.123  -7.814  3.488   1.00 5.33  ? 121 ILE C O   1 
ATOM   858  C  CB  . ILE C 1 27 ? -10.243 -4.653  2.909   1.00 6.87  ? 121 ILE C CB  1 
ATOM   859  C  CG1 . ILE C 1 27 ? -10.117 -3.304  3.591   1.00 6.67  ? 121 ILE C CG1 1 
ATOM   860  C  CG2 . ILE C 1 27 ? -11.465 -5.387  3.469   1.00 5.63  ? 121 ILE C CG2 1 
ATOM   861  C  CD1 . ILE C 1 27 ? -10.655 -2.153  2.779   1.00 5.14  ? 121 ILE C CD1 1 
ATOM   862  N  N   . GLU C 1 28 ? -9.273  -7.143  1.405   1.00 7.35  ? 122 GLU C N   1 
ATOM   863  C  CA  . GLU C 1 28 ? -9.266  -8.502  0.949   1.00 9.40  ? 122 GLU C CA  1 
ATOM   864  C  C   . GLU C 1 28 ? -8.129  -9.239  1.687   1.00 8.59  ? 122 GLU C C   1 
ATOM   865  O  O   . GLU C 1 28 ? -8.413  -10.104 2.487   1.00 9.53  ? 122 GLU C O   1 
ATOM   866  C  CB  . GLU C 1 28 ? -9.136  -8.595  -0.579  1.00 9.62  ? 122 GLU C CB  1 
ATOM   867  C  CG  . GLU C 1 28 ? -9.044  -10.059 -1.106  1.00 11.50 ? 122 GLU C CG  1 
ATOM   868  C  CD  . GLU C 1 28 ? -9.333  -10.178 -2.609  1.00 12.13 ? 122 GLU C CD  1 
ATOM   869  O  OE1 . GLU C 1 28 ? -8.965  -9.213  -3.371  1.00 16.33 ? 122 GLU C OE1 1 
ATOM   870  O  OE2 . GLU C 1 28 ? -9.934  -11.236 -3.012  1.00 13.46 ? 122 GLU C OE2 1 
ATOM   871  N  N   . GLN C 1 29 ? -6.870  -8.883  1.443   1.00 7.76  ? 123 GLN C N   1 
ATOM   872  C  CA  . GLN C 1 29 ? -5.744  -9.360  2.241   1.00 6.77  ? 123 GLN C CA  1 
ATOM   873  C  C   . GLN C 1 29 ? -6.047  -9.640  3.689   1.00 5.88  ? 123 GLN C C   1 
ATOM   874  O  O   . GLN C 1 29 ? -5.641  -10.716 4.151   1.00 6.11  ? 123 GLN C O   1 
ATOM   875  C  CB  . GLN C 1 29 ? -4.627  -8.349  2.235   1.00 6.97  ? 123 GLN C CB  1 
ATOM   876  C  CG  . GLN C 1 29 ? -3.404  -8.834  1.600   1.00 10.25 ? 123 GLN C CG  1 
ATOM   877  C  CD  . GLN C 1 29 ? -2.730  -7.745  0.799   1.00 15.28 ? 123 GLN C CD  1 
ATOM   878  O  OE1 . GLN C 1 29 ? -2.568  -6.609  1.280   1.00 19.20 ? 123 GLN C OE1 1 
ATOM   879  N  NE2 . GLN C 1 29 ? -2.332  -8.071  -0.439  1.00 15.74 ? 123 GLN C NE2 1 
ATOM   880  N  N   . VAL C 1 30 ? -6.701  -8.728  4.431   1.00 4.47  ? 124 VAL C N   1 
ATOM   881  C  CA  . VAL C 1 30 ? -6.831  -9.002  5.881   1.00 4.15  ? 124 VAL C CA  1 
ATOM   882  C  C   . VAL C 1 30 ? -7.833  -10.070 6.146   1.00 5.19  ? 124 VAL C C   1 
ATOM   883  O  O   . VAL C 1 30 ? -7.510  -11.031 6.867   1.00 6.32  ? 124 VAL C O   1 
ATOM   884  C  CB  . VAL C 1 30 ? -7.105  -7.821  6.848   1.00 4.33  ? 124 VAL C CB  1 
ATOM   885  C  CG1 . VAL C 1 30 ? -7.888  -6.699  6.243   1.00 3.33  ? 124 VAL C CG1 1 
ATOM   886  C  CG2 . VAL C 1 30 ? -7.800  -8.345  8.101   1.00 3.85  ? 124 VAL C CG2 1 
ATOM   887  N  N   . GLU C 1 31 ? -9.031  -9.911  5.559   1.00 5.13  ? 125 GLU C N   1 
ATOM   888  C  CA  . GLU C 1 31 ? -10.093 -10.912 5.603   1.00 4.67  ? 125 GLU C CA  1 
ATOM   889  C  C   . GLU C 1 31 ? -9.516  -12.342 5.579   1.00 4.82  ? 125 GLU C C   1 
ATOM   890  O  O   . GLU C 1 31 ? -9.505  -13.026 6.611   1.00 4.69  ? 125 GLU C O   1 
ATOM   891  C  CB  . GLU C 1 31 ? -11.031 -10.689 4.461   1.00 4.96  ? 125 GLU C CB  1 
ATOM   892  N  N   . LEU C 1 32 ? -8.995  -12.772 4.421   1.00 4.58  ? 126 LEU C N   1 
ATOM   893  C  CA  . LEU C 1 32 ? -8.148  -13.990 4.331   1.00 4.61  ? 126 LEU C CA  1 
ATOM   894  C  C   . LEU C 1 32 ? -7.151  -14.266 5.509   1.00 4.24  ? 126 LEU C C   1 
ATOM   895  O  O   . LEU C 1 32 ? -6.857  -15.424 5.764   1.00 3.75  ? 126 LEU C O   1 
ATOM   896  C  CB  . LEU C 1 32 ? -7.356  -14.022 3.009   1.00 4.58  ? 126 LEU C CB  1 
ATOM   897  C  CG  . LEU C 1 32 ? -7.923  -14.445 1.655   1.00 4.36  ? 126 LEU C CG  1 
ATOM   898  C  CD1 . LEU C 1 32 ? -7.314  -13.552 0.551   1.00 5.07  ? 126 LEU C CD1 1 
ATOM   899  C  CD2 . LEU C 1 32 ? -7.709  -15.937 1.351   1.00 4.31  ? 126 LEU C CD2 1 
ATOM   900  N  N   . LEU C 1 33 ? -6.616  -13.262 6.200   1.00 3.82  ? 127 LEU C N   1 
ATOM   901  C  CA  . LEU C 1 33 ? -5.784  -13.587 7.412   1.00 4.68  ? 127 LEU C CA  1 
ATOM   902  C  C   . LEU C 1 33 ? -6.597  -13.931 8.656   1.00 4.25  ? 127 LEU C C   1 
ATOM   903  O  O   . LEU C 1 33 ? -6.329  -14.940 9.323   1.00 4.03  ? 127 LEU C O   1 
ATOM   904  C  CB  . LEU C 1 33 ? -4.779  -12.498 7.780   1.00 4.36  ? 127 LEU C CB  1 
ATOM   905  C  CG  . LEU C 1 33 ? -3.692  -12.305 6.711   1.00 5.34  ? 127 LEU C CG  1 
ATOM   906  C  CD1 . LEU C 1 33 ? -3.345  -10.853 6.617   1.00 4.16  ? 127 LEU C CD1 1 
ATOM   907  C  CD2 . LEU C 1 33 ? -2.447  -13.080 6.983   1.00 6.24  ? 127 LEU C CD2 1 
ATOM   908  N  N   . LYS C 1 34 ? -7.579  -13.098 8.975   1.00 4.27  ? 128 LYS C N   1 
ATOM   909  C  CA  . LYS C 1 34 ? -8.420  -13.346 10.138  1.00 4.00  ? 128 LYS C CA  1 
ATOM   910  C  C   . LYS C 1 34 ? -8.924  -14.811 9.979   1.00 5.10  ? 128 LYS C C   1 
ATOM   911  O  O   . LYS C 1 34 ? -8.743  -15.625 10.891  1.00 5.04  ? 128 LYS C O   1 
ATOM   912  C  CB  . LYS C 1 34 ? -9.559  -12.292 10.245  1.00 3.27  ? 128 LYS C CB  1 
ATOM   913  C  CG  . LYS C 1 34 ? -9.112  -10.795 10.358  1.00 2.81  ? 128 LYS C CG  1 
ATOM   914  C  CD  . LYS C 1 34 ? -10.239 -9.660  10.591  1.00 4.20  ? 128 LYS C CD  1 
ATOM   915  C  CE  . LYS C 1 34 ? -11.315 -10.010 11.641  1.00 4.02  ? 128 LYS C CE  1 
ATOM   916  N  NZ  . LYS C 1 34 ? -11.855 -8.935  12.549  1.00 2.00  ? 128 LYS C NZ  1 
ATOM   917  N  N   . ARG C 1 35 ? -9.459  -15.165 8.794   1.00 5.40  ? 129 ARG C N   1 
ATOM   918  C  CA  . ARG C 1 35 ? -10.055 -16.479 8.566   1.00 6.50  ? 129 ARG C CA  1 
ATOM   919  C  C   . ARG C 1 35 ? -9.021  -17.548 8.730   1.00 6.47  ? 129 ARG C C   1 
ATOM   920  O  O   . ARG C 1 35 ? -9.202  -18.432 9.565   1.00 7.45  ? 129 ARG C O   1 
ATOM   921  C  CB  . ARG C 1 35 ? -10.579 -16.646 7.151   1.00 6.75  ? 129 ARG C CB  1 
ATOM   922  C  CG  . ARG C 1 35 ? -11.521 -15.598 6.653   1.00 9.87  ? 129 ARG C CG  1 
ATOM   923  C  CD  . ARG C 1 35 ? -11.877 -15.766 5.186   1.00 9.11  ? 129 ARG C CD  1 
ATOM   924  N  NE  . ARG C 1 35 ? -12.775 -16.889 5.029   1.00 13.64 ? 129 ARG C NE  1 
ATOM   925  C  CZ  . ARG C 1 35 ? -13.662 -16.977 4.057   1.00 16.49 ? 129 ARG C CZ  1 
ATOM   926  N  NH1 . ARG C 1 35 ? -13.745 -15.984 3.179   1.00 18.53 ? 129 ARG C NH1 1 
ATOM   927  N  NH2 . ARG C 1 35 ? -14.471 -18.039 3.978   1.00 17.33 ? 129 ARG C NH2 1 
ATOM   928  N  N   . ILE C 1 36 ? -7.972  -17.480 7.899   1.00 5.83  ? 130 ILE C N   1 
ATOM   929  C  CA  . ILE C 1 36 ? -6.840  -18.385 7.945   1.00 5.94  ? 130 ILE C CA  1 
ATOM   930  C  C   . ILE C 1 36 ? -6.312  -18.500 9.345   1.00 6.44  ? 130 ILE C C   1 
ATOM   931  O  O   . ILE C 1 36 ? -5.710  -19.494 9.687   1.00 6.13  ? 130 ILE C O   1 
ATOM   932  C  CB  . ILE C 1 36 ? -5.624  -17.885 7.122   1.00 5.99  ? 130 ILE C CB  1 
ATOM   933  C  CG1 . ILE C 1 36 ? -5.647  -18.389 5.683   1.00 4.67  ? 130 ILE C CG1 1 
ATOM   934  C  CG2 . ILE C 1 36 ? -4.339  -18.430 7.736   1.00 6.53  ? 130 ILE C CG2 1 
ATOM   935  C  CD1 . ILE C 1 36 ? -4.521  -17.812 4.817   1.00 5.85  ? 130 ILE C CD1 1 
ATOM   936  N  N   . TYR C 1 37 ? -6.483  -17.463 10.145  1.00 7.51  ? 131 TYR C N   1 
ATOM   937  C  CA  . TYR C 1 37 ? -6.036  -17.558 11.512  1.00 9.09  ? 131 TYR C CA  1 
ATOM   938  C  C   . TYR C 1 37 ? -7.007  -18.444 12.238  1.00 9.80  ? 131 TYR C C   1 
ATOM   939  O  O   . TYR C 1 37 ? -6.596  -19.381 12.894  1.00 9.51  ? 131 TYR C O   1 
ATOM   940  C  CB  . TYR C 1 37 ? -5.973  -16.176 12.161  1.00 10.24 ? 131 TYR C CB  1 
ATOM   941  C  CG  . TYR C 1 37 ? -5.605  -16.177 13.623  1.00 11.04 ? 131 TYR C CG  1 
ATOM   942  C  CD1 . TYR C 1 37 ? -4.291  -16.416 14.036  1.00 11.66 ? 131 TYR C CD1 1 
ATOM   943  C  CD2 . TYR C 1 37 ? -6.551  -15.899 14.585  1.00 12.54 ? 131 TYR C CD2 1 
ATOM   944  C  CE1 . TYR C 1 37 ? -3.933  -16.420 15.365  1.00 10.97 ? 131 TYR C CE1 1 
ATOM   945  C  CE2 . TYR C 1 37 ? -6.206  -15.890 15.944  1.00 14.58 ? 131 TYR C CE2 1 
ATOM   946  C  CZ  . TYR C 1 37 ? -4.882  -16.155 16.345  1.00 13.57 ? 131 TYR C CZ  1 
ATOM   947  O  OH  . TYR C 1 37 ? -4.526  -16.153 17.734  1.00 13.76 ? 131 TYR C OH  1 
ATOM   948  N  N   . ASP C 1 38 ? -8.303  -18.166 12.071  1.00 11.01 ? 132 ASP C N   1 
ATOM   949  C  CA  . ASP C 1 38 ? -9.347  -18.831 12.846  1.00 12.35 ? 132 ASP C CA  1 
ATOM   950  C  C   . ASP C 1 38 ? -9.392  -20.344 12.641  1.00 12.84 ? 132 ASP C C   1 
ATOM   951  O  O   . ASP C 1 38 ? -9.586  -21.098 13.592  1.00 11.82 ? 132 ASP C O   1 
ATOM   952  C  CB  . ASP C 1 38 ? -10.695 -18.177 12.572  1.00 12.92 ? 132 ASP C CB  1 
ATOM   953  C  CG  . ASP C 1 38 ? -10.884 -16.865 13.352  1.00 15.23 ? 132 ASP C CG  1 
ATOM   954  O  OD1 . ASP C 1 38 ? -10.899 -16.919 14.609  1.00 17.29 ? 132 ASP C OD1 1 
ATOM   955  O  OD2 . ASP C 1 38 ? -11.011 -15.783 12.709  1.00 16.79 ? 132 ASP C OD2 1 
ATOM   956  N  N   . LYS C 1 39 ? -9.170  -20.777 11.401  1.00 14.33 ? 133 LYS C N   1 
ATOM   957  C  CA  . LYS C 1 39 ? -8.951  -22.204 11.117  1.00 16.18 ? 133 LYS C CA  1 
ATOM   958  C  C   . LYS C 1 39 ? -7.754  -22.820 11.886  1.00 16.74 ? 133 LYS C C   1 
ATOM   959  O  O   . LYS C 1 39 ? -7.750  -24.011 12.187  1.00 17.12 ? 133 LYS C O   1 
ATOM   960  C  CB  . LYS C 1 39 ? -8.806  -22.443 9.617   1.00 16.03 ? 133 LYS C CB  1 
ATOM   961  C  CG  . LYS C 1 39 ? -9.775  -21.604 8.815   1.00 18.86 ? 133 LYS C CG  1 
ATOM   962  C  CD  . LYS C 1 39 ? -10.599 -22.456 7.842   1.00 22.62 ? 133 LYS C CD  1 
ATOM   963  C  CE  . LYS C 1 39 ? -12.083 -22.618 8.299   1.00 24.17 ? 133 LYS C CE  1 
ATOM   964  N  NZ  . LYS C 1 39 ? -12.964 -21.429 7.916   1.00 25.45 ? 133 LYS C NZ  1 
ATOM   965  N  N   . LEU C 1 40 ? -6.751  -22.012 12.206  1.00 17.09 ? 134 LEU C N   1 
ATOM   966  C  CA  . LEU C 1 40 ? -5.616  -22.516 12.951  1.00 17.88 ? 134 LEU C CA  1 
ATOM   967  C  C   . LEU C 1 40 ? -5.870  -22.592 14.470  1.00 19.17 ? 134 LEU C C   1 
ATOM   968  O  O   . LEU C 1 40 ? -5.273  -23.429 15.172  1.00 19.86 ? 134 LEU C O   1 
ATOM   969  C  CB  . LEU C 1 40 ? -4.334  -21.707 12.634  1.00 17.32 ? 134 LEU C CB  1 
ATOM   970  C  CG  . LEU C 1 40 ? -3.462  -22.126 11.432  1.00 15.54 ? 134 LEU C CG  1 
ATOM   971  C  CD1 . LEU C 1 40 ? -2.410  -21.099 11.086  1.00 13.37 ? 134 LEU C CD1 1 
ATOM   972  C  CD2 . LEU C 1 40 ? -2.792  -23.492 11.670  1.00 16.69 ? 134 LEU C CD2 1 
ATOM   973  N  N   . THR C 1 41 ? -6.745  -21.745 15.003  1.00 20.15 ? 135 THR C N   1 
ATOM   974  C  CA  . THR C 1 41 ? -6.948  -21.772 16.463  1.00 21.10 ? 135 THR C CA  1 
ATOM   975  C  C   . THR C 1 41 ? -7.751  -23.015 16.814  1.00 21.61 ? 135 THR C C   1 
ATOM   976  O  O   . THR C 1 41 ? -7.619  -23.589 17.904  1.00 21.54 ? 135 THR C O   1 
ATOM   977  C  CB  . THR C 1 41 ? -7.711  -20.552 16.962  1.00 20.95 ? 135 THR C CB  1 
ATOM   978  O  OG1 . THR C 1 41 ? -7.543  -19.451 16.052  1.00 22.69 ? 135 THR C OG1 1 
ATOM   979  C  CG2 . THR C 1 41 ? -7.225  -20.154 18.324  1.00 20.99 ? 135 THR C CG2 1 
ATOM   980  N  N   . VAL C 1 42 ? -8.547  -23.427 15.836  1.00 22.13 ? 136 VAL C N   1 
ATOM   981  C  CA  . VAL C 1 42 ? -9.605  -24.387 15.999  1.00 22.95 ? 136 VAL C CA  1 
ATOM   982  C  C   . VAL C 1 42 ? -9.102  -25.797 15.702  1.00 23.96 ? 136 VAL C C   1 
ATOM   983  O  O   . VAL C 1 42 ? -9.463  -26.755 16.416  1.00 23.99 ? 136 VAL C O   1 
ATOM   984  C  CB  . VAL C 1 42 ? -10.775 -23.940 15.108  1.00 22.86 ? 136 VAL C CB  1 
ATOM   985  C  CG1 . VAL C 1 42 ? -11.551 -25.109 14.485  1.00 22.64 ? 136 VAL C CG1 1 
ATOM   986  C  CG2 . VAL C 1 42 ? -11.648 -22.977 15.907  1.00 22.45 ? 136 VAL C CG2 1 
ATOM   987  N  N   . ARG C 1 43 ? -8.249  -25.895 14.668  1.00 24.84 ? 137 ARG C N   1 
ATOM   988  C  CA  . ARG C 1 43 ? -7.526  -27.120 14.280  1.00 25.08 ? 137 ARG C CA  1 
ATOM   989  C  C   . ARG C 1 43 ? -6.545  -27.513 15.371  1.00 25.13 ? 137 ARG C C   1 
ATOM   990  O  O   . ARG C 1 43 ? -5.544  -28.180 15.116  1.00 25.27 ? 137 ARG C O   1 
ATOM   991  C  CB  . ARG C 1 43 ? -6.782  -26.911 12.940  1.00 24.99 ? 137 ARG C CB  1 
ATOM   992  N  N   . THR C 1 44 ? -6.859  -27.084 16.589  1.00 25.46 ? 138 THR C N   1 
ATOM   993  C  CA  . THR C 1 44 ? -6.022  -27.282 17.759  1.00 25.91 ? 138 THR C CA  1 
ATOM   994  C  C   . THR C 1 44 ? -6.886  -27.524 19.015  1.00 26.27 ? 138 THR C C   1 
ATOM   995  O  O   . THR C 1 44 ? -7.570  -26.618 19.525  1.00 26.56 ? 138 THR C O   1 
ATOM   996  C  CB  . THR C 1 44 ? -5.084  -26.074 17.945  1.00 25.95 ? 138 THR C CB  1 
ATOM   997  N  N   . ILE D 1 1  ? 8.471   29.334  -10.273 1.00 41.84 ? 95  ILE D N   1 
ATOM   998  C  CA  . ILE D 1 1  ? 7.508   29.388  -11.408 1.00 41.86 ? 95  ILE D CA  1 
ATOM   999  C  C   . ILE D 1 1  ? 7.347   27.989  -12.000 1.00 41.78 ? 95  ILE D C   1 
ATOM   1000 O  O   . ILE D 1 1  ? 7.171   27.016  -11.258 1.00 41.75 ? 95  ILE D O   1 
ATOM   1001 C  CB  . ILE D 1 1  ? 7.978   30.412  -12.481 1.00 41.83 ? 95  ILE D CB  1 
ATOM   1002 N  N   . GLU D 1 2  ? 7.419   27.899  -13.330 1.00 41.76 ? 96  GLU D N   1 
ATOM   1003 C  CA  . GLU D 1 2  ? 7.361   26.629  -14.067 1.00 41.45 ? 96  GLU D CA  1 
ATOM   1004 C  C   . GLU D 1 2  ? 8.410   25.622  -13.577 1.00 41.11 ? 96  GLU D C   1 
ATOM   1005 O  O   . GLU D 1 2  ? 8.201   24.405  -13.628 1.00 40.85 ? 96  GLU D O   1 
ATOM   1006 C  CB  . GLU D 1 2  ? 7.524   26.891  -15.574 1.00 41.57 ? 96  GLU D CB  1 
ATOM   1007 N  N   . THR D 1 3  ? 9.530   26.159  -13.095 1.00 40.70 ? 97  THR D N   1 
ATOM   1008 C  CA  . THR D 1 3  ? 10.664  25.366  -12.648 1.00 40.13 ? 97  THR D CA  1 
ATOM   1009 C  C   . THR D 1 3  ? 10.257  24.344  -11.599 1.00 39.71 ? 97  THR D C   1 
ATOM   1010 O  O   . THR D 1 3  ? 10.493  23.158  -11.769 1.00 39.75 ? 97  THR D O   1 
ATOM   1011 C  CB  . THR D 1 3  ? 11.776  26.279  -12.120 1.00 40.16 ? 97  THR D CB  1 
ATOM   1012 N  N   . GLN D 1 4  ? 9.644   24.803  -10.516 1.00 39.30 ? 98  GLN D N   1 
ATOM   1013 C  CA  . GLN D 1 4  ? 9.291   23.907  -9.434  1.00 38.88 ? 98  GLN D CA  1 
ATOM   1014 C  C   . GLN D 1 4  ? 8.031   23.135  -9.795  1.00 38.92 ? 98  GLN D C   1 
ATOM   1015 O  O   . GLN D 1 4  ? 7.871   21.979  -9.382  1.00 38.72 ? 98  GLN D O   1 
ATOM   1016 C  CB  . GLN D 1 4  ? 9.121   24.665  -8.140  1.00 38.64 ? 98  GLN D CB  1 
ATOM   1017 N  N   . MET D 1 5  ? 7.152   23.761  -10.584 1.00 38.84 ? 99  MET D N   1 
ATOM   1018 C  CA  . MET D 1 5  ? 5.942   23.081  -11.058 1.00 38.83 ? 99  MET D CA  1 
ATOM   1019 C  C   . MET D 1 5  ? 6.332   21.844  -11.853 1.00 38.62 ? 99  MET D C   1 
ATOM   1020 O  O   . MET D 1 5  ? 5.685   20.803  -11.758 1.00 38.71 ? 99  MET D O   1 
ATOM   1021 C  CB  . MET D 1 5  ? 5.065   23.991  -11.912 1.00 38.49 ? 99  MET D CB  1 
ATOM   1022 C  CG  . MET D 1 5  ? 3.986   23.220  -12.646 1.00 38.51 ? 99  MET D CG  1 
ATOM   1023 S  SD  . MET D 1 5  ? 2.671   24.205  -13.378 1.00 39.82 ? 99  MET D SD  1 
ATOM   1024 C  CE  . MET D 1 5  ? 3.539   25.009  -14.738 1.00 39.88 ? 99  MET D CE  1 
ATOM   1025 N  N   . ASP D 1 6  ? 7.402   21.982  -12.628 1.00 38.39 ? 100 ASP D N   1 
ATOM   1026 C  CA  . ASP D 1 6  ? 8.017   20.871  -13.347 1.00 38.05 ? 100 ASP D CA  1 
ATOM   1027 C  C   . ASP D 1 6  ? 8.485   19.747  -12.392 1.00 37.53 ? 100 ASP D C   1 
ATOM   1028 O  O   . ASP D 1 6  ? 8.201   18.572  -12.628 1.00 37.25 ? 100 ASP D O   1 
ATOM   1029 C  CB  . ASP D 1 6  ? 9.188   21.402  -14.187 1.00 38.20 ? 100 ASP D CB  1 
ATOM   1030 C  CG  . ASP D 1 6  ? 9.398   20.624  -15.478 1.00 38.64 ? 100 ASP D CG  1 
ATOM   1031 O  OD1 . ASP D 1 6  ? 8.939   19.461  -15.567 1.00 39.15 ? 100 ASP D OD1 1 
ATOM   1032 O  OD2 . ASP D 1 6  ? 10.036  21.183  -16.404 1.00 38.91 ? 100 ASP D OD2 1 
ATOM   1033 N  N   . ARG D 1 7  ? 9.190   20.110  -11.320 1.00 36.97 ? 101 ARG D N   1 
ATOM   1034 C  CA  . ARG D 1 7  ? 9.602   19.126  -10.329 1.00 36.67 ? 101 ARG D CA  1 
ATOM   1035 C  C   . ARG D 1 7  ? 8.343   18.399  -9.870  1.00 36.35 ? 101 ARG D C   1 
ATOM   1036 O  O   . ARG D 1 7  ? 8.170   17.218  -10.157 1.00 36.22 ? 101 ARG D O   1 
ATOM   1037 C  CB  . ARG D 1 7  ? 10.354  19.782  -9.144  1.00 36.52 ? 101 ARG D CB  1 
ATOM   1038 N  N   . VAL D 1 8  ? 7.446   19.131  -9.217  1.00 36.01 ? 102 VAL D N   1 
ATOM   1039 C  CA  . VAL D 1 8  ? 6.164   18.598  -8.754  1.00 35.82 ? 102 VAL D CA  1 
ATOM   1040 C  C   . VAL D 1 8  ? 5.646   17.428  -9.617  1.00 35.69 ? 102 VAL D C   1 
ATOM   1041 O  O   . VAL D 1 8  ? 5.325   16.347  -9.109  1.00 35.46 ? 102 VAL D O   1 
ATOM   1042 C  CB  . VAL D 1 8  ? 5.083   19.731  -8.642  1.00 35.91 ? 102 VAL D CB  1 
ATOM   1043 C  CG1 . VAL D 1 8  ? 3.672   19.162  -8.393  1.00 35.76 ? 102 VAL D CG1 1 
ATOM   1044 C  CG2 . VAL D 1 8  ? 5.443   20.728  -7.545  1.00 35.83 ? 102 VAL D CG2 1 
ATOM   1045 N  N   . VAL D 1 9  ? 5.581   17.632  -10.924 1.00 35.53 ? 103 VAL D N   1 
ATOM   1046 C  CA  . VAL D 1 9  ? 4.948   16.635  -11.771 1.00 35.55 ? 103 VAL D CA  1 
ATOM   1047 C  C   . VAL D 1 9  ? 5.818   15.406  -11.866 1.00 35.23 ? 103 VAL D C   1 
ATOM   1048 O  O   . VAL D 1 9  ? 5.306   14.290  -11.900 1.00 35.81 ? 103 VAL D O   1 
ATOM   1049 C  CB  . VAL D 1 9  ? 4.654   17.134  -13.193 1.00 35.71 ? 103 VAL D CB  1 
ATOM   1050 C  CG1 . VAL D 1 9  ? 3.568   16.268  -13.815 1.00 36.13 ? 103 VAL D CG1 1 
ATOM   1051 C  CG2 . VAL D 1 9  ? 4.225   18.606  -13.192 1.00 35.89 ? 103 VAL D CG2 1 
ATOM   1052 N  N   . LYS D 1 10 ? 7.128   15.622  -11.911 1.00 34.58 ? 104 LYS D N   1 
ATOM   1053 C  CA  . LYS D 1 10 ? 8.086   14.532  -11.952 1.00 34.03 ? 104 LYS D CA  1 
ATOM   1054 C  C   . LYS D 1 10 ? 7.827   13.586  -10.786 1.00 33.79 ? 104 LYS D C   1 
ATOM   1055 O  O   . LYS D 1 10 ? 7.326   12.478  -10.971 1.00 33.33 ? 104 LYS D O   1 
ATOM   1056 C  CB  . LYS D 1 10 ? 9.509   15.077  -11.894 1.00 33.95 ? 104 LYS D CB  1 
ATOM   1057 N  N   . GLU D 1 11 ? 8.126   14.047  -9.577  1.00 33.75 ? 105 GLU D N   1 
ATOM   1058 C  CA  . GLU D 1 11 ? 8.055   13.180  -8.425  1.00 33.86 ? 105 GLU D CA  1 
ATOM   1059 C  C   . GLU D 1 11 ? 6.640   12.621  -8.253  1.00 34.06 ? 105 GLU D C   1 
ATOM   1060 O  O   . GLU D 1 11 ? 6.458   11.590  -7.608  1.00 34.33 ? 105 GLU D O   1 
ATOM   1061 C  CB  . GLU D 1 11 ? 8.572   13.878  -7.165  1.00 33.59 ? 105 GLU D CB  1 
ATOM   1062 N  N   . MET D 1 12 ? 5.649   13.257  -8.877  1.00 34.04 ? 106 MET D N   1 
ATOM   1063 C  CA  . MET D 1 12 ? 4.309   12.681  -8.874  1.00 34.27 ? 106 MET D CA  1 
ATOM   1064 C  C   . MET D 1 12 ? 4.190   11.452  -9.731  1.00 33.89 ? 106 MET D C   1 
ATOM   1065 O  O   . MET D 1 12 ? 3.659   10.450  -9.288  1.00 34.28 ? 106 MET D O   1 
ATOM   1066 C  CB  . MET D 1 12 ? 3.240   13.688  -9.219  1.00 33.66 ? 106 MET D CB  1 
ATOM   1067 C  CG  . MET D 1 12 ? 2.633   14.164  -7.950  1.00 34.80 ? 106 MET D CG  1 
ATOM   1068 S  SD  . MET D 1 12 ? 1.393   15.438  -8.108  1.00 36.08 ? 106 MET D SD  1 
ATOM   1069 C  CE  . MET D 1 12 ? 0.198   14.563  -9.130  1.00 37.31 ? 106 MET D CE  1 
ATOM   1070 N  N   . ARG D 1 13 ? 4.703   11.516  -10.950 1.00 33.59 ? 107 ARG D N   1 
ATOM   1071 C  CA  . ARG D 1 13 ? 4.673   10.353  -11.827 1.00 33.32 ? 107 ARG D CA  1 
ATOM   1072 C  C   . ARG D 1 13 ? 5.697   9.305   -11.367 1.00 33.17 ? 107 ARG D C   1 
ATOM   1073 O  O   . ARG D 1 13 ? 5.642   8.140   -11.763 1.00 33.37 ? 107 ARG D O   1 
ATOM   1074 C  CB  . ARG D 1 13 ? 4.896   10.762  -13.282 1.00 33.19 ? 107 ARG D CB  1 
ATOM   1075 N  N   . ARG D 1 14 ? 6.621   9.735   -10.513 1.00 32.88 ? 108 ARG D N   1 
ATOM   1076 C  CA  . ARG D 1 14 ? 7.602   8.856   -9.884  1.00 32.00 ? 108 ARG D CA  1 
ATOM   1077 C  C   . ARG D 1 14 ? 6.839   7.931   -8.950  1.00 31.24 ? 108 ARG D C   1 
ATOM   1078 O  O   . ARG D 1 14 ? 7.034   6.713   -8.962  1.00 31.02 ? 108 ARG D O   1 
ATOM   1079 C  CB  . ARG D 1 14 ? 8.620   9.711   -9.117  1.00 32.09 ? 108 ARG D CB  1 
ATOM   1080 C  CG  . ARG D 1 14 ? 9.640   8.949   -8.316  1.00 33.72 ? 108 ARG D CG  1 
ATOM   1081 C  CD  . ARG D 1 14 ? 11.047  9.539   -8.451  1.00 36.03 ? 108 ARG D CD  1 
ATOM   1082 N  NE  . ARG D 1 14 ? 11.424  10.467  -7.380  1.00 37.40 ? 108 ARG D NE  1 
ATOM   1083 C  CZ  . ARG D 1 14 ? 11.987  10.109  -6.223  1.00 38.67 ? 108 ARG D CZ  1 
ATOM   1084 N  NH1 . ARG D 1 14 ? 12.232  8.825   -5.940  1.00 39.76 ? 108 ARG D NH1 1 
ATOM   1085 N  NH2 . ARG D 1 14 ? 12.300  11.043  -5.335  1.00 38.78 ? 108 ARG D NH2 1 
ATOM   1086 N  N   . GLN D 1 15 ? 5.939   8.536   -8.177  1.00 30.28 ? 109 GLN D N   1 
ATOM   1087 C  CA  . GLN D 1 15 ? 5.082   7.837   -7.241  1.00 29.21 ? 109 GLN D CA  1 
ATOM   1088 C  C   . GLN D 1 15 ? 4.108   6.870   -7.913  1.00 28.70 ? 109 GLN D C   1 
ATOM   1089 O  O   . GLN D 1 15 ? 3.675   5.893   -7.313  1.00 28.91 ? 109 GLN D O   1 
ATOM   1090 C  CB  . GLN D 1 15 ? 4.294   8.853   -6.443  1.00 29.17 ? 109 GLN D CB  1 
ATOM   1091 C  CG  . GLN D 1 15 ? 5.123   9.601   -5.447  1.00 28.93 ? 109 GLN D CG  1 
ATOM   1092 C  CD  . GLN D 1 15 ? 4.278   10.501  -4.573  1.00 30.40 ? 109 GLN D CD  1 
ATOM   1093 O  OE1 . GLN D 1 15 ? 3.048   10.362  -4.515  1.00 30.54 ? 109 GLN D OE1 1 
ATOM   1094 N  NE2 . GLN D 1 15 ? 4.930   11.443  -3.889  1.00 31.13 ? 109 GLN D NE2 1 
ATOM   1095 N  N   . LEU D 1 16 ? 3.741   7.140   -9.155  1.00 28.15 ? 110 LEU D N   1 
ATOM   1096 C  CA  . LEU D 1 16 ? 2.878   6.201   -9.868  1.00 27.74 ? 110 LEU D CA  1 
ATOM   1097 C  C   . LEU D 1 16 ? 3.619   4.990   -10.411 1.00 27.17 ? 110 LEU D C   1 
ATOM   1098 O  O   . LEU D 1 16 ? 3.027   3.939   -10.538 1.00 27.33 ? 110 LEU D O   1 
ATOM   1099 C  CB  . LEU D 1 16 ? 2.056   6.877   -10.967 1.00 27.90 ? 110 LEU D CB  1 
ATOM   1100 C  CG  . LEU D 1 16 ? 0.957   7.808   -10.439 1.00 29.11 ? 110 LEU D CG  1 
ATOM   1101 C  CD1 . LEU D 1 16 ? 0.076   8.382   -11.564 1.00 31.09 ? 110 LEU D CD1 1 
ATOM   1102 C  CD2 . LEU D 1 16 ? 0.108   7.087   -9.409  1.00 30.15 ? 110 LEU D CD2 1 
ATOM   1103 N  N   . GLU D 1 17 ? 4.903   5.115   -10.729 1.00 26.27 ? 111 GLU D N   1 
ATOM   1104 C  CA  . GLU D 1 17 ? 5.658   3.921   -11.041 1.00 25.34 ? 111 GLU D CA  1 
ATOM   1105 C  C   . GLU D 1 17 ? 5.709   3.108   -9.741  1.00 24.66 ? 111 GLU D C   1 
ATOM   1106 O  O   . GLU D 1 17 ? 5.526   1.881   -9.776  1.00 25.43 ? 111 GLU D O   1 
ATOM   1107 C  CB  . GLU D 1 17 ? 7.058   4.217   -11.604 1.00 25.39 ? 111 GLU D CB  1 
ATOM   1108 C  CG  . GLU D 1 17 ? 7.156   5.393   -12.654 1.00 26.83 ? 111 GLU D CG  1 
ATOM   1109 C  CD  . GLU D 1 17 ? 6.695   5.063   -14.098 1.00 27.10 ? 111 GLU D CD  1 
ATOM   1110 O  OE1 . GLU D 1 17 ? 6.295   3.908   -14.364 1.00 28.75 ? 111 GLU D OE1 1 
ATOM   1111 O  OE2 . GLU D 1 17 ? 6.737   5.969   -14.972 1.00 25.73 ? 111 GLU D OE2 1 
ATOM   1112 N  N   . MET D 1 18 ? 5.888   3.791   -8.603  1.00 22.70 ? 112 MET D N   1 
ATOM   1113 C  CA  . MET D 1 18 ? 5.959   3.133   -7.287  1.00 21.44 ? 112 MET D CA  1 
ATOM   1114 C  C   . MET D 1 18 ? 4.740   2.329   -6.853  1.00 20.67 ? 112 MET D C   1 
ATOM   1115 O  O   . MET D 1 18 ? 4.856   1.115   -6.669  1.00 20.35 ? 112 MET D O   1 
ATOM   1116 C  CB  . MET D 1 18 ? 6.265   4.138   -6.192  1.00 21.60 ? 112 MET D CB  1 
ATOM   1117 C  CG  . MET D 1 18 ? 7.535   3.868   -5.449  1.00 21.51 ? 112 MET D CG  1 
ATOM   1118 S  SD  . MET D 1 18 ? 8.369   5.398   -4.990  1.00 21.72 ? 112 MET D SD  1 
ATOM   1119 C  CE  . MET D 1 18 ? 8.949   5.941   -6.594  1.00 21.03 ? 112 MET D CE  1 
ATOM   1120 N  N   . ILE D 1 19 ? 3.603   3.020   -6.645  1.00 19.73 ? 113 ILE D N   1 
ATOM   1121 C  CA  . ILE D 1 19 ? 2.312   2.411   -6.306  1.00 18.42 ? 113 ILE D CA  1 
ATOM   1122 C  C   . ILE D 1 19 ? 1.900   1.335   -7.315  1.00 17.67 ? 113 ILE D C   1 
ATOM   1123 O  O   . ILE D 1 19 ? 1.213   0.365   -6.973  1.00 16.60 ? 113 ILE D O   1 
ATOM   1124 C  CB  . ILE D 1 19 ? 1.194   3.456   -6.297  1.00 18.64 ? 113 ILE D CB  1 
ATOM   1125 C  CG1 . ILE D 1 19 ? 1.683   4.739   -5.658  1.00 18.61 ? 113 ILE D CG1 1 
ATOM   1126 C  CG2 . ILE D 1 19 ? -0.010  2.912   -5.567  1.00 18.49 ? 113 ILE D CG2 1 
ATOM   1127 C  CD1 . ILE D 1 19 ? 0.601   5.583   -5.070  1.00 20.03 ? 113 ILE D CD1 1 
ATOM   1128 N  N   . ASP D 1 20 ? 2.317   1.514   -8.566  1.00 17.18 ? 114 ASP D N   1 
ATOM   1129 C  CA  . ASP D 1 20 ? 2.183   0.440   -9.550  1.00 17.14 ? 114 ASP D CA  1 
ATOM   1130 C  C   . ASP D 1 20 ? 3.031   -0.781  -9.249  1.00 16.28 ? 114 ASP D C   1 
ATOM   1131 O  O   . ASP D 1 20 ? 2.556   -1.881  -9.432  1.00 15.91 ? 114 ASP D O   1 
ATOM   1132 C  CB  . ASP D 1 20 ? 2.464   0.879   -10.972 1.00 17.44 ? 114 ASP D CB  1 
ATOM   1133 C  CG  . ASP D 1 20 ? 1.863   -0.075  -11.985 1.00 19.86 ? 114 ASP D CG  1 
ATOM   1134 O  OD1 . ASP D 1 20 ? 2.655   -0.751  -12.687 1.00 24.50 ? 114 ASP D OD1 1 
ATOM   1135 O  OD2 . ASP D 1 20 ? 0.608   -0.186  -12.063 1.00 21.20 ? 114 ASP D OD2 1 
ATOM   1136 N  N   . LYS D 1 21 ? 4.273   -0.610  -8.806  1.00 15.85 ? 115 LYS D N   1 
ATOM   1137 C  CA  . LYS D 1 21 ? 5.083   -1.778  -8.424  1.00 15.74 ? 115 LYS D CA  1 
ATOM   1138 C  C   . LYS D 1 21 ? 4.452   -2.427  -7.194  1.00 14.40 ? 115 LYS D C   1 
ATOM   1139 O  O   . LYS D 1 21 ? 4.509   -3.647  -6.991  1.00 13.48 ? 115 LYS D O   1 
ATOM   1140 C  CB  . LYS D 1 21 ? 6.544   -1.393  -8.119  1.00 16.14 ? 115 LYS D CB  1 
ATOM   1141 C  CG  . LYS D 1 21 ? 7.556   -1.683  -9.246  1.00 16.95 ? 115 LYS D CG  1 
ATOM   1142 C  CD  . LYS D 1 21 ? 9.054   -1.345  -8.860  1.00 17.26 ? 115 LYS D CD  1 
ATOM   1143 C  CE  . LYS D 1 21 ? 9.322   0.168   -8.637  1.00 20.40 ? 115 LYS D CE  1 
ATOM   1144 N  NZ  . LYS D 1 21 ? 8.598   0.738   -7.416  1.00 20.76 ? 115 LYS D NZ  1 
ATOM   1145 N  N   . LEU D 1 22 ? 3.824   -1.583  -6.401  1.00 13.09 ? 116 LEU D N   1 
ATOM   1146 C  CA  . LEU D 1 22 ? 3.250   -2.002  -5.164  1.00 12.72 ? 116 LEU D CA  1 
ATOM   1147 C  C   . LEU D 1 22 ? 1.989   -2.857  -5.400  1.00 13.31 ? 116 LEU D C   1 
ATOM   1148 O  O   . LEU D 1 22 ? 1.972   -4.010  -4.933  1.00 13.77 ? 116 LEU D O   1 
ATOM   1149 C  CB  . LEU D 1 22 ? 3.010   -0.773  -4.277  1.00 12.97 ? 116 LEU D CB  1 
ATOM   1150 C  CG  . LEU D 1 22 ? 2.441   -0.898  -2.890  1.00 11.56 ? 116 LEU D CG  1 
ATOM   1151 C  CD1 . LEU D 1 22 ? 3.192   -2.012  -2.283  1.00 15.01 ? 116 LEU D CD1 1 
ATOM   1152 C  CD2 . LEU D 1 22 ? 2.630   0.362   -2.089  1.00 12.52 ? 116 LEU D CD2 1 
ATOM   1153 N  N   . THR D 1 23 ? 0.964   -2.344  -6.121  1.00 12.98 ? 117 THR D N   1 
ATOM   1154 C  CA  . THR D 1 23 ? -0.225  -3.163  -6.431  1.00 12.50 ? 117 THR D CA  1 
ATOM   1155 C  C   . THR D 1 23 ? 0.248   -4.521  -6.921  1.00 11.88 ? 117 THR D C   1 
ATOM   1156 O  O   . THR D 1 23 ? -0.230  -5.556  -6.444  1.00 12.24 ? 117 THR D O   1 
ATOM   1157 C  CB  . THR D 1 23 ? -1.092  -2.657  -7.624  1.00 13.29 ? 117 THR D CB  1 
ATOM   1158 O  OG1 . THR D 1 23 ? -1.573  -1.313  -7.435  1.00 14.42 ? 117 THR D OG1 1 
ATOM   1159 C  CG2 . THR D 1 23 ? -2.286  -3.606  -7.845  1.00 13.43 ? 117 THR D CG2 1 
ATOM   1160 N  N   . THR D 1 24 ? 1.186   -4.512  -7.873  1.00 10.47 ? 118 THR D N   1 
ATOM   1161 C  CA  . THR D 1 24 ? 1.677   -5.740  -8.506  1.00 10.52 ? 118 THR D CA  1 
ATOM   1162 C  C   . THR D 1 24 ? 2.221   -6.581  -7.385  1.00 11.13 ? 118 THR D C   1 
ATOM   1163 O  O   . THR D 1 24 ? 2.391   -7.774  -7.513  1.00 10.81 ? 118 THR D O   1 
ATOM   1164 C  CB  . THR D 1 24 ? 2.759   -5.457  -9.643  1.00 10.80 ? 118 THR D CB  1 
ATOM   1165 O  OG1 . THR D 1 24 ? 2.117   -4.985  -10.853 1.00 9.62  ? 118 THR D OG1 1 
ATOM   1166 C  CG2 . THR D 1 24 ? 3.699   -6.672  -9.948  1.00 9.18  ? 118 THR D CG2 1 
ATOM   1167 N  N   . ARG D 1 25 ? 2.467   -5.961  -6.246  1.00 12.43 ? 119 ARG D N   1 
ATOM   1168 C  CA  . ARG D 1 25 ? 3.029   -6.735  -5.152  1.00 13.49 ? 119 ARG D CA  1 
ATOM   1169 C  C   . ARG D 1 25 ? 2.037   -7.180  -4.157  1.00 12.80 ? 119 ARG D C   1 
ATOM   1170 O  O   . ARG D 1 25 ? 2.151   -8.281  -3.634  1.00 12.63 ? 119 ARG D O   1 
ATOM   1171 C  CB  . ARG D 1 25 ? 4.213   -6.039  -4.501  1.00 14.31 ? 119 ARG D CB  1 
ATOM   1172 C  CG  . ARG D 1 25 ? 5.509   -6.386  -5.267  1.00 16.71 ? 119 ARG D CG  1 
ATOM   1173 C  CD  . ARG D 1 25 ? 6.571   -5.311  -5.112  1.00 21.00 ? 119 ARG D CD  1 
ATOM   1174 N  NE  . ARG D 1 25 ? 7.822   -5.647  -5.778  1.00 20.98 ? 119 ARG D NE  1 
ATOM   1175 C  CZ  . ARG D 1 25 ? 8.978   -5.256  -5.292  1.00 22.71 ? 119 ARG D CZ  1 
ATOM   1176 N  NH1 . ARG D 1 25 ? 8.976   -4.566  -4.160  1.00 23.30 ? 119 ARG D NH1 1 
ATOM   1177 N  NH2 . ARG D 1 25 ? 10.114  -5.569  -5.903  1.00 25.64 ? 119 ARG D NH2 1 
ATOM   1178 N  N   . GLU D 1 26 ? 1.025   -6.379  -3.924  1.00 12.66 ? 120 GLU D N   1 
ATOM   1179 C  CA  . GLU D 1 26 ? 0.016   -6.912  -3.064  1.00 13.49 ? 120 GLU D CA  1 
ATOM   1180 C  C   . GLU D 1 26 ? -0.860  -7.886  -3.859  1.00 12.73 ? 120 GLU D C   1 
ATOM   1181 O  O   . GLU D 1 26 ? -1.599  -8.648  -3.269  1.00 12.43 ? 120 GLU D O   1 
ATOM   1182 C  CB  . GLU D 1 26 ? -0.724  -5.832  -2.294  1.00 13.79 ? 120 GLU D CB  1 
ATOM   1183 C  CG  . GLU D 1 26 ? 0.292   -4.969  -1.484  1.00 19.45 ? 120 GLU D CG  1 
ATOM   1184 C  CD  . GLU D 1 26 ? -0.128  -4.650  -0.029  1.00 28.19 ? 120 GLU D CD  1 
ATOM   1185 O  OE1 . GLU D 1 26 ? -1.375  -4.492  0.209   1.00 31.28 ? 120 GLU D OE1 1 
ATOM   1186 O  OE2 . GLU D 1 26 ? 0.791   -4.557  0.875   1.00 28.62 ? 120 GLU D OE2 1 
ATOM   1187 N  N   . ILE D 1 27 ? -0.742  -7.938  -5.190  1.00 11.61 ? 121 ILE D N   1 
ATOM   1188 C  CA  . ILE D 1 27 ? -1.587  -8.913  -5.858  1.00 11.25 ? 121 ILE D CA  1 
ATOM   1189 C  C   . ILE D 1 27 ? -1.008  -10.250 -5.516  1.00 11.76 ? 121 ILE D C   1 
ATOM   1190 O  O   . ILE D 1 27 ? -1.709  -11.133 -5.024  1.00 11.67 ? 121 ILE D O   1 
ATOM   1191 C  CB  . ILE D 1 27 ? -1.703  -8.757  -7.385  1.00 11.36 ? 121 ILE D CB  1 
ATOM   1192 C  CG1 . ILE D 1 27 ? -2.374  -7.422  -7.754  1.00 10.40 ? 121 ILE D CG1 1 
ATOM   1193 C  CG2 . ILE D 1 27 ? -2.518  -9.896  -7.929  1.00 9.31  ? 121 ILE D CG2 1 
ATOM   1194 C  CD1 . ILE D 1 27 ? -3.370  -7.503  -8.894  1.00 9.51  ? 121 ILE D CD1 1 
ATOM   1195 N  N   . GLU D 1 28 ? 0.302   -10.347 -5.744  1.00 12.42 ? 122 GLU D N   1 
ATOM   1196 C  CA  . GLU D 1 28 ? 1.129   -11.498 -5.427  1.00 12.91 ? 122 GLU D CA  1 
ATOM   1197 C  C   . GLU D 1 28 ? 1.099   -11.990 -3.986  1.00 13.14 ? 122 GLU D C   1 
ATOM   1198 O  O   . GLU D 1 28 ? 1.321   -13.218 -3.762  1.00 13.99 ? 122 GLU D O   1 
ATOM   1199 C  CB  . GLU D 1 28 ? 2.531   -11.217 -5.859  1.00 13.15 ? 122 GLU D CB  1 
ATOM   1200 C  CG  . GLU D 1 28 ? 2.599   -11.186 -7.382  1.00 17.96 ? 122 GLU D CG  1 
ATOM   1201 C  CD  . GLU D 1 28 ? 3.862   -10.544 -7.925  1.00 22.95 ? 122 GLU D CD  1 
ATOM   1202 O  OE1 . GLU D 1 28 ? 4.546   -9.814  -7.153  1.00 25.87 ? 122 GLU D OE1 1 
ATOM   1203 O  OE2 . GLU D 1 28 ? 4.163   -10.775 -9.129  1.00 25.39 ? 122 GLU D OE2 1 
ATOM   1204 N  N   . GLN D 1 29 ? 0.812   -11.094 -3.023  1.00 11.55 ? 123 GLN D N   1 
ATOM   1205 C  CA  . GLN D 1 29 ? 0.384   -11.564 -1.686  1.00 10.69 ? 123 GLN D CA  1 
ATOM   1206 C  C   . GLN D 1 29 ? -0.926  -12.276 -1.733  1.00 10.22 ? 123 GLN D C   1 
ATOM   1207 O  O   . GLN D 1 29 ? -1.085  -13.288 -1.086  1.00 10.99 ? 123 GLN D O   1 
ATOM   1208 C  CB  . GLN D 1 29 ? 0.335   -10.471 -0.627  1.00 9.72  ? 123 GLN D CB  1 
ATOM   1209 C  CG  . GLN D 1 29 ? 1.701   -10.312 -0.066  1.00 9.96  ? 123 GLN D CG  1 
ATOM   1210 C  CD  . GLN D 1 29 ? 1.954   -8.981  0.548   1.00 11.46 ? 123 GLN D CD  1 
ATOM   1211 O  OE1 . GLN D 1 29 ? 1.189   -8.515  1.409   1.00 14.54 ? 123 GLN D OE1 1 
ATOM   1212 N  NE2 . GLN D 1 29 ? 3.060   -8.353  0.152   1.00 11.61 ? 123 GLN D NE2 1 
ATOM   1213 N  N   . VAL D 1 30 ? -1.859  -11.775 -2.520  1.00 10.06 ? 124 VAL D N   1 
ATOM   1214 C  CA  . VAL D 1 30 ? -3.255  -12.209 -2.361  1.00 11.14 ? 124 VAL D CA  1 
ATOM   1215 C  C   . VAL D 1 30 ? -3.411  -13.629 -2.889  1.00 11.21 ? 124 VAL D C   1 
ATOM   1216 O  O   . VAL D 1 30 ? -4.333  -14.375 -2.501  1.00 11.75 ? 124 VAL D O   1 
ATOM   1217 C  CB  . VAL D 1 30 ? -4.251  -11.250 -3.101  1.00 11.08 ? 124 VAL D CB  1 
ATOM   1218 C  CG1 . VAL D 1 30 ? -5.457  -11.984 -3.583  1.00 8.74  ? 124 VAL D CG1 1 
ATOM   1219 C  CG2 . VAL D 1 30 ? -4.664  -10.112 -2.164  1.00 12.16 ? 124 VAL D CG2 1 
ATOM   1220 N  N   . GLU D 1 31 ? -2.505  -13.958 -3.801  1.00 10.18 ? 125 GLU D N   1 
ATOM   1221 C  CA  . GLU D 1 31 ? -2.545  -15.216 -4.491  1.00 9.62  ? 125 GLU D CA  1 
ATOM   1222 C  C   . GLU D 1 31 ? -1.964  -16.234 -3.536  1.00 9.74  ? 125 GLU D C   1 
ATOM   1223 O  O   . GLU D 1 31 ? -2.328  -17.414 -3.580  1.00 9.55  ? 125 GLU D O   1 
ATOM   1224 C  CB  . GLU D 1 31 ? -1.708  -15.154 -5.760  1.00 9.69  ? 125 GLU D CB  1 
ATOM   1225 C  CG  . GLU D 1 31 ? -2.209  -14.189 -6.864  1.00 9.19  ? 125 GLU D CG  1 
ATOM   1226 C  CD  . GLU D 1 31 ? -1.344  -14.264 -8.126  1.00 9.30  ? 125 GLU D CD  1 
ATOM   1227 O  OE1 . GLU D 1 31 ? -0.502  -15.170 -8.233  1.00 8.87  ? 125 GLU D OE1 1 
ATOM   1228 O  OE2 . GLU D 1 31 ? -1.493  -13.424 -9.026  1.00 10.34 ? 125 GLU D OE2 1 
ATOM   1229 N  N   . LEU D 1 32 ? -1.071  -15.773 -2.650  1.00 8.61  ? 126 LEU D N   1 
ATOM   1230 C  CA  . LEU D 1 32 ? -0.429  -16.672 -1.737  1.00 6.40  ? 126 LEU D CA  1 
ATOM   1231 C  C   . LEU D 1 32 ? -1.371  -16.911 -0.561  1.00 4.90  ? 126 LEU D C   1 
ATOM   1232 O  O   . LEU D 1 32 ? -1.409  -18.001 0.004   1.00 4.20  ? 126 LEU D O   1 
ATOM   1233 C  CB  . LEU D 1 32 ? 0.888   -16.086 -1.288  1.00 7.17  ? 126 LEU D CB  1 
ATOM   1234 C  CG  . LEU D 1 32 ? 2.153   -16.126 -2.144  1.00 7.82  ? 126 LEU D CG  1 
ATOM   1235 C  CD1 . LEU D 1 32 ? 3.163   -15.073 -1.633  1.00 8.76  ? 126 LEU D CD1 1 
ATOM   1236 C  CD2 . LEU D 1 32 ? 2.781   -17.562 -2.123  1.00 6.93  ? 126 LEU D CD2 1 
ATOM   1237 N  N   . LEU D 1 33 ? -2.172  -15.918 -0.215  1.00 3.46  ? 127 LEU D N   1 
ATOM   1238 C  CA  . LEU D 1 33 ? -3.148  -16.126 0.885   1.00 2.88  ? 127 LEU D CA  1 
ATOM   1239 C  C   . LEU D 1 33 ? -4.268  -17.046 0.458   1.00 2.84  ? 127 LEU D C   1 
ATOM   1240 O  O   . LEU D 1 33 ? -4.595  -17.960 1.180   1.00 3.20  ? 127 LEU D O   1 
ATOM   1241 C  CB  . LEU D 1 33 ? -3.750  -14.824 1.358   1.00 2.43  ? 127 LEU D CB  1 
ATOM   1242 C  CG  . LEU D 1 33 ? -2.774  -14.202 2.310   1.00 2.00  ? 127 LEU D CG  1 
ATOM   1243 C  CD1 . LEU D 1 33 ? -2.944  -12.726 2.245   1.00 2.00  ? 127 LEU D CD1 1 
ATOM   1244 C  CD2 . LEU D 1 33 ? -3.150  -14.710 3.621   1.00 2.00  ? 127 LEU D CD2 1 
ATOM   1245 N  N   . LYS D 1 34 ? -4.838  -16.819 -0.720  1.00 2.25  ? 128 LYS D N   1 
ATOM   1246 C  CA  . LYS D 1 34 ? -5.777  -17.772 -1.274  1.00 2.85  ? 128 LYS D CA  1 
ATOM   1247 C  C   . LYS D 1 34 ? -5.235  -19.227 -1.233  1.00 3.81  ? 128 LYS D C   1 
ATOM   1248 O  O   . LYS D 1 34 ? -5.787  -20.107 -0.559  1.00 3.53  ? 128 LYS D O   1 
ATOM   1249 C  CB  . LYS D 1 34 ? -6.153  -17.373 -2.710  1.00 2.50  ? 128 LYS D CB  1 
ATOM   1250 C  CG  . LYS D 1 34 ? -7.016  -16.121 -2.834  1.00 2.00  ? 128 LYS D CG  1 
ATOM   1251 C  CD  . LYS D 1 34 ? -7.445  -15.912 -4.296  1.00 2.00  ? 128 LYS D CD  1 
ATOM   1252 C  CE  . LYS D 1 34 ? -8.718  -15.139 -4.423  1.00 2.00  ? 128 LYS D CE  1 
ATOM   1253 N  NZ  . LYS D 1 34 ? -8.805  -14.497 -5.772  1.00 2.00  ? 128 LYS D NZ  1 
ATOM   1254 N  N   . ARG D 1 35 ? -4.130  -19.437 -1.955  1.00 4.91  ? 129 ARG D N   1 
ATOM   1255 C  CA  . ARG D 1 35 ? -3.443  -20.709 -2.083  1.00 5.33  ? 129 ARG D CA  1 
ATOM   1256 C  C   . ARG D 1 35 ? -3.098  -21.290 -0.721  1.00 5.74  ? 129 ARG D C   1 
ATOM   1257 O  O   . ARG D 1 35 ? -3.166  -22.522 -0.551  1.00 5.03  ? 129 ARG D O   1 
ATOM   1258 C  CB  . ARG D 1 35 ? -2.181  -20.513 -2.915  1.00 4.96  ? 129 ARG D CB  1 
ATOM   1259 C  CG  . ARG D 1 35 ? -1.476  -21.786 -3.270  1.00 10.79 ? 129 ARG D CG  1 
ATOM   1260 C  CD  . ARG D 1 35 ? -2.389  -22.834 -4.020  1.00 17.72 ? 129 ARG D CD  1 
ATOM   1261 N  NE  . ARG D 1 35 ? -2.321  -24.222 -3.509  1.00 21.11 ? 129 ARG D NE  1 
ATOM   1262 C  CZ  . ARG D 1 35 ? -3.367  -25.066 -3.492  1.00 24.31 ? 129 ARG D CZ  1 
ATOM   1263 N  NH1 . ARG D 1 35 ? -4.556  -24.662 -3.957  1.00 24.25 ? 129 ARG D NH1 1 
ATOM   1264 N  NH2 . ARG D 1 35 ? -3.244  -26.317 -3.015  1.00 24.93 ? 129 ARG D NH2 1 
ATOM   1265 N  N   . ILE D 1 36 ? -2.740  -20.414 0.247   1.00 6.46  ? 130 ILE D N   1 
ATOM   1266 C  CA  . ILE D 1 36 ? -2.477  -20.861 1.626   1.00 7.07  ? 130 ILE D CA  1 
ATOM   1267 C  C   . ILE D 1 36 ? -3.800  -21.220 2.268   1.00 7.69  ? 130 ILE D C   1 
ATOM   1268 O  O   . ILE D 1 36 ? -3.977  -22.303 2.783   1.00 7.66  ? 130 ILE D O   1 
ATOM   1269 C  CB  . ILE D 1 36 ? -1.721  -19.816 2.484   1.00 7.54  ? 130 ILE D CB  1 
ATOM   1270 C  CG1 . ILE D 1 36 ? -0.230  -19.837 2.203   1.00 5.00  ? 130 ILE D CG1 1 
ATOM   1271 C  CG2 . ILE D 1 36 ? -1.876  -20.064 3.985   1.00 6.93  ? 130 ILE D CG2 1 
ATOM   1272 C  CD1 . ILE D 1 36 ? 0.465   -18.569 2.717   1.00 2.00  ? 130 ILE D CD1 1 
ATOM   1273 N  N   . TYR D 1 37 ? -4.759  -20.336 2.190   1.00 9.19  ? 131 TYR D N   1 
ATOM   1274 C  CA  . TYR D 1 37 ? -6.036  -20.655 2.765   1.00 11.11 ? 131 TYR D CA  1 
ATOM   1275 C  C   . TYR D 1 37 ? -6.689  -21.883 2.159   1.00 12.56 ? 131 TYR D C   1 
ATOM   1276 O  O   . TYR D 1 37 ? -7.434  -22.563 2.872   1.00 12.62 ? 131 TYR D O   1 
ATOM   1277 C  CB  . TYR D 1 37 ? -6.976  -19.484 2.657   1.00 11.62 ? 131 TYR D CB  1 
ATOM   1278 C  CG  . TYR D 1 37 ? -8.350  -19.766 3.156   1.00 11.56 ? 131 TYR D CG  1 
ATOM   1279 C  CD1 . TYR D 1 37 ? -8.597  -19.911 4.514   1.00 10.78 ? 131 TYR D CD1 1 
ATOM   1280 C  CD2 . TYR D 1 37 ? -9.421  -19.867 2.258   1.00 12.67 ? 131 TYR D CD2 1 
ATOM   1281 C  CE1 . TYR D 1 37 ? -9.872  -20.152 4.989   1.00 13.06 ? 131 TYR D CE1 1 
ATOM   1282 C  CE2 . TYR D 1 37 ? -10.717 -20.101 2.707   1.00 13.16 ? 131 TYR D CE2 1 
ATOM   1283 C  CZ  . TYR D 1 37 ? -10.947 -20.248 4.083   1.00 13.86 ? 131 TYR D CZ  1 
ATOM   1284 O  OH  . TYR D 1 37 ? -12.247 -20.493 4.562   1.00 14.91 ? 131 TYR D OH  1 
ATOM   1285 N  N   . ASP D 1 38 ? -6.445  -22.174 0.873   1.00 14.06 ? 132 ASP D N   1 
ATOM   1286 C  CA  . ASP D 1 38 ? -7.041  -23.387 0.283   1.00 16.69 ? 132 ASP D CA  1 
ATOM   1287 C  C   . ASP D 1 38 ? -6.432  -24.642 0.886   1.00 17.70 ? 132 ASP D C   1 
ATOM   1288 O  O   . ASP D 1 38 ? -7.153  -25.597 1.230   1.00 18.15 ? 132 ASP D O   1 
ATOM   1289 C  CB  . ASP D 1 38 ? -6.848  -23.472 -1.220  1.00 17.48 ? 132 ASP D CB  1 
ATOM   1290 C  CG  . ASP D 1 38 ? -7.707  -22.474 -1.992  1.00 21.90 ? 132 ASP D CG  1 
ATOM   1291 O  OD1 . ASP D 1 38 ? -8.696  -21.933 -1.419  1.00 26.19 ? 132 ASP D OD1 1 
ATOM   1292 O  OD2 . ASP D 1 38 ? -7.383  -22.228 -3.187  1.00 25.59 ? 132 ASP D OD2 1 
ATOM   1293 N  N   . LYS D 1 39 ? -5.105  -24.628 1.020   1.00 17.92 ? 133 LYS D N   1 
ATOM   1294 C  CA  . LYS D 1 39 ? -4.388  -25.766 1.493   1.00 17.99 ? 133 LYS D CA  1 
ATOM   1295 C  C   . LYS D 1 39 ? -4.891  -26.222 2.862   1.00 18.37 ? 133 LYS D C   1 
ATOM   1296 O  O   . LYS D 1 39 ? -4.918  -27.427 3.141   1.00 18.87 ? 133 LYS D O   1 
ATOM   1297 C  CB  . LYS D 1 39 ? -2.898  -25.453 1.516   1.00 18.42 ? 133 LYS D CB  1 
ATOM   1298 C  CG  . LYS D 1 39 ? -2.291  -25.419 0.130   1.00 19.59 ? 133 LYS D CG  1 
ATOM   1299 C  CD  . LYS D 1 39 ? -0.839  -25.917 0.101   1.00 19.61 ? 133 LYS D CD  1 
ATOM   1300 C  CE  . LYS D 1 39 ? -0.539  -26.683 -1.197  1.00 19.99 ? 133 LYS D CE  1 
ATOM   1301 N  NZ  . LYS D 1 39 ? -1.538  -27.792 -1.500  1.00 21.02 ? 133 LYS D NZ  1 
ATOM   1302 N  N   . LEU D 1 40 ? -5.301  -25.300 3.728   1.00 18.47 ? 134 LEU D N   1 
ATOM   1303 C  CA  . LEU D 1 40 ? -5.778  -25.754 5.047   1.00 18.81 ? 134 LEU D CA  1 
ATOM   1304 C  C   . LEU D 1 40 ? -7.161  -26.321 4.874   1.00 19.49 ? 134 LEU D C   1 
ATOM   1305 O  O   . LEU D 1 40 ? -7.404  -27.432 5.309   1.00 20.18 ? 134 LEU D O   1 
ATOM   1306 C  CB  . LEU D 1 40 ? -5.864  -24.655 6.108   1.00 18.64 ? 134 LEU D CB  1 
ATOM   1307 C  CG  . LEU D 1 40 ? -4.962  -23.450 6.223   1.00 15.74 ? 134 LEU D CG  1 
ATOM   1308 C  CD1 . LEU D 1 40 ? -5.643  -22.517 7.168   1.00 13.95 ? 134 LEU D CD1 1 
ATOM   1309 C  CD2 . LEU D 1 40 ? -3.684  -23.935 6.753   1.00 15.62 ? 134 LEU D CD2 1 
ATOM   1310 N  N   . THR D 1 41 ? -8.053  -25.568 4.228   1.00 19.95 ? 135 THR D N   1 
ATOM   1311 C  CA  . THR D 1 41 ? -9.423  -26.032 3.977   1.00 20.74 ? 135 THR D CA  1 
ATOM   1312 C  C   . THR D 1 41 ? -9.486  -27.514 3.601   1.00 21.98 ? 135 THR D C   1 
ATOM   1313 O  O   . THR D 1 41 ? -10.574 -28.111 3.557   1.00 22.60 ? 135 THR D O   1 
ATOM   1314 C  CB  . THR D 1 41 ? -10.140 -25.202 2.887   1.00 20.35 ? 135 THR D CB  1 
ATOM   1315 O  OG1 . THR D 1 41 ? -11.039 -24.276 3.505   1.00 18.94 ? 135 THR D OG1 1 
ATOM   1316 C  CG2 . THR D 1 41 ? -10.947 -26.095 1.983   1.00 19.54 ? 135 THR D CG2 1 
ATOM   1317 N  N   . VAL D 1 42 ? -8.321  -28.100 3.341   1.00 22.72 ? 136 VAL D N   1 
ATOM   1318 C  CA  . VAL D 1 42 ? -8.237  -29.498 2.951   1.00 24.01 ? 136 VAL D CA  1 
ATOM   1319 C  C   . VAL D 1 42 ? -7.781  -30.402 4.124   1.00 24.37 ? 136 VAL D C   1 
ATOM   1320 O  O   . VAL D 1 42 ? -8.494  -31.367 4.487   1.00 24.79 ? 136 VAL D O   1 
ATOM   1321 C  CB  . VAL D 1 42 ? -7.429  -29.666 1.615   1.00 24.29 ? 136 VAL D CB  1 
ATOM   1322 C  CG1 . VAL D 1 42 ? -6.732  -31.048 1.519   1.00 24.87 ? 136 VAL D CG1 1 
ATOM   1323 C  CG2 . VAL D 1 42 ? -8.363  -29.386 0.391   1.00 23.85 ? 136 VAL D CG2 1 
ATOM   1324 N  N   . ARG D 1 43 ? -6.626  -30.093 4.719   1.00 24.06 ? 137 ARG D N   1 
ATOM   1325 C  CA  . ARG D 1 43 ? -6.252  -30.729 5.973   1.00 23.99 ? 137 ARG D CA  1 
ATOM   1326 C  C   . ARG D 1 43 ? -7.402  -30.558 6.970   1.00 23.75 ? 137 ARG D C   1 
ATOM   1327 O  O   . ARG D 1 43 ? -8.425  -31.246 6.875   1.00 23.63 ? 137 ARG D O   1 
ATOM   1328 C  CB  . ARG D 1 43 ? -4.935  -30.141 6.535   1.00 24.03 ? 137 ARG D CB  1 
HETATM 1329 CA CA  . CA  E 2 .  ? 0.022   -6.477  2.303   0.50 2.00  ? 501 CA  B CA  1 
HETATM 1330 O  O   . HOH F 3 .  ? 14.010  -18.152 12.166  1.00 41.58 ? 1   HOH A O   1 
HETATM 1331 O  O   . HOH F 3 .  ? 15.489  -7.632  12.617  1.00 30.36 ? 11  HOH A O   1 
HETATM 1332 O  O   . HOH G 3 .  ? 7.555   -28.260 15.869  1.00 39.19 ? 2   HOH B O   1 
HETATM 1333 O  O   . HOH G 3 .  ? -7.777  31.247  -10.841 1.00 34.81 ? 4   HOH B O   1 
HETATM 1334 O  O   . HOH G 3 .  ? -1.132  22.503  8.575   1.00 44.24 ? 5   HOH B O   1 
HETATM 1335 O  O   . HOH G 3 .  ? -5.115  15.817  8.436   1.00 39.93 ? 6   HOH B O   1 
HETATM 1336 O  O   . HOH G 3 .  ? 5.592   -30.212 15.957  1.00 46.19 ? 7   HOH B O   1 
HETATM 1337 O  O   . HOH G 3 .  ? -6.648  -3.412  17.430  1.00 32.44 ? 9   HOH B O   1 
HETATM 1338 O  O   . HOH H 3 .  ? -12.730 -12.040 -3.852  1.00 17.71 ? 8   HOH C O   1 
HETATM 1339 O  O   . HOH I 3 .  ? 13.983  12.562  -6.140  1.00 37.00 ? 3   HOH D O   1 
HETATM 1340 O  O   . HOH I 3 .  ? 2.740   -14.459 -6.182  1.00 29.98 ? 10  HOH D O   1 
# 
